data_6JHZ
# 
_entry.id   6JHZ 
# 
_audit_conform.dict_name       mmcif_pdbx.dic 
_audit_conform.dict_version    5.387 
_audit_conform.dict_location   http://mmcif.pdb.org/dictionaries/ascii/mmcif_pdbx.dic 
# 
loop_
_database_2.database_id 
_database_2.database_code 
_database_2.pdbx_database_accession 
_database_2.pdbx_DOI 
PDB   6JHZ         pdb_00006jhz 10.2210/pdb6jhz/pdb 
WWPDB D_1300011158 ?            ?                   
# 
loop_
_pdbx_audit_revision_history.ordinal 
_pdbx_audit_revision_history.data_content_type 
_pdbx_audit_revision_history.major_revision 
_pdbx_audit_revision_history.minor_revision 
_pdbx_audit_revision_history.revision_date 
1 'Structure model' 1 0 2020-03-25 
2 'Structure model' 1 1 2024-03-27 
# 
_pdbx_audit_revision_details.ordinal             1 
_pdbx_audit_revision_details.revision_ordinal    1 
_pdbx_audit_revision_details.data_content_type   'Structure model' 
_pdbx_audit_revision_details.provider            repository 
_pdbx_audit_revision_details.type                'Initial release' 
_pdbx_audit_revision_details.description         ? 
_pdbx_audit_revision_details.details             ? 
# 
loop_
_pdbx_audit_revision_group.ordinal 
_pdbx_audit_revision_group.revision_ordinal 
_pdbx_audit_revision_group.data_content_type 
_pdbx_audit_revision_group.group 
1 2 'Structure model' 'Data collection'     
2 2 'Structure model' 'Database references' 
# 
loop_
_pdbx_audit_revision_category.ordinal 
_pdbx_audit_revision_category.revision_ordinal 
_pdbx_audit_revision_category.data_content_type 
_pdbx_audit_revision_category.category 
1 2 'Structure model' chem_comp_atom 
2 2 'Structure model' chem_comp_bond 
3 2 'Structure model' database_2     
# 
loop_
_pdbx_audit_revision_item.ordinal 
_pdbx_audit_revision_item.revision_ordinal 
_pdbx_audit_revision_item.data_content_type 
_pdbx_audit_revision_item.item 
1 2 'Structure model' '_database_2.pdbx_DOI'                
2 2 'Structure model' '_database_2.pdbx_database_accession' 
# 
_pdbx_database_status.status_code                     REL 
_pdbx_database_status.status_code_sf                  REL 
_pdbx_database_status.status_code_mr                  ? 
_pdbx_database_status.entry_id                        6JHZ 
_pdbx_database_status.recvd_initial_deposition_date   2019-02-19 
_pdbx_database_status.SG_entry                        N 
_pdbx_database_status.deposit_site                    PDBJ 
_pdbx_database_status.process_site                    PDBJ 
_pdbx_database_status.status_code_cs                  ? 
_pdbx_database_status.methods_development_category    ? 
_pdbx_database_status.pdb_format_compatible           Y 
_pdbx_database_status.status_code_nmr_data            ? 
# 
loop_
_audit_author.name 
_audit_author.pdbx_ordinal 
_audit_author.identifier_ORCID 
'Bi, M.'     1 0000-0003-2234-0340 
'Mo, X.'     2 0000-0001-9580-6178 
'Wang, C.'   3 ?                   
'Yuan, A.Y.' 4 ?                   
# 
_citation.abstract                  ? 
_citation.abstract_id_CAS           ? 
_citation.book_id_ISBN              ? 
_citation.book_publisher            ? 
_citation.book_publisher_city       ? 
_citation.book_title                ? 
_citation.coordinate_linkage        ? 
_citation.country                   ? 
_citation.database_id_Medline       ? 
_citation.details                   ? 
_citation.id                        primary 
_citation.journal_abbrev            'To be published' 
_citation.journal_id_ASTM           ? 
_citation.journal_id_CSD            0353 
_citation.journal_id_ISSN           ? 
_citation.journal_full              ? 
_citation.journal_issue             ? 
_citation.journal_volume            ? 
_citation.language                  ? 
_citation.page_first                ? 
_citation.page_last                 ? 
_citation.title                     'Structural insight into endonuclease CRISPR-associated Cas2 protein' 
_citation.year                      ? 
_citation.database_id_CSD           ? 
_citation.pdbx_database_id_DOI      ? 
_citation.pdbx_database_id_PubMed   ? 
_citation.unpublished_flag          ? 
# 
loop_
_citation_author.citation_id 
_citation_author.name 
_citation_author.ordinal 
_citation_author.identifier_ORCID 
primary 'Bi, M.'     1 ? 
primary 'Mo, X.'     2 ? 
primary 'Wang, C.'   3 ? 
primary 'Yuan, A.Y.' 4 ? 
# 
loop_
_entity.id 
_entity.type 
_entity.src_method 
_entity.pdbx_description 
_entity.formula_weight 
_entity.pdbx_number_of_molecules 
_entity.pdbx_ec 
_entity.pdbx_mutation 
_entity.pdbx_fragment 
_entity.details 
1 polymer man 'CRISPR-associated endoribonuclease Cas2' 10867.723 2   3.1.-.- ? ? ? 
2 polymer man '5-mer peptide'                           303.274   1   ?       ? ? ? 
3 water   nat water                                     18.015    153 ?       ? ? ? 
# 
loop_
_entity_poly.entity_id 
_entity_poly.type 
_entity_poly.nstd_linkage 
_entity_poly.nstd_monomer 
_entity_poly.pdbx_seq_one_letter_code 
_entity_poly.pdbx_seq_one_letter_code_can 
_entity_poly.pdbx_strand_id 
_entity_poly.pdbx_target_identifier 
1 'polypeptide(L)' no no 
;MRVIVFFDLPVITPENRHNYSVFRKYLIKSGFIMQQKSVYSKLVLNLTNRDSIVKSIEKNKPPEGLVEVLTVTEKQYAKM
EIIIGESKTEYLN
;
;MRVIVFFDLPVITPENRHNYSVFRKYLIKSGFIMQQKSVYSKLVLNLTNRDSIVKSIEKNKPPEGLVEVLTVTEKQYAKM
EIIIGESKTEYLN
;
A,B ? 
2 'polypeptide(L)' no no GGGGG                                                                                            GGGGG Q 
? 
# 
_pdbx_entity_nonpoly.entity_id   3 
_pdbx_entity_nonpoly.name        water 
_pdbx_entity_nonpoly.comp_id     HOH 
# 
loop_
_entity_poly_seq.entity_id 
_entity_poly_seq.num 
_entity_poly_seq.mon_id 
_entity_poly_seq.hetero 
1 1  MET n 
1 2  ARG n 
1 3  VAL n 
1 4  ILE n 
1 5  VAL n 
1 6  PHE n 
1 7  PHE n 
1 8  ASP n 
1 9  LEU n 
1 10 PRO n 
1 11 VAL n 
1 12 ILE n 
1 13 THR n 
1 14 PRO n 
1 15 GLU n 
1 16 ASN n 
1 17 ARG n 
1 18 HIS n 
1 19 ASN n 
1 20 TYR n 
1 21 SER n 
1 22 VAL n 
1 23 PHE n 
1 24 ARG n 
1 25 LYS n 
1 26 TYR n 
1 27 LEU n 
1 28 ILE n 
1 29 LYS n 
1 30 SER n 
1 31 GLY n 
1 32 PHE n 
1 33 ILE n 
1 34 MET n 
1 35 GLN n 
1 36 GLN n 
1 37 LYS n 
1 38 SER n 
1 39 VAL n 
1 40 TYR n 
1 41 SER n 
1 42 LYS n 
1 43 LEU n 
1 44 VAL n 
1 45 LEU n 
1 46 ASN n 
1 47 LEU n 
1 48 THR n 
1 49 ASN n 
1 50 ARG n 
1 51 ASP n 
1 52 SER n 
1 53 ILE n 
1 54 VAL n 
1 55 LYS n 
1 56 SER n 
1 57 ILE n 
1 58 GLU n 
1 59 LYS n 
1 60 ASN n 
1 61 LYS n 
1 62 PRO n 
1 63 PRO n 
1 64 GLU n 
1 65 GLY n 
1 66 LEU n 
1 67 VAL n 
1 68 GLU n 
1 69 VAL n 
1 70 LEU n 
1 71 THR n 
1 72 VAL n 
1 73 THR n 
1 74 GLU n 
1 75 LYS n 
1 76 GLN n 
1 77 TYR n 
1 78 ALA n 
1 79 LYS n 
1 80 MET n 
1 81 GLU n 
1 82 ILE n 
1 83 ILE n 
1 84 ILE n 
1 85 GLY n 
1 86 GLU n 
1 87 SER n 
1 88 LYS n 
1 89 THR n 
1 90 GLU n 
1 91 TYR n 
1 92 LEU n 
1 93 ASN n 
2 1  GLY n 
2 2  GLY n 
2 3  GLY n 
2 4  GLY n 
2 5  GLY n 
# 
loop_
_entity_src_gen.entity_id 
_entity_src_gen.pdbx_src_id 
_entity_src_gen.pdbx_alt_source_flag 
_entity_src_gen.pdbx_seq_type 
_entity_src_gen.pdbx_beg_seq_num 
_entity_src_gen.pdbx_end_seq_num 
_entity_src_gen.gene_src_common_name 
_entity_src_gen.gene_src_genus 
_entity_src_gen.pdbx_gene_src_gene 
_entity_src_gen.gene_src_species 
_entity_src_gen.gene_src_strain 
_entity_src_gen.gene_src_tissue 
_entity_src_gen.gene_src_tissue_fraction 
_entity_src_gen.gene_src_details 
_entity_src_gen.pdbx_gene_src_fragment 
_entity_src_gen.pdbx_gene_src_scientific_name 
_entity_src_gen.pdbx_gene_src_ncbi_taxonomy_id 
_entity_src_gen.pdbx_gene_src_variant 
_entity_src_gen.pdbx_gene_src_cell_line 
_entity_src_gen.pdbx_gene_src_atcc 
_entity_src_gen.pdbx_gene_src_organ 
_entity_src_gen.pdbx_gene_src_organelle 
_entity_src_gen.pdbx_gene_src_cell 
_entity_src_gen.pdbx_gene_src_cellular_location 
_entity_src_gen.host_org_common_name 
_entity_src_gen.pdbx_host_org_scientific_name 
_entity_src_gen.pdbx_host_org_ncbi_taxonomy_id 
_entity_src_gen.host_org_genus 
_entity_src_gen.pdbx_host_org_gene 
_entity_src_gen.pdbx_host_org_organ 
_entity_src_gen.host_org_species 
_entity_src_gen.pdbx_host_org_tissue 
_entity_src_gen.pdbx_host_org_tissue_fraction 
_entity_src_gen.pdbx_host_org_strain 
_entity_src_gen.pdbx_host_org_variant 
_entity_src_gen.pdbx_host_org_cell_line 
_entity_src_gen.pdbx_host_org_atcc 
_entity_src_gen.pdbx_host_org_culture_collection 
_entity_src_gen.pdbx_host_org_cell 
_entity_src_gen.pdbx_host_org_organelle 
_entity_src_gen.pdbx_host_org_cellular_location 
_entity_src_gen.pdbx_host_org_vector_type 
_entity_src_gen.pdbx_host_org_vector 
_entity_src_gen.host_org_details 
_entity_src_gen.expression_system_id 
_entity_src_gen.plasmid_name 
_entity_src_gen.plasmid_details 
_entity_src_gen.pdbx_description 
1 1 sample 'Biological sequence' 1 93 ? ? 'cas2, TDE_0329' ? 'ATCC 35405 / CIP 103919 / DSM 14222' ? ? ? ? 
'Treponema denticola (strain ATCC 35405 / CIP 103919 / DSM 14222)' 243275 ? ? ? ? ? ? ? ? 'Escherichia coli' 562 ? ? ? ? ? ? ? ? ? 
? ? ? ? ? ? ? ? ? ? ? ? 
2 1 sample 'Biological sequence' 1 5  ? ? ?                ? ?                                     ? ? ? ? 'Escherichia coli' 562 
? ? ? ? ? ? ? ? 'Escherichia coli' 562 ? ? ? ? ? ? ? ? ? ? ? ? ? ? ? ? ? ? ? ? ? 
# 
loop_
_chem_comp.id 
_chem_comp.type 
_chem_comp.mon_nstd_flag 
_chem_comp.name 
_chem_comp.pdbx_synonyms 
_chem_comp.formula 
_chem_comp.formula_weight 
ALA 'L-peptide linking' y ALANINE         ? 'C3 H7 N O2'     89.093  
ARG 'L-peptide linking' y ARGININE        ? 'C6 H15 N4 O2 1' 175.209 
ASN 'L-peptide linking' y ASPARAGINE      ? 'C4 H8 N2 O3'    132.118 
ASP 'L-peptide linking' y 'ASPARTIC ACID' ? 'C4 H7 N O4'     133.103 
GLN 'L-peptide linking' y GLUTAMINE       ? 'C5 H10 N2 O3'   146.144 
GLU 'L-peptide linking' y 'GLUTAMIC ACID' ? 'C5 H9 N O4'     147.129 
GLY 'peptide linking'   y GLYCINE         ? 'C2 H5 N O2'     75.067  
HIS 'L-peptide linking' y HISTIDINE       ? 'C6 H10 N3 O2 1' 156.162 
HOH non-polymer         . WATER           ? 'H2 O'           18.015  
ILE 'L-peptide linking' y ISOLEUCINE      ? 'C6 H13 N O2'    131.173 
LEU 'L-peptide linking' y LEUCINE         ? 'C6 H13 N O2'    131.173 
LYS 'L-peptide linking' y LYSINE          ? 'C6 H15 N2 O2 1' 147.195 
MET 'L-peptide linking' y METHIONINE      ? 'C5 H11 N O2 S'  149.211 
PHE 'L-peptide linking' y PHENYLALANINE   ? 'C9 H11 N O2'    165.189 
PRO 'L-peptide linking' y PROLINE         ? 'C5 H9 N O2'     115.130 
SER 'L-peptide linking' y SERINE          ? 'C3 H7 N O3'     105.093 
THR 'L-peptide linking' y THREONINE       ? 'C4 H9 N O3'     119.119 
TYR 'L-peptide linking' y TYROSINE        ? 'C9 H11 N O3'    181.189 
VAL 'L-peptide linking' y VALINE          ? 'C5 H11 N O2'    117.146 
# 
loop_
_pdbx_poly_seq_scheme.asym_id 
_pdbx_poly_seq_scheme.entity_id 
_pdbx_poly_seq_scheme.seq_id 
_pdbx_poly_seq_scheme.mon_id 
_pdbx_poly_seq_scheme.ndb_seq_num 
_pdbx_poly_seq_scheme.pdb_seq_num 
_pdbx_poly_seq_scheme.auth_seq_num 
_pdbx_poly_seq_scheme.pdb_mon_id 
_pdbx_poly_seq_scheme.auth_mon_id 
_pdbx_poly_seq_scheme.pdb_strand_id 
_pdbx_poly_seq_scheme.pdb_ins_code 
_pdbx_poly_seq_scheme.hetero 
A 1 1  MET 1  1  1  MET MET A . n 
A 1 2  ARG 2  2  2  ARG ARG A . n 
A 1 3  VAL 3  3  3  VAL VAL A . n 
A 1 4  ILE 4  4  4  ILE ILE A . n 
A 1 5  VAL 5  5  5  VAL VAL A . n 
A 1 6  PHE 6  6  6  PHE PHE A . n 
A 1 7  PHE 7  7  7  PHE PHE A . n 
A 1 8  ASP 8  8  8  ASP ASP A . n 
A 1 9  LEU 9  9  9  LEU LEU A . n 
A 1 10 PRO 10 10 10 PRO PRO A . n 
A 1 11 VAL 11 11 11 VAL VAL A . n 
A 1 12 ILE 12 12 12 ILE ILE A . n 
A 1 13 THR 13 13 13 THR THR A . n 
A 1 14 PRO 14 14 14 PRO PRO A . n 
A 1 15 GLU 15 15 15 GLU GLU A . n 
A 1 16 ASN 16 16 16 ASN ASN A . n 
A 1 17 ARG 17 17 17 ARG ARG A . n 
A 1 18 HIS 18 18 18 HIS HIS A . n 
A 1 19 ASN 19 19 19 ASN ASN A . n 
A 1 20 TYR 20 20 20 TYR TYR A . n 
A 1 21 SER 21 21 21 SER SER A . n 
A 1 22 VAL 22 22 22 VAL VAL A . n 
A 1 23 PHE 23 23 23 PHE PHE A . n 
A 1 24 ARG 24 24 24 ARG ARG A . n 
A 1 25 LYS 25 25 25 LYS LYS A . n 
A 1 26 TYR 26 26 26 TYR TYR A . n 
A 1 27 LEU 27 27 27 LEU LEU A . n 
A 1 28 ILE 28 28 28 ILE ILE A . n 
A 1 29 LYS 29 29 29 LYS LYS A . n 
A 1 30 SER 30 30 30 SER SER A . n 
A 1 31 GLY 31 31 31 GLY GLY A . n 
A 1 32 PHE 32 32 32 PHE PHE A . n 
A 1 33 ILE 33 33 33 ILE ILE A . n 
A 1 34 MET 34 34 34 MET MET A . n 
A 1 35 GLN 35 35 35 GLN GLN A . n 
A 1 36 GLN 36 36 36 GLN GLN A . n 
A 1 37 LYS 37 37 37 LYS LYS A . n 
A 1 38 SER 38 38 38 SER SER A . n 
A 1 39 VAL 39 39 39 VAL VAL A . n 
A 1 40 TYR 40 40 40 TYR TYR A . n 
A 1 41 SER 41 41 41 SER SER A . n 
A 1 42 LYS 42 42 42 LYS LYS A . n 
A 1 43 LEU 43 43 43 LEU LEU A . n 
A 1 44 VAL 44 44 44 VAL VAL A . n 
A 1 45 LEU 45 45 45 LEU LEU A . n 
A 1 46 ASN 46 46 46 ASN ASN A . n 
A 1 47 LEU 47 47 47 LEU LEU A . n 
A 1 48 THR 48 48 48 THR THR A . n 
A 1 49 ASN 49 49 49 ASN ASN A . n 
A 1 50 ARG 50 50 50 ARG ARG A . n 
A 1 51 ASP 51 51 51 ASP ASP A . n 
A 1 52 SER 52 52 52 SER SER A . n 
A 1 53 ILE 53 53 53 ILE ILE A . n 
A 1 54 VAL 54 54 54 VAL VAL A . n 
A 1 55 LYS 55 55 55 LYS LYS A . n 
A 1 56 SER 56 56 56 SER SER A . n 
A 1 57 ILE 57 57 57 ILE ILE A . n 
A 1 58 GLU 58 58 58 GLU GLU A . n 
A 1 59 LYS 59 59 59 LYS LYS A . n 
A 1 60 ASN 60 60 60 ASN ASN A . n 
A 1 61 LYS 61 61 61 LYS LYS A . n 
A 1 62 PRO 62 62 62 PRO PRO A . n 
A 1 63 PRO 63 63 63 PRO PRO A . n 
A 1 64 GLU 64 64 64 GLU GLU A . n 
A 1 65 GLY 65 65 65 GLY GLY A . n 
A 1 66 LEU 66 66 66 LEU LEU A . n 
A 1 67 VAL 67 67 67 VAL VAL A . n 
A 1 68 GLU 68 68 68 GLU GLU A . n 
A 1 69 VAL 69 69 69 VAL VAL A . n 
A 1 70 LEU 70 70 70 LEU LEU A . n 
A 1 71 THR 71 71 71 THR THR A . n 
A 1 72 VAL 72 72 72 VAL VAL A . n 
A 1 73 THR 73 73 73 THR THR A . n 
A 1 74 GLU 74 74 74 GLU GLU A . n 
A 1 75 LYS 75 75 75 LYS LYS A . n 
A 1 76 GLN 76 76 76 GLN GLN A . n 
A 1 77 TYR 77 77 77 TYR TYR A . n 
A 1 78 ALA 78 78 78 ALA ALA A . n 
A 1 79 LYS 79 79 79 LYS LYS A . n 
A 1 80 MET 80 80 80 MET MET A . n 
A 1 81 GLU 81 81 81 GLU GLU A . n 
A 1 82 ILE 82 82 82 ILE ILE A . n 
A 1 83 ILE 83 83 83 ILE ILE A . n 
A 1 84 ILE 84 84 84 ILE ILE A . n 
A 1 85 GLY 85 85 85 GLY GLY A . n 
A 1 86 GLU 86 86 86 GLU GLU A . n 
A 1 87 SER 87 87 87 SER SER A . n 
A 1 88 LYS 88 88 88 LYS LYS A . n 
A 1 89 THR 89 89 89 THR THR A . n 
A 1 90 GLU 90 90 90 GLU GLU A . n 
A 1 91 TYR 91 91 91 TYR TYR A . n 
A 1 92 LEU 92 92 92 LEU LEU A . n 
A 1 93 ASN 93 93 93 ASN ASN A . n 
B 1 1  MET 1  1  ?  ?   ?   B . n 
B 1 2  ARG 2  2  2  ARG ARG B . n 
B 1 3  VAL 3  3  3  VAL VAL B . n 
B 1 4  ILE 4  4  4  ILE ILE B . n 
B 1 5  VAL 5  5  5  VAL VAL B . n 
B 1 6  PHE 6  6  6  PHE PHE B . n 
B 1 7  PHE 7  7  7  PHE PHE B . n 
B 1 8  ASP 8  8  8  ASP ASP B . n 
B 1 9  LEU 9  9  9  LEU LEU B . n 
B 1 10 PRO 10 10 10 PRO PRO B . n 
B 1 11 VAL 11 11 11 VAL VAL B . n 
B 1 12 ILE 12 12 12 ILE ILE B . n 
B 1 13 THR 13 13 13 THR THR B . n 
B 1 14 PRO 14 14 14 PRO PRO B . n 
B 1 15 GLU 15 15 15 GLU GLU B . n 
B 1 16 ASN 16 16 16 ASN ASN B . n 
B 1 17 ARG 17 17 17 ARG ARG B . n 
B 1 18 HIS 18 18 18 HIS HIS B . n 
B 1 19 ASN 19 19 19 ASN ASN B . n 
B 1 20 TYR 20 20 20 TYR TYR B . n 
B 1 21 SER 21 21 21 SER SER B . n 
B 1 22 VAL 22 22 22 VAL VAL B . n 
B 1 23 PHE 23 23 23 PHE PHE B . n 
B 1 24 ARG 24 24 24 ARG ARG B . n 
B 1 25 LYS 25 25 25 LYS LYS B . n 
B 1 26 TYR 26 26 26 TYR TYR B . n 
B 1 27 LEU 27 27 27 LEU LEU B . n 
B 1 28 ILE 28 28 28 ILE ILE B . n 
B 1 29 LYS 29 29 29 LYS LYS B . n 
B 1 30 SER 30 30 30 SER SER B . n 
B 1 31 GLY 31 31 31 GLY GLY B . n 
B 1 32 PHE 32 32 32 PHE PHE B . n 
B 1 33 ILE 33 33 33 ILE ILE B . n 
B 1 34 MET 34 34 34 MET MET B . n 
B 1 35 GLN 35 35 35 GLN GLN B . n 
B 1 36 GLN 36 36 36 GLN GLN B . n 
B 1 37 LYS 37 37 37 LYS LYS B . n 
B 1 38 SER 38 38 38 SER SER B . n 
B 1 39 VAL 39 39 39 VAL VAL B . n 
B 1 40 TYR 40 40 40 TYR TYR B . n 
B 1 41 SER 41 41 41 SER SER B . n 
B 1 42 LYS 42 42 42 LYS LYS B . n 
B 1 43 LEU 43 43 43 LEU LEU B . n 
B 1 44 VAL 44 44 44 VAL VAL B . n 
B 1 45 LEU 45 45 45 LEU LEU B . n 
B 1 46 ASN 46 46 46 ASN ASN B . n 
B 1 47 LEU 47 47 47 LEU LEU B . n 
B 1 48 THR 48 48 48 THR THR B . n 
B 1 49 ASN 49 49 49 ASN ASN B . n 
B 1 50 ARG 50 50 50 ARG ARG B . n 
B 1 51 ASP 51 51 51 ASP ASP B . n 
B 1 52 SER 52 52 52 SER SER B . n 
B 1 53 ILE 53 53 53 ILE ILE B . n 
B 1 54 VAL 54 54 54 VAL VAL B . n 
B 1 55 LYS 55 55 55 LYS LYS B . n 
B 1 56 SER 56 56 56 SER SER B . n 
B 1 57 ILE 57 57 57 ILE ILE B . n 
B 1 58 GLU 58 58 58 GLU GLU B . n 
B 1 59 LYS 59 59 59 LYS LYS B . n 
B 1 60 ASN 60 60 60 ASN ASN B . n 
B 1 61 LYS 61 61 61 LYS LYS B . n 
B 1 62 PRO 62 62 62 PRO PRO B . n 
B 1 63 PRO 63 63 63 PRO PRO B . n 
B 1 64 GLU 64 64 64 GLU GLU B . n 
B 1 65 GLY 65 65 65 GLY GLY B . n 
B 1 66 LEU 66 66 66 LEU LEU B . n 
B 1 67 VAL 67 67 67 VAL VAL B . n 
B 1 68 GLU 68 68 68 GLU GLU B . n 
B 1 69 VAL 69 69 69 VAL VAL B . n 
B 1 70 LEU 70 70 70 LEU LEU B . n 
B 1 71 THR 71 71 71 THR THR B . n 
B 1 72 VAL 72 72 72 VAL VAL B . n 
B 1 73 THR 73 73 73 THR THR B . n 
B 1 74 GLU 74 74 74 GLU GLU B . n 
B 1 75 LYS 75 75 75 LYS LYS B . n 
B 1 76 GLN 76 76 76 GLN GLN B . n 
B 1 77 TYR 77 77 77 TYR TYR B . n 
B 1 78 ALA 78 78 78 ALA ALA B . n 
B 1 79 LYS 79 79 79 LYS LYS B . n 
B 1 80 MET 80 80 80 MET MET B . n 
B 1 81 GLU 81 81 81 GLU GLU B . n 
B 1 82 ILE 82 82 82 ILE ILE B . n 
B 1 83 ILE 83 83 83 ILE ILE B . n 
B 1 84 ILE 84 84 84 ILE ILE B . n 
B 1 85 GLY 85 85 85 GLY GLY B . n 
B 1 86 GLU 86 86 86 GLU GLU B . n 
B 1 87 SER 87 87 87 SER SER B . n 
B 1 88 LYS 88 88 88 LYS LYS B . n 
B 1 89 THR 89 89 89 THR THR B . n 
B 1 90 GLU 90 90 90 GLU GLU B . n 
B 1 91 TYR 91 91 91 TYR TYR B . n 
B 1 92 LEU 92 92 92 LEU LEU B . n 
B 1 93 ASN 93 93 ?  ?   ?   B . n 
C 2 1  GLY 1  11 11 GLY GLY Q . n 
C 2 2  GLY 2  12 12 GLY GLY Q . n 
C 2 3  GLY 3  13 13 GLY GLY Q . n 
C 2 4  GLY 4  14 14 GLY GLY Q . n 
C 2 5  GLY 5  15 15 GLY GLY Q . n 
# 
loop_
_pdbx_nonpoly_scheme.asym_id 
_pdbx_nonpoly_scheme.entity_id 
_pdbx_nonpoly_scheme.mon_id 
_pdbx_nonpoly_scheme.ndb_seq_num 
_pdbx_nonpoly_scheme.pdb_seq_num 
_pdbx_nonpoly_scheme.auth_seq_num 
_pdbx_nonpoly_scheme.pdb_mon_id 
_pdbx_nonpoly_scheme.auth_mon_id 
_pdbx_nonpoly_scheme.pdb_strand_id 
_pdbx_nonpoly_scheme.pdb_ins_code 
D 3 HOH 1  101 73  HOH HOH A . 
D 3 HOH 2  102 152 HOH HOH A . 
D 3 HOH 3  103 96  HOH HOH A . 
D 3 HOH 4  104 95  HOH HOH A . 
D 3 HOH 5  105 90  HOH HOH A . 
D 3 HOH 6  106 16  HOH HOH A . 
D 3 HOH 7  107 88  HOH HOH A . 
D 3 HOH 8  108 61  HOH HOH A . 
D 3 HOH 9  109 113 HOH HOH A . 
D 3 HOH 10 110 63  HOH HOH A . 
D 3 HOH 11 111 9   HOH HOH A . 
D 3 HOH 12 112 140 HOH HOH A . 
D 3 HOH 13 113 43  HOH HOH A . 
D 3 HOH 14 114 48  HOH HOH A . 
D 3 HOH 15 115 70  HOH HOH A . 
D 3 HOH 16 116 41  HOH HOH A . 
D 3 HOH 17 117 58  HOH HOH A . 
D 3 HOH 18 118 18  HOH HOH A . 
D 3 HOH 19 119 25  HOH HOH A . 
D 3 HOH 20 120 80  HOH HOH A . 
D 3 HOH 21 121 7   HOH HOH A . 
D 3 HOH 22 122 87  HOH HOH A . 
D 3 HOH 23 123 115 HOH HOH A . 
D 3 HOH 24 124 119 HOH HOH A . 
D 3 HOH 25 125 85  HOH HOH A . 
D 3 HOH 26 126 100 HOH HOH A . 
D 3 HOH 27 127 23  HOH HOH A . 
D 3 HOH 28 128 86  HOH HOH A . 
D 3 HOH 29 129 6   HOH HOH A . 
D 3 HOH 30 130 36  HOH HOH A . 
D 3 HOH 31 131 53  HOH HOH A . 
D 3 HOH 32 132 131 HOH HOH A . 
D 3 HOH 33 133 30  HOH HOH A . 
D 3 HOH 34 134 67  HOH HOH A . 
D 3 HOH 35 135 126 HOH HOH A . 
D 3 HOH 36 136 108 HOH HOH A . 
D 3 HOH 37 137 8   HOH HOH A . 
D 3 HOH 38 138 22  HOH HOH A . 
D 3 HOH 39 139 55  HOH HOH A . 
D 3 HOH 40 140 79  HOH HOH A . 
D 3 HOH 41 141 38  HOH HOH A . 
D 3 HOH 42 142 97  HOH HOH A . 
D 3 HOH 43 143 114 HOH HOH A . 
D 3 HOH 44 144 17  HOH HOH A . 
D 3 HOH 45 145 31  HOH HOH A . 
D 3 HOH 46 146 101 HOH HOH A . 
D 3 HOH 47 147 60  HOH HOH A . 
D 3 HOH 48 148 84  HOH HOH A . 
D 3 HOH 49 149 32  HOH HOH A . 
D 3 HOH 50 150 3   HOH HOH A . 
D 3 HOH 51 151 127 HOH HOH A . 
D 3 HOH 52 152 10  HOH HOH A . 
D 3 HOH 53 153 49  HOH HOH A . 
D 3 HOH 54 154 66  HOH HOH A . 
D 3 HOH 55 155 123 HOH HOH A . 
D 3 HOH 56 156 137 HOH HOH A . 
D 3 HOH 57 157 54  HOH HOH A . 
D 3 HOH 58 158 117 HOH HOH A . 
D 3 HOH 59 159 148 HOH HOH A . 
D 3 HOH 60 160 1   HOH HOH A . 
D 3 HOH 61 161 40  HOH HOH A . 
D 3 HOH 62 162 128 HOH HOH A . 
D 3 HOH 63 163 106 HOH HOH A . 
D 3 HOH 64 164 138 HOH HOH A . 
D 3 HOH 65 165 94  HOH HOH A . 
D 3 HOH 66 166 105 HOH HOH A . 
D 3 HOH 67 167 29  HOH HOH A . 
D 3 HOH 68 168 133 HOH HOH A . 
D 3 HOH 69 169 145 HOH HOH A . 
D 3 HOH 70 170 110 HOH HOH A . 
D 3 HOH 71 171 129 HOH HOH A . 
D 3 HOH 72 172 141 HOH HOH A . 
E 3 HOH 1  101 39  HOH HOH B . 
E 3 HOH 2  102 34  HOH HOH B . 
E 3 HOH 3  103 93  HOH HOH B . 
E 3 HOH 4  104 21  HOH HOH B . 
E 3 HOH 5  105 62  HOH HOH B . 
E 3 HOH 6  106 92  HOH HOH B . 
E 3 HOH 7  107 102 HOH HOH B . 
E 3 HOH 8  108 46  HOH HOH B . 
E 3 HOH 9  109 35  HOH HOH B . 
E 3 HOH 10 110 153 HOH HOH B . 
E 3 HOH 11 111 76  HOH HOH B . 
E 3 HOH 12 112 69  HOH HOH B . 
E 3 HOH 13 113 47  HOH HOH B . 
E 3 HOH 14 114 45  HOH HOH B . 
E 3 HOH 15 115 68  HOH HOH B . 
E 3 HOH 16 116 64  HOH HOH B . 
E 3 HOH 17 117 51  HOH HOH B . 
E 3 HOH 18 118 98  HOH HOH B . 
E 3 HOH 19 119 11  HOH HOH B . 
E 3 HOH 20 120 89  HOH HOH B . 
E 3 HOH 21 121 20  HOH HOH B . 
E 3 HOH 22 122 50  HOH HOH B . 
E 3 HOH 23 123 19  HOH HOH B . 
E 3 HOH 24 124 15  HOH HOH B . 
E 3 HOH 25 125 5   HOH HOH B . 
E 3 HOH 26 126 52  HOH HOH B . 
E 3 HOH 27 127 24  HOH HOH B . 
E 3 HOH 28 128 59  HOH HOH B . 
E 3 HOH 29 129 81  HOH HOH B . 
E 3 HOH 30 130 83  HOH HOH B . 
E 3 HOH 31 131 56  HOH HOH B . 
E 3 HOH 32 132 44  HOH HOH B . 
E 3 HOH 33 133 2   HOH HOH B . 
E 3 HOH 34 134 42  HOH HOH B . 
E 3 HOH 35 135 13  HOH HOH B . 
E 3 HOH 36 136 132 HOH HOH B . 
E 3 HOH 37 137 112 HOH HOH B . 
E 3 HOH 38 138 37  HOH HOH B . 
E 3 HOH 39 139 28  HOH HOH B . 
E 3 HOH 40 140 150 HOH HOH B . 
E 3 HOH 41 141 12  HOH HOH B . 
E 3 HOH 42 142 103 HOH HOH B . 
E 3 HOH 43 143 4   HOH HOH B . 
E 3 HOH 44 144 121 HOH HOH B . 
E 3 HOH 45 145 130 HOH HOH B . 
E 3 HOH 46 146 71  HOH HOH B . 
E 3 HOH 47 147 99  HOH HOH B . 
E 3 HOH 48 148 14  HOH HOH B . 
E 3 HOH 49 149 124 HOH HOH B . 
E 3 HOH 50 150 122 HOH HOH B . 
E 3 HOH 51 151 111 HOH HOH B . 
E 3 HOH 52 152 75  HOH HOH B . 
E 3 HOH 53 153 82  HOH HOH B . 
E 3 HOH 54 154 65  HOH HOH B . 
E 3 HOH 55 155 26  HOH HOH B . 
E 3 HOH 56 156 120 HOH HOH B . 
E 3 HOH 57 157 116 HOH HOH B . 
E 3 HOH 58 158 91  HOH HOH B . 
E 3 HOH 59 159 78  HOH HOH B . 
E 3 HOH 60 160 104 HOH HOH B . 
E 3 HOH 61 161 118 HOH HOH B . 
E 3 HOH 62 162 107 HOH HOH B . 
E 3 HOH 63 163 147 HOH HOH B . 
E 3 HOH 64 164 109 HOH HOH B . 
E 3 HOH 65 165 139 HOH HOH B . 
E 3 HOH 66 166 144 HOH HOH B . 
E 3 HOH 67 167 33  HOH HOH B . 
E 3 HOH 68 168 136 HOH HOH B . 
E 3 HOH 69 169 135 HOH HOH B . 
E 3 HOH 70 170 72  HOH HOH B . 
E 3 HOH 71 171 27  HOH HOH B . 
E 3 HOH 72 172 134 HOH HOH B . 
E 3 HOH 73 173 125 HOH HOH B . 
E 3 HOH 74 174 74  HOH HOH B . 
E 3 HOH 75 175 151 HOH HOH B . 
E 3 HOH 76 176 143 HOH HOH B . 
E 3 HOH 77 177 146 HOH HOH B . 
F 3 HOH 1  101 77  HOH HOH Q . 
F 3 HOH 2  102 57  HOH HOH Q . 
F 3 HOH 3  103 142 HOH HOH Q . 
F 3 HOH 4  104 149 HOH HOH Q . 
# 
loop_
_software.citation_id 
_software.classification 
_software.compiler_name 
_software.compiler_version 
_software.contact_author 
_software.contact_author_email 
_software.date 
_software.description 
_software.dependencies 
_software.hardware 
_software.language 
_software.location 
_software.mods 
_software.name 
_software.os 
_software.os_version 
_software.type 
_software.version 
_software.pdbx_ordinal 
? refinement       ? ? ? ? ? ? ? ? ? ? ? PHENIX   ? ? ? '(1.14_3260: ???)' 1 
? 'data reduction' ? ? ? ? ? ? ? ? ? ? ? HKL-2000 ? ? ? .                  2 
? 'data scaling'   ? ? ? ? ? ? ? ? ? ? ? HKL-2000 ? ? ? .                  3 
? phasing          ? ? ? ? ? ? ? ? ? ? ? MoRDa    ? ? ? .                  4 
# 
_cell.angle_alpha                  90.00 
_cell.angle_alpha_esd              ? 
_cell.angle_beta                   90.00 
_cell.angle_beta_esd               ? 
_cell.angle_gamma                  90.00 
_cell.angle_gamma_esd              ? 
_cell.entry_id                     6JHZ 
_cell.details                      ? 
_cell.formula_units_Z              ? 
_cell.length_a                     26.592 
_cell.length_a_esd                 ? 
_cell.length_b                     76.391 
_cell.length_b_esd                 ? 
_cell.length_c                     88.445 
_cell.length_c_esd                 ? 
_cell.volume                       ? 
_cell.volume_esd                   ? 
_cell.Z_PDB                        8 
_cell.reciprocal_angle_alpha       ? 
_cell.reciprocal_angle_beta        ? 
_cell.reciprocal_angle_gamma       ? 
_cell.reciprocal_angle_alpha_esd   ? 
_cell.reciprocal_angle_beta_esd    ? 
_cell.reciprocal_angle_gamma_esd   ? 
_cell.reciprocal_length_a          ? 
_cell.reciprocal_length_b          ? 
_cell.reciprocal_length_c          ? 
_cell.reciprocal_length_a_esd      ? 
_cell.reciprocal_length_b_esd      ? 
_cell.reciprocal_length_c_esd      ? 
_cell.pdbx_unique_axis             ? 
# 
_symmetry.entry_id                         6JHZ 
_symmetry.cell_setting                     ? 
_symmetry.Int_Tables_number                19 
_symmetry.space_group_name_Hall            ? 
_symmetry.space_group_name_H-M             'P 21 21 21' 
_symmetry.pdbx_full_space_group_name_H-M   ? 
# 
_exptl.absorpt_coefficient_mu     ? 
_exptl.absorpt_correction_T_max   ? 
_exptl.absorpt_correction_T_min   ? 
_exptl.absorpt_correction_type    ? 
_exptl.absorpt_process_details    ? 
_exptl.entry_id                   6JHZ 
_exptl.crystals_number            1 
_exptl.details                    ? 
_exptl.method                     'X-RAY DIFFRACTION' 
_exptl.method_details             ? 
# 
_exptl_crystal.colour                      ? 
_exptl_crystal.density_diffrn              ? 
_exptl_crystal.density_Matthews            2.06 
_exptl_crystal.density_method              ? 
_exptl_crystal.density_percent_sol         40.32 
_exptl_crystal.description                 ? 
_exptl_crystal.F_000                       ? 
_exptl_crystal.id                          1 
_exptl_crystal.preparation                 ? 
_exptl_crystal.size_max                    ? 
_exptl_crystal.size_mid                    ? 
_exptl_crystal.size_min                    ? 
_exptl_crystal.size_rad                    ? 
_exptl_crystal.colour_lustre               ? 
_exptl_crystal.colour_modifier             ? 
_exptl_crystal.colour_primary              ? 
_exptl_crystal.density_meas                ? 
_exptl_crystal.density_meas_esd            ? 
_exptl_crystal.density_meas_gt             ? 
_exptl_crystal.density_meas_lt             ? 
_exptl_crystal.density_meas_temp           ? 
_exptl_crystal.density_meas_temp_esd       ? 
_exptl_crystal.density_meas_temp_gt        ? 
_exptl_crystal.density_meas_temp_lt        ? 
_exptl_crystal.pdbx_crystal_image_url      ? 
_exptl_crystal.pdbx_crystal_image_format   ? 
_exptl_crystal.pdbx_mosaicity              ? 
_exptl_crystal.pdbx_mosaicity_esd          ? 
# 
_exptl_crystal_grow.apparatus       ? 
_exptl_crystal_grow.atmosphere      ? 
_exptl_crystal_grow.crystal_id      1 
_exptl_crystal_grow.details         ? 
_exptl_crystal_grow.method          'VAPOR DIFFUSION, HANGING DROP' 
_exptl_crystal_grow.method_ref      ? 
_exptl_crystal_grow.pH              ? 
_exptl_crystal_grow.pressure        ? 
_exptl_crystal_grow.pressure_esd    ? 
_exptl_crystal_grow.seeding         ? 
_exptl_crystal_grow.seeding_ref     ? 
_exptl_crystal_grow.temp            280 
_exptl_crystal_grow.temp_details    ? 
_exptl_crystal_grow.temp_esd        ? 
_exptl_crystal_grow.time            ? 
_exptl_crystal_grow.pdbx_details    '0.1M Tris, pH8.5, 2M Ammonium sulfate' 
_exptl_crystal_grow.pdbx_pH_range   ? 
# 
_diffrn.ambient_environment              ? 
_diffrn.ambient_temp                     100 
_diffrn.ambient_temp_details             ? 
_diffrn.ambient_temp_esd                 ? 
_diffrn.crystal_id                       1 
_diffrn.crystal_support                  ? 
_diffrn.crystal_treatment                ? 
_diffrn.details                          ? 
_diffrn.id                               1 
_diffrn.ambient_pressure                 ? 
_diffrn.ambient_pressure_esd             ? 
_diffrn.ambient_pressure_gt              ? 
_diffrn.ambient_pressure_lt              ? 
_diffrn.ambient_temp_gt                  ? 
_diffrn.ambient_temp_lt                  ? 
_diffrn.pdbx_serial_crystal_experiment   N 
# 
_diffrn_detector.details                      ? 
_diffrn_detector.detector                     CCD 
_diffrn_detector.diffrn_id                    1 
_diffrn_detector.type                         'MAR CCD 165 mm' 
_diffrn_detector.area_resol_mean              ? 
_diffrn_detector.dtime                        ? 
_diffrn_detector.pdbx_frames_total            ? 
_diffrn_detector.pdbx_collection_time_total   ? 
_diffrn_detector.pdbx_collection_date         2018-11-23 
_diffrn_detector.pdbx_frequency               ? 
# 
_diffrn_radiation.collimation                      ? 
_diffrn_radiation.diffrn_id                        1 
_diffrn_radiation.filter_edge                      ? 
_diffrn_radiation.inhomogeneity                    ? 
_diffrn_radiation.monochromator                    ? 
_diffrn_radiation.polarisn_norm                    ? 
_diffrn_radiation.polarisn_ratio                   ? 
_diffrn_radiation.probe                            ? 
_diffrn_radiation.type                             ? 
_diffrn_radiation.xray_symbol                      ? 
_diffrn_radiation.wavelength_id                    1 
_diffrn_radiation.pdbx_monochromatic_or_laue_m_l   M 
_diffrn_radiation.pdbx_wavelength_list             ? 
_diffrn_radiation.pdbx_wavelength                  ? 
_diffrn_radiation.pdbx_diffrn_protocol             'SINGLE WAVELENGTH' 
_diffrn_radiation.pdbx_analyzer                    ? 
_diffrn_radiation.pdbx_scattering_type             x-ray 
# 
_diffrn_radiation_wavelength.id           1 
_diffrn_radiation_wavelength.wavelength   1.0 
_diffrn_radiation_wavelength.wt           1.0 
# 
_diffrn_source.current                     ? 
_diffrn_source.details                     ? 
_diffrn_source.diffrn_id                   1 
_diffrn_source.power                       ? 
_diffrn_source.size                        ? 
_diffrn_source.source                      SYNCHROTRON 
_diffrn_source.target                      ? 
_diffrn_source.type                        'NSRRC BEAMLINE BL13B1' 
_diffrn_source.voltage                     ? 
_diffrn_source.take-off_angle              ? 
_diffrn_source.pdbx_wavelength_list        1.0 
_diffrn_source.pdbx_wavelength             ? 
_diffrn_source.pdbx_synchrotron_beamline   BL13B1 
_diffrn_source.pdbx_synchrotron_site       NSRRC 
# 
_reflns.B_iso_Wilson_estimate            ? 
_reflns.entry_id                         6JHZ 
_reflns.data_reduction_details           ? 
_reflns.data_reduction_method            ? 
_reflns.d_resolution_high                1.999 
_reflns.d_resolution_low                 19.746 
_reflns.details                          ? 
_reflns.limit_h_max                      ? 
_reflns.limit_h_min                      ? 
_reflns.limit_k_max                      ? 
_reflns.limit_k_min                      ? 
_reflns.limit_l_max                      ? 
_reflns.limit_l_min                      ? 
_reflns.number_all                       ? 
_reflns.number_obs                       13958 
_reflns.observed_criterion               ? 
_reflns.observed_criterion_F_max         ? 
_reflns.observed_criterion_F_min         ? 
_reflns.observed_criterion_I_max         ? 
_reflns.observed_criterion_I_min         ? 
_reflns.observed_criterion_sigma_F       ? 
_reflns.observed_criterion_sigma_I       ? 
_reflns.percent_possible_obs             99.19 
_reflns.R_free_details                   ? 
_reflns.Rmerge_F_all                     ? 
_reflns.Rmerge_F_obs                     ? 
_reflns.Friedel_coverage                 ? 
_reflns.number_gt                        ? 
_reflns.threshold_expression             ? 
_reflns.pdbx_redundancy                  7.5 
_reflns.pdbx_Rmerge_I_obs                ? 
_reflns.pdbx_Rmerge_I_all                ? 
_reflns.pdbx_Rsym_value                  ? 
_reflns.pdbx_netI_over_av_sigmaI         ? 
_reflns.pdbx_netI_over_sigmaI            13.5 
_reflns.pdbx_res_netI_over_av_sigmaI_2   ? 
_reflns.pdbx_res_netI_over_sigmaI_2      ? 
_reflns.pdbx_chi_squared                 ? 
_reflns.pdbx_scaling_rejects             ? 
_reflns.pdbx_d_res_high_opt              ? 
_reflns.pdbx_d_res_low_opt               ? 
_reflns.pdbx_d_res_opt_method            ? 
_reflns.phase_calculation_details        ? 
_reflns.pdbx_Rrim_I_all                  ? 
_reflns.pdbx_Rpim_I_all                  ? 
_reflns.pdbx_d_opt                       ? 
_reflns.pdbx_number_measured_all         ? 
_reflns.pdbx_diffrn_id                   1 
_reflns.pdbx_ordinal                     1 
_reflns.pdbx_CC_half                     ? 
_reflns.pdbx_R_split                     ? 
# 
_reflns_shell.d_res_high                  1.999 
_reflns_shell.d_res_low                   2.07 
_reflns_shell.meanI_over_sigI_all         ? 
_reflns_shell.meanI_over_sigI_obs         ? 
_reflns_shell.number_measured_all         ? 
_reflns_shell.number_measured_obs         ? 
_reflns_shell.number_possible             ? 
_reflns_shell.number_unique_all           ? 
_reflns_shell.number_unique_obs           ? 
_reflns_shell.percent_possible_all        ? 
_reflns_shell.percent_possible_obs        ? 
_reflns_shell.Rmerge_F_all                ? 
_reflns_shell.Rmerge_F_obs                ? 
_reflns_shell.Rmerge_I_all                ? 
_reflns_shell.Rmerge_I_obs                ? 
_reflns_shell.meanI_over_sigI_gt          ? 
_reflns_shell.meanI_over_uI_all           ? 
_reflns_shell.meanI_over_uI_gt            ? 
_reflns_shell.number_measured_gt          ? 
_reflns_shell.number_unique_gt            ? 
_reflns_shell.percent_possible_gt         ? 
_reflns_shell.Rmerge_F_gt                 ? 
_reflns_shell.Rmerge_I_gt                 ? 
_reflns_shell.pdbx_redundancy             ? 
_reflns_shell.pdbx_Rsym_value             ? 
_reflns_shell.pdbx_chi_squared            ? 
_reflns_shell.pdbx_netI_over_sigmaI_all   ? 
_reflns_shell.pdbx_netI_over_sigmaI_obs   ? 
_reflns_shell.pdbx_Rrim_I_all             ? 
_reflns_shell.pdbx_Rpim_I_all             ? 
_reflns_shell.pdbx_rejects                ? 
_reflns_shell.pdbx_ordinal                1 
_reflns_shell.pdbx_diffrn_id              1 
_reflns_shell.pdbx_CC_half                ? 
_reflns_shell.pdbx_R_split                ? 
# 
_refine.aniso_B[1][1]                            ? 
_refine.aniso_B[1][2]                            ? 
_refine.aniso_B[1][3]                            ? 
_refine.aniso_B[2][2]                            ? 
_refine.aniso_B[2][3]                            ? 
_refine.aniso_B[3][3]                            ? 
_refine.B_iso_max                                ? 
_refine.B_iso_mean                               ? 
_refine.B_iso_min                                ? 
_refine.correlation_coeff_Fo_to_Fc               ? 
_refine.correlation_coeff_Fo_to_Fc_free          ? 
_refine.details                                  ? 
_refine.diff_density_max                         ? 
_refine.diff_density_max_esd                     ? 
_refine.diff_density_min                         ? 
_refine.diff_density_min_esd                     ? 
_refine.diff_density_rms                         ? 
_refine.diff_density_rms_esd                     ? 
_refine.entry_id                                 6JHZ 
_refine.pdbx_refine_id                           'X-RAY DIFFRACTION' 
_refine.ls_abs_structure_details                 ? 
_refine.ls_abs_structure_Flack                   ? 
_refine.ls_abs_structure_Flack_esd               ? 
_refine.ls_abs_structure_Rogers                  ? 
_refine.ls_abs_structure_Rogers_esd              ? 
_refine.ls_d_res_high                            1.999 
_refine.ls_d_res_low                             19.746 
_refine.ls_extinction_coef                       ? 
_refine.ls_extinction_coef_esd                   ? 
_refine.ls_extinction_expression                 ? 
_refine.ls_extinction_method                     ? 
_refine.ls_goodness_of_fit_all                   ? 
_refine.ls_goodness_of_fit_all_esd               ? 
_refine.ls_goodness_of_fit_obs                   ? 
_refine.ls_goodness_of_fit_obs_esd               ? 
_refine.ls_hydrogen_treatment                    ? 
_refine.ls_matrix_type                           ? 
_refine.ls_number_constraints                    ? 
_refine.ls_number_parameters                     ? 
_refine.ls_number_reflns_all                     ? 
_refine.ls_number_reflns_obs                     12757 
_refine.ls_number_reflns_R_free                  960 
_refine.ls_number_reflns_R_work                  ? 
_refine.ls_number_restraints                     ? 
_refine.ls_percent_reflns_obs                    99.35 
_refine.ls_percent_reflns_R_free                 7.53 
_refine.ls_R_factor_all                          ? 
_refine.ls_R_factor_obs                          0.1979 
_refine.ls_R_factor_R_free                       0.2322 
_refine.ls_R_factor_R_free_error                 ? 
_refine.ls_R_factor_R_free_error_details         ? 
_refine.ls_R_factor_R_work                       0.1951 
_refine.ls_R_Fsqd_factor_obs                     ? 
_refine.ls_R_I_factor_obs                        ? 
_refine.ls_redundancy_reflns_all                 ? 
_refine.ls_redundancy_reflns_obs                 ? 
_refine.ls_restrained_S_all                      ? 
_refine.ls_restrained_S_obs                      ? 
_refine.ls_shift_over_esd_max                    ? 
_refine.ls_shift_over_esd_mean                   ? 
_refine.ls_structure_factor_coef                 ? 
_refine.ls_weighting_details                     ? 
_refine.ls_weighting_scheme                      ? 
_refine.ls_wR_factor_all                         ? 
_refine.ls_wR_factor_obs                         ? 
_refine.ls_wR_factor_R_free                      ? 
_refine.ls_wR_factor_R_work                      ? 
_refine.occupancy_max                            ? 
_refine.occupancy_min                            ? 
_refine.solvent_model_details                    ? 
_refine.solvent_model_param_bsol                 ? 
_refine.solvent_model_param_ksol                 ? 
_refine.ls_R_factor_gt                           ? 
_refine.ls_goodness_of_fit_gt                    ? 
_refine.ls_goodness_of_fit_ref                   ? 
_refine.ls_shift_over_su_max                     ? 
_refine.ls_shift_over_su_max_lt                  ? 
_refine.ls_shift_over_su_mean                    ? 
_refine.ls_shift_over_su_mean_lt                 ? 
_refine.pdbx_ls_sigma_I                          ? 
_refine.pdbx_ls_sigma_F                          1.34 
_refine.pdbx_ls_sigma_Fsqd                       ? 
_refine.pdbx_data_cutoff_high_absF               ? 
_refine.pdbx_data_cutoff_high_rms_absF           ? 
_refine.pdbx_data_cutoff_low_absF                ? 
_refine.pdbx_isotropic_thermal_model             ? 
_refine.pdbx_ls_cross_valid_method               'FREE R-VALUE' 
_refine.pdbx_method_to_determine_struct          ? 
_refine.pdbx_starting_model                      ? 
_refine.pdbx_stereochemistry_target_values       ? 
_refine.pdbx_R_Free_selection_details            ? 
_refine.pdbx_stereochem_target_val_spec_case     ? 
_refine.pdbx_overall_ESU_R                       ? 
_refine.pdbx_overall_ESU_R_Free                  ? 
_refine.pdbx_solvent_vdw_probe_radii             1.11 
_refine.pdbx_solvent_ion_probe_radii             ? 
_refine.pdbx_solvent_shrinkage_radii             0.90 
_refine.pdbx_real_space_R                        ? 
_refine.pdbx_density_correlation                 ? 
_refine.pdbx_pd_number_of_powder_patterns        ? 
_refine.pdbx_pd_number_of_points                 ? 
_refine.pdbx_pd_meas_number_of_points            ? 
_refine.pdbx_pd_proc_ls_prof_R_factor            ? 
_refine.pdbx_pd_proc_ls_prof_wR_factor           ? 
_refine.pdbx_pd_Marquardt_correlation_coeff      ? 
_refine.pdbx_pd_Fsqrd_R_factor                   ? 
_refine.pdbx_pd_ls_matrix_band_width             ? 
_refine.pdbx_overall_phase_error                 21.46 
_refine.pdbx_overall_SU_R_free_Cruickshank_DPI   ? 
_refine.pdbx_overall_SU_R_free_Blow_DPI          ? 
_refine.pdbx_overall_SU_R_Blow_DPI               ? 
_refine.pdbx_TLS_residual_ADP_flag               ? 
_refine.pdbx_diffrn_id                           1 
_refine.overall_SU_B                             ? 
_refine.overall_SU_ML                            0.18 
_refine.overall_SU_R_Cruickshank_DPI             ? 
_refine.overall_SU_R_free                        ? 
_refine.overall_FOM_free_R_set                   ? 
_refine.overall_FOM_work_R_set                   ? 
_refine.pdbx_average_fsc_overall                 ? 
_refine.pdbx_average_fsc_work                    ? 
_refine.pdbx_average_fsc_free                    ? 
# 
_refine_hist.pdbx_refine_id                   'X-RAY DIFFRACTION' 
_refine_hist.cycle_id                         LAST 
_refine_hist.pdbx_number_atoms_protein        1530 
_refine_hist.pdbx_number_atoms_nucleic_acid   0 
_refine_hist.pdbx_number_atoms_ligand         0 
_refine_hist.number_atoms_solvent             153 
_refine_hist.number_atoms_total               1683 
_refine_hist.d_res_high                       1.999 
_refine_hist.d_res_low                        19.746 
# 
loop_
_refine_ls_restr.pdbx_refine_id 
_refine_ls_restr.criterion 
_refine_ls_restr.dev_ideal 
_refine_ls_restr.dev_ideal_target 
_refine_ls_restr.number 
_refine_ls_restr.rejects 
_refine_ls_restr.type 
_refine_ls_restr.weight 
_refine_ls_restr.pdbx_restraint_function 
'X-RAY DIFFRACTION' ? 0.007 ? 1555 ? f_bond_d           ? ? 
'X-RAY DIFFRACTION' ? 0.861 ? 2091 ? f_angle_d          ? ? 
'X-RAY DIFFRACTION' ? 2.433 ? 959  ? f_dihedral_angle_d ? ? 
'X-RAY DIFFRACTION' ? 0.057 ? 242  ? f_chiral_restr     ? ? 
'X-RAY DIFFRACTION' ? 0.005 ? 259  ? f_plane_restr      ? ? 
# 
loop_
_refine_ls_shell.pdbx_refine_id 
_refine_ls_shell.d_res_high 
_refine_ls_shell.d_res_low 
_refine_ls_shell.number_reflns_all 
_refine_ls_shell.number_reflns_obs 
_refine_ls_shell.number_reflns_R_free 
_refine_ls_shell.number_reflns_R_work 
_refine_ls_shell.percent_reflns_obs 
_refine_ls_shell.percent_reflns_R_free 
_refine_ls_shell.R_factor_all 
_refine_ls_shell.R_factor_obs 
_refine_ls_shell.R_factor_R_free 
_refine_ls_shell.R_factor_R_free_error 
_refine_ls_shell.R_factor_R_work 
_refine_ls_shell.redundancy_reflns_all 
_refine_ls_shell.redundancy_reflns_obs 
_refine_ls_shell.wR_factor_all 
_refine_ls_shell.wR_factor_obs 
_refine_ls_shell.wR_factor_R_free 
_refine_ls_shell.wR_factor_R_work 
_refine_ls_shell.pdbx_total_number_of_bins_used 
_refine_ls_shell.pdbx_phase_error 
_refine_ls_shell.pdbx_fsc_work 
_refine_ls_shell.pdbx_fsc_free 
'X-RAY DIFFRACTION' 1.9991 2.1044  . . 136 1594 96.00  . . . 0.2526 . 0.1873 . . . . . . . . . . 
'X-RAY DIFFRACTION' 2.1044 2.2360  . . 134 1662 100.00 . . . 0.2398 . 0.1845 . . . . . . . . . . 
'X-RAY DIFFRACTION' 2.2360 2.4084  . . 144 1653 100.00 . . . 0.2268 . 0.1924 . . . . . . . . . . 
'X-RAY DIFFRACTION' 2.4084 2.6502  . . 129 1685 100.00 . . . 0.2718 . 0.2091 . . . . . . . . . . 
'X-RAY DIFFRACTION' 2.6502 3.0326  . . 130 1685 100.00 . . . 0.2334 . 0.2118 . . . . . . . . . . 
'X-RAY DIFFRACTION' 3.0326 3.8162  . . 155 1712 100.00 . . . 0.2455 . 0.1916 . . . . . . . . . . 
'X-RAY DIFFRACTION' 3.8162 19.7471 . . 132 1806 99.00  . . . 0.1977 . 0.1905 . . . . . . . . . . 
# 
_struct.entry_id                     6JHZ 
_struct.title                        'Crystal structure of cas2' 
_struct.pdbx_model_details           ? 
_struct.pdbx_formula_weight          ? 
_struct.pdbx_formula_weight_method   ? 
_struct.pdbx_model_type_details      ? 
_struct.pdbx_CASP_flag               N 
# 
_struct_keywords.entry_id        6JHZ 
_struct_keywords.text            'crispr, cas2, RNA BINDING PROTEIN' 
_struct_keywords.pdbx_keywords   'RNA BINDING PROTEIN' 
# 
loop_
_struct_asym.id 
_struct_asym.pdbx_blank_PDB_chainid_flag 
_struct_asym.pdbx_modified 
_struct_asym.entity_id 
_struct_asym.details 
A N N 1 ? 
B N N 1 ? 
C N N 2 ? 
D N N 3 ? 
E N N 3 ? 
F N N 3 ? 
# 
loop_
_struct_ref.id 
_struct_ref.db_name 
_struct_ref.db_code 
_struct_ref.pdbx_db_accession 
_struct_ref.pdbx_db_isoform 
_struct_ref.entity_id 
_struct_ref.pdbx_seq_one_letter_code 
_struct_ref.pdbx_align_begin 
1 UNP CAS2_TREDE Q73QW4 ? 1 
;MRVIVFFDLPVITPENRHNYSVFRKYLIKSGFIMQQKSVYSKLVLNLTNRDSIVKSIEKNKPPEGLVEVLTVTEKQYAKM
EIIIGESKTEYLN
;
1 
2 PDB 6JHZ       6JHZ   ? 2 ?                                                                                                1 
# 
loop_
_struct_ref_seq.align_id 
_struct_ref_seq.ref_id 
_struct_ref_seq.pdbx_PDB_id_code 
_struct_ref_seq.pdbx_strand_id 
_struct_ref_seq.seq_align_beg 
_struct_ref_seq.pdbx_seq_align_beg_ins_code 
_struct_ref_seq.seq_align_end 
_struct_ref_seq.pdbx_seq_align_end_ins_code 
_struct_ref_seq.pdbx_db_accession 
_struct_ref_seq.db_align_beg 
_struct_ref_seq.pdbx_db_align_beg_ins_code 
_struct_ref_seq.db_align_end 
_struct_ref_seq.pdbx_db_align_end_ins_code 
_struct_ref_seq.pdbx_auth_seq_align_beg 
_struct_ref_seq.pdbx_auth_seq_align_end 
1 1 6JHZ A 1 ? 93 ? Q73QW4 1  ? 93 ? 1  93 
2 1 6JHZ B 1 ? 93 ? Q73QW4 1  ? 93 ? 1  93 
3 2 6JHZ Q 1 ? 5  ? 6JHZ   11 ? 15 ? 11 15 
# 
_pdbx_struct_assembly.id                   1 
_pdbx_struct_assembly.details              author_defined_assembly 
_pdbx_struct_assembly.method_details       ? 
_pdbx_struct_assembly.oligomeric_details   trimeric 
_pdbx_struct_assembly.oligomeric_count     3 
# 
_pdbx_struct_assembly_gen.assembly_id       1 
_pdbx_struct_assembly_gen.oper_expression   1 
_pdbx_struct_assembly_gen.asym_id_list      A,B,C,D,E,F 
# 
_pdbx_struct_assembly_auth_evidence.id                     1 
_pdbx_struct_assembly_auth_evidence.assembly_id            1 
_pdbx_struct_assembly_auth_evidence.experimental_support   homology 
_pdbx_struct_assembly_auth_evidence.details                ? 
# 
_pdbx_struct_oper_list.id                   1 
_pdbx_struct_oper_list.type                 'identity operation' 
_pdbx_struct_oper_list.name                 1_555 
_pdbx_struct_oper_list.symmetry_operation   x,y,z 
_pdbx_struct_oper_list.matrix[1][1]         1.0000000000 
_pdbx_struct_oper_list.matrix[1][2]         0.0000000000 
_pdbx_struct_oper_list.matrix[1][3]         0.0000000000 
_pdbx_struct_oper_list.vector[1]            0.0000000000 
_pdbx_struct_oper_list.matrix[2][1]         0.0000000000 
_pdbx_struct_oper_list.matrix[2][2]         1.0000000000 
_pdbx_struct_oper_list.matrix[2][3]         0.0000000000 
_pdbx_struct_oper_list.vector[2]            0.0000000000 
_pdbx_struct_oper_list.matrix[3][1]         0.0000000000 
_pdbx_struct_oper_list.matrix[3][2]         0.0000000000 
_pdbx_struct_oper_list.matrix[3][3]         1.0000000000 
_pdbx_struct_oper_list.vector[3]            0.0000000000 
# 
loop_
_struct_conf.conf_type_id 
_struct_conf.id 
_struct_conf.pdbx_PDB_helix_id 
_struct_conf.beg_label_comp_id 
_struct_conf.beg_label_asym_id 
_struct_conf.beg_label_seq_id 
_struct_conf.pdbx_beg_PDB_ins_code 
_struct_conf.end_label_comp_id 
_struct_conf.end_label_asym_id 
_struct_conf.end_label_seq_id 
_struct_conf.pdbx_end_PDB_ins_code 
_struct_conf.beg_auth_comp_id 
_struct_conf.beg_auth_asym_id 
_struct_conf.beg_auth_seq_id 
_struct_conf.end_auth_comp_id 
_struct_conf.end_auth_asym_id 
_struct_conf.end_auth_seq_id 
_struct_conf.pdbx_PDB_helix_class 
_struct_conf.details 
_struct_conf.pdbx_PDB_helix_length 
HELX_P HELX_P1 AA1 THR A 13 ? SER A 30 ? THR A 13 SER A 30 1 ? 18 
HELX_P HELX_P2 AA2 ASN A 46 ? ASN A 60 ? ASN A 46 ASN A 60 1 ? 15 
HELX_P HELX_P3 AA3 THR A 73 ? LYS A 79 ? THR A 73 LYS A 79 1 ? 7  
HELX_P HELX_P4 AA4 THR B 13 ? SER B 30 ? THR B 13 SER B 30 1 ? 18 
HELX_P HELX_P5 AA5 ASN B 46 ? ASN B 60 ? ASN B 46 ASN B 60 1 ? 15 
HELX_P HELX_P6 AA6 THR B 73 ? LYS B 79 ? THR B 73 LYS B 79 1 ? 7  
# 
_struct_conf_type.id          HELX_P 
_struct_conf_type.criteria    ? 
_struct_conf_type.reference   ? 
# 
loop_
_struct_sheet.id 
_struct_sheet.type 
_struct_sheet.number_strands 
_struct_sheet.details 
AA1 ? 5 ? 
AA2 ? 5 ? 
# 
loop_
_struct_sheet_order.sheet_id 
_struct_sheet_order.range_id_1 
_struct_sheet_order.range_id_2 
_struct_sheet_order.offset 
_struct_sheet_order.sense 
AA1 1 2 ? anti-parallel 
AA1 2 3 ? anti-parallel 
AA1 3 4 ? anti-parallel 
AA1 4 5 ? anti-parallel 
AA2 1 2 ? anti-parallel 
AA2 2 3 ? anti-parallel 
AA2 3 4 ? anti-parallel 
AA2 4 5 ? anti-parallel 
# 
loop_
_struct_sheet_range.sheet_id 
_struct_sheet_range.id 
_struct_sheet_range.beg_label_comp_id 
_struct_sheet_range.beg_label_asym_id 
_struct_sheet_range.beg_label_seq_id 
_struct_sheet_range.pdbx_beg_PDB_ins_code 
_struct_sheet_range.end_label_comp_id 
_struct_sheet_range.end_label_asym_id 
_struct_sheet_range.end_label_seq_id 
_struct_sheet_range.pdbx_end_PDB_ins_code 
_struct_sheet_range.beg_auth_comp_id 
_struct_sheet_range.beg_auth_asym_id 
_struct_sheet_range.beg_auth_seq_id 
_struct_sheet_range.end_auth_comp_id 
_struct_sheet_range.end_auth_asym_id 
_struct_sheet_range.end_auth_seq_id 
AA1 1 ILE A 33 ? GLN A 36 ? ILE A 33 GLN A 36 
AA1 2 VAL A 39 ? LEU A 43 ? VAL A 39 LEU A 43 
AA1 3 ARG A 2  ? ASP A 8  ? ARG A 2  ASP A 8  
AA1 4 LEU A 66 ? VAL A 72 ? LEU A 66 VAL A 72 
AA1 5 GLU B 81 ? ILE B 84 ? GLU B 81 ILE B 84 
AA2 1 GLU A 81 ? ILE A 84 ? GLU A 81 ILE A 84 
AA2 2 LEU B 66 ? THR B 71 ? LEU B 66 THR B 71 
AA2 3 VAL B 3  ? ASP B 8  ? VAL B 3  ASP B 8  
AA2 4 VAL B 39 ? LYS B 42 ? VAL B 39 LYS B 42 
AA2 5 ILE B 33 ? GLN B 36 ? ILE B 33 GLN B 36 
# 
loop_
_pdbx_struct_sheet_hbond.sheet_id 
_pdbx_struct_sheet_hbond.range_id_1 
_pdbx_struct_sheet_hbond.range_id_2 
_pdbx_struct_sheet_hbond.range_1_label_atom_id 
_pdbx_struct_sheet_hbond.range_1_label_comp_id 
_pdbx_struct_sheet_hbond.range_1_label_asym_id 
_pdbx_struct_sheet_hbond.range_1_label_seq_id 
_pdbx_struct_sheet_hbond.range_1_PDB_ins_code 
_pdbx_struct_sheet_hbond.range_1_auth_atom_id 
_pdbx_struct_sheet_hbond.range_1_auth_comp_id 
_pdbx_struct_sheet_hbond.range_1_auth_asym_id 
_pdbx_struct_sheet_hbond.range_1_auth_seq_id 
_pdbx_struct_sheet_hbond.range_2_label_atom_id 
_pdbx_struct_sheet_hbond.range_2_label_comp_id 
_pdbx_struct_sheet_hbond.range_2_label_asym_id 
_pdbx_struct_sheet_hbond.range_2_label_seq_id 
_pdbx_struct_sheet_hbond.range_2_PDB_ins_code 
_pdbx_struct_sheet_hbond.range_2_auth_atom_id 
_pdbx_struct_sheet_hbond.range_2_auth_comp_id 
_pdbx_struct_sheet_hbond.range_2_auth_asym_id 
_pdbx_struct_sheet_hbond.range_2_auth_seq_id 
AA1 1 2 N ILE A 33 ? N ILE A 33 O SER A 41 ? O SER A 41 
AA1 2 3 O TYR A 40 ? O TYR A 40 N VAL A 5  ? N VAL A 5  
AA1 3 4 N ILE A 4  ? N ILE A 4  O LEU A 70 ? O LEU A 70 
AA1 4 5 N VAL A 67 ? N VAL A 67 O ILE B 83 ? O ILE B 83 
AA2 1 2 N ILE A 83 ? N ILE A 83 O VAL B 67 ? O VAL B 67 
AA2 2 3 O LEU B 70 ? O LEU B 70 N ILE B 4  ? N ILE B 4  
AA2 3 4 N VAL B 5  ? N VAL B 5  O TYR B 40 ? O TYR B 40 
AA2 4 5 O VAL B 39 ? O VAL B 39 N GLN B 35 ? N GLN B 35 
# 
loop_
_pdbx_validate_close_contact.id 
_pdbx_validate_close_contact.PDB_model_num 
_pdbx_validate_close_contact.auth_atom_id_1 
_pdbx_validate_close_contact.auth_asym_id_1 
_pdbx_validate_close_contact.auth_comp_id_1 
_pdbx_validate_close_contact.auth_seq_id_1 
_pdbx_validate_close_contact.PDB_ins_code_1 
_pdbx_validate_close_contact.label_alt_id_1 
_pdbx_validate_close_contact.auth_atom_id_2 
_pdbx_validate_close_contact.auth_asym_id_2 
_pdbx_validate_close_contact.auth_comp_id_2 
_pdbx_validate_close_contact.auth_seq_id_2 
_pdbx_validate_close_contact.PDB_ins_code_2 
_pdbx_validate_close_contact.label_alt_id_2 
_pdbx_validate_close_contact.dist 
1 1 O   Q HOH 101 ? ? O Q HOH 104 ? ? 1.62 
2 1 OE2 A GLU 90  ? ? O A HOH 101 ? ? 1.98 
3 1 O   B HOH 107 ? ? O B HOH 168 ? ? 2.03 
4 1 O   A HOH 145 ? ? O A HOH 164 ? ? 2.10 
# 
_pdbx_validate_symm_contact.id                1 
_pdbx_validate_symm_contact.PDB_model_num     1 
_pdbx_validate_symm_contact.auth_atom_id_1    O 
_pdbx_validate_symm_contact.auth_asym_id_1    A 
_pdbx_validate_symm_contact.auth_comp_id_1    HOH 
_pdbx_validate_symm_contact.auth_seq_id_1     165 
_pdbx_validate_symm_contact.PDB_ins_code_1    ? 
_pdbx_validate_symm_contact.label_alt_id_1    ? 
_pdbx_validate_symm_contact.site_symmetry_1   1_555 
_pdbx_validate_symm_contact.auth_atom_id_2    O 
_pdbx_validate_symm_contact.auth_asym_id_2    B 
_pdbx_validate_symm_contact.auth_comp_id_2    HOH 
_pdbx_validate_symm_contact.auth_seq_id_2     172 
_pdbx_validate_symm_contact.PDB_ins_code_2    ? 
_pdbx_validate_symm_contact.label_alt_id_2    ? 
_pdbx_validate_symm_contact.site_symmetry_2   1_655 
_pdbx_validate_symm_contact.dist              2.15 
# 
_pdbx_distant_solvent_atoms.id                                1 
_pdbx_distant_solvent_atoms.PDB_model_num                     1 
_pdbx_distant_solvent_atoms.auth_atom_id                      O 
_pdbx_distant_solvent_atoms.label_alt_id                      ? 
_pdbx_distant_solvent_atoms.auth_asym_id                      B 
_pdbx_distant_solvent_atoms.auth_comp_id                      HOH 
_pdbx_distant_solvent_atoms.auth_seq_id                       177 
_pdbx_distant_solvent_atoms.PDB_ins_code                      ? 
_pdbx_distant_solvent_atoms.neighbor_macromolecule_distance   5.96 
_pdbx_distant_solvent_atoms.neighbor_ligand_distance          . 
# 
loop_
_pdbx_unobs_or_zero_occ_residues.id 
_pdbx_unobs_or_zero_occ_residues.PDB_model_num 
_pdbx_unobs_or_zero_occ_residues.polymer_flag 
_pdbx_unobs_or_zero_occ_residues.occupancy_flag 
_pdbx_unobs_or_zero_occ_residues.auth_asym_id 
_pdbx_unobs_or_zero_occ_residues.auth_comp_id 
_pdbx_unobs_or_zero_occ_residues.auth_seq_id 
_pdbx_unobs_or_zero_occ_residues.PDB_ins_code 
_pdbx_unobs_or_zero_occ_residues.label_asym_id 
_pdbx_unobs_or_zero_occ_residues.label_comp_id 
_pdbx_unobs_or_zero_occ_residues.label_seq_id 
1 1 Y 1 B MET 1  ? B MET 1  
2 1 Y 1 B ASN 93 ? B ASN 93 
# 
loop_
_chem_comp_atom.comp_id 
_chem_comp_atom.atom_id 
_chem_comp_atom.type_symbol 
_chem_comp_atom.pdbx_aromatic_flag 
_chem_comp_atom.pdbx_stereo_config 
_chem_comp_atom.pdbx_ordinal 
ALA N    N N N 1   
ALA CA   C N S 2   
ALA C    C N N 3   
ALA O    O N N 4   
ALA CB   C N N 5   
ALA OXT  O N N 6   
ALA H    H N N 7   
ALA H2   H N N 8   
ALA HA   H N N 9   
ALA HB1  H N N 10  
ALA HB2  H N N 11  
ALA HB3  H N N 12  
ALA HXT  H N N 13  
ARG N    N N N 14  
ARG CA   C N S 15  
ARG C    C N N 16  
ARG O    O N N 17  
ARG CB   C N N 18  
ARG CG   C N N 19  
ARG CD   C N N 20  
ARG NE   N N N 21  
ARG CZ   C N N 22  
ARG NH1  N N N 23  
ARG NH2  N N N 24  
ARG OXT  O N N 25  
ARG H    H N N 26  
ARG H2   H N N 27  
ARG HA   H N N 28  
ARG HB2  H N N 29  
ARG HB3  H N N 30  
ARG HG2  H N N 31  
ARG HG3  H N N 32  
ARG HD2  H N N 33  
ARG HD3  H N N 34  
ARG HE   H N N 35  
ARG HH11 H N N 36  
ARG HH12 H N N 37  
ARG HH21 H N N 38  
ARG HH22 H N N 39  
ARG HXT  H N N 40  
ASN N    N N N 41  
ASN CA   C N S 42  
ASN C    C N N 43  
ASN O    O N N 44  
ASN CB   C N N 45  
ASN CG   C N N 46  
ASN OD1  O N N 47  
ASN ND2  N N N 48  
ASN OXT  O N N 49  
ASN H    H N N 50  
ASN H2   H N N 51  
ASN HA   H N N 52  
ASN HB2  H N N 53  
ASN HB3  H N N 54  
ASN HD21 H N N 55  
ASN HD22 H N N 56  
ASN HXT  H N N 57  
ASP N    N N N 58  
ASP CA   C N S 59  
ASP C    C N N 60  
ASP O    O N N 61  
ASP CB   C N N 62  
ASP CG   C N N 63  
ASP OD1  O N N 64  
ASP OD2  O N N 65  
ASP OXT  O N N 66  
ASP H    H N N 67  
ASP H2   H N N 68  
ASP HA   H N N 69  
ASP HB2  H N N 70  
ASP HB3  H N N 71  
ASP HD2  H N N 72  
ASP HXT  H N N 73  
GLN N    N N N 74  
GLN CA   C N S 75  
GLN C    C N N 76  
GLN O    O N N 77  
GLN CB   C N N 78  
GLN CG   C N N 79  
GLN CD   C N N 80  
GLN OE1  O N N 81  
GLN NE2  N N N 82  
GLN OXT  O N N 83  
GLN H    H N N 84  
GLN H2   H N N 85  
GLN HA   H N N 86  
GLN HB2  H N N 87  
GLN HB3  H N N 88  
GLN HG2  H N N 89  
GLN HG3  H N N 90  
GLN HE21 H N N 91  
GLN HE22 H N N 92  
GLN HXT  H N N 93  
GLU N    N N N 94  
GLU CA   C N S 95  
GLU C    C N N 96  
GLU O    O N N 97  
GLU CB   C N N 98  
GLU CG   C N N 99  
GLU CD   C N N 100 
GLU OE1  O N N 101 
GLU OE2  O N N 102 
GLU OXT  O N N 103 
GLU H    H N N 104 
GLU H2   H N N 105 
GLU HA   H N N 106 
GLU HB2  H N N 107 
GLU HB3  H N N 108 
GLU HG2  H N N 109 
GLU HG3  H N N 110 
GLU HE2  H N N 111 
GLU HXT  H N N 112 
GLY N    N N N 113 
GLY CA   C N N 114 
GLY C    C N N 115 
GLY O    O N N 116 
GLY OXT  O N N 117 
GLY H    H N N 118 
GLY H2   H N N 119 
GLY HA2  H N N 120 
GLY HA3  H N N 121 
GLY HXT  H N N 122 
HIS N    N N N 123 
HIS CA   C N S 124 
HIS C    C N N 125 
HIS O    O N N 126 
HIS CB   C N N 127 
HIS CG   C Y N 128 
HIS ND1  N Y N 129 
HIS CD2  C Y N 130 
HIS CE1  C Y N 131 
HIS NE2  N Y N 132 
HIS OXT  O N N 133 
HIS H    H N N 134 
HIS H2   H N N 135 
HIS HA   H N N 136 
HIS HB2  H N N 137 
HIS HB3  H N N 138 
HIS HD1  H N N 139 
HIS HD2  H N N 140 
HIS HE1  H N N 141 
HIS HE2  H N N 142 
HIS HXT  H N N 143 
HOH O    O N N 144 
HOH H1   H N N 145 
HOH H2   H N N 146 
ILE N    N N N 147 
ILE CA   C N S 148 
ILE C    C N N 149 
ILE O    O N N 150 
ILE CB   C N S 151 
ILE CG1  C N N 152 
ILE CG2  C N N 153 
ILE CD1  C N N 154 
ILE OXT  O N N 155 
ILE H    H N N 156 
ILE H2   H N N 157 
ILE HA   H N N 158 
ILE HB   H N N 159 
ILE HG12 H N N 160 
ILE HG13 H N N 161 
ILE HG21 H N N 162 
ILE HG22 H N N 163 
ILE HG23 H N N 164 
ILE HD11 H N N 165 
ILE HD12 H N N 166 
ILE HD13 H N N 167 
ILE HXT  H N N 168 
LEU N    N N N 169 
LEU CA   C N S 170 
LEU C    C N N 171 
LEU O    O N N 172 
LEU CB   C N N 173 
LEU CG   C N N 174 
LEU CD1  C N N 175 
LEU CD2  C N N 176 
LEU OXT  O N N 177 
LEU H    H N N 178 
LEU H2   H N N 179 
LEU HA   H N N 180 
LEU HB2  H N N 181 
LEU HB3  H N N 182 
LEU HG   H N N 183 
LEU HD11 H N N 184 
LEU HD12 H N N 185 
LEU HD13 H N N 186 
LEU HD21 H N N 187 
LEU HD22 H N N 188 
LEU HD23 H N N 189 
LEU HXT  H N N 190 
LYS N    N N N 191 
LYS CA   C N S 192 
LYS C    C N N 193 
LYS O    O N N 194 
LYS CB   C N N 195 
LYS CG   C N N 196 
LYS CD   C N N 197 
LYS CE   C N N 198 
LYS NZ   N N N 199 
LYS OXT  O N N 200 
LYS H    H N N 201 
LYS H2   H N N 202 
LYS HA   H N N 203 
LYS HB2  H N N 204 
LYS HB3  H N N 205 
LYS HG2  H N N 206 
LYS HG3  H N N 207 
LYS HD2  H N N 208 
LYS HD3  H N N 209 
LYS HE2  H N N 210 
LYS HE3  H N N 211 
LYS HZ1  H N N 212 
LYS HZ2  H N N 213 
LYS HZ3  H N N 214 
LYS HXT  H N N 215 
MET N    N N N 216 
MET CA   C N S 217 
MET C    C N N 218 
MET O    O N N 219 
MET CB   C N N 220 
MET CG   C N N 221 
MET SD   S N N 222 
MET CE   C N N 223 
MET OXT  O N N 224 
MET H    H N N 225 
MET H2   H N N 226 
MET HA   H N N 227 
MET HB2  H N N 228 
MET HB3  H N N 229 
MET HG2  H N N 230 
MET HG3  H N N 231 
MET HE1  H N N 232 
MET HE2  H N N 233 
MET HE3  H N N 234 
MET HXT  H N N 235 
PHE N    N N N 236 
PHE CA   C N S 237 
PHE C    C N N 238 
PHE O    O N N 239 
PHE CB   C N N 240 
PHE CG   C Y N 241 
PHE CD1  C Y N 242 
PHE CD2  C Y N 243 
PHE CE1  C Y N 244 
PHE CE2  C Y N 245 
PHE CZ   C Y N 246 
PHE OXT  O N N 247 
PHE H    H N N 248 
PHE H2   H N N 249 
PHE HA   H N N 250 
PHE HB2  H N N 251 
PHE HB3  H N N 252 
PHE HD1  H N N 253 
PHE HD2  H N N 254 
PHE HE1  H N N 255 
PHE HE2  H N N 256 
PHE HZ   H N N 257 
PHE HXT  H N N 258 
PRO N    N N N 259 
PRO CA   C N S 260 
PRO C    C N N 261 
PRO O    O N N 262 
PRO CB   C N N 263 
PRO CG   C N N 264 
PRO CD   C N N 265 
PRO OXT  O N N 266 
PRO H    H N N 267 
PRO HA   H N N 268 
PRO HB2  H N N 269 
PRO HB3  H N N 270 
PRO HG2  H N N 271 
PRO HG3  H N N 272 
PRO HD2  H N N 273 
PRO HD3  H N N 274 
PRO HXT  H N N 275 
SER N    N N N 276 
SER CA   C N S 277 
SER C    C N N 278 
SER O    O N N 279 
SER CB   C N N 280 
SER OG   O N N 281 
SER OXT  O N N 282 
SER H    H N N 283 
SER H2   H N N 284 
SER HA   H N N 285 
SER HB2  H N N 286 
SER HB3  H N N 287 
SER HG   H N N 288 
SER HXT  H N N 289 
THR N    N N N 290 
THR CA   C N S 291 
THR C    C N N 292 
THR O    O N N 293 
THR CB   C N R 294 
THR OG1  O N N 295 
THR CG2  C N N 296 
THR OXT  O N N 297 
THR H    H N N 298 
THR H2   H N N 299 
THR HA   H N N 300 
THR HB   H N N 301 
THR HG1  H N N 302 
THR HG21 H N N 303 
THR HG22 H N N 304 
THR HG23 H N N 305 
THR HXT  H N N 306 
TYR N    N N N 307 
TYR CA   C N S 308 
TYR C    C N N 309 
TYR O    O N N 310 
TYR CB   C N N 311 
TYR CG   C Y N 312 
TYR CD1  C Y N 313 
TYR CD2  C Y N 314 
TYR CE1  C Y N 315 
TYR CE2  C Y N 316 
TYR CZ   C Y N 317 
TYR OH   O N N 318 
TYR OXT  O N N 319 
TYR H    H N N 320 
TYR H2   H N N 321 
TYR HA   H N N 322 
TYR HB2  H N N 323 
TYR HB3  H N N 324 
TYR HD1  H N N 325 
TYR HD2  H N N 326 
TYR HE1  H N N 327 
TYR HE2  H N N 328 
TYR HH   H N N 329 
TYR HXT  H N N 330 
VAL N    N N N 331 
VAL CA   C N S 332 
VAL C    C N N 333 
VAL O    O N N 334 
VAL CB   C N N 335 
VAL CG1  C N N 336 
VAL CG2  C N N 337 
VAL OXT  O N N 338 
VAL H    H N N 339 
VAL H2   H N N 340 
VAL HA   H N N 341 
VAL HB   H N N 342 
VAL HG11 H N N 343 
VAL HG12 H N N 344 
VAL HG13 H N N 345 
VAL HG21 H N N 346 
VAL HG22 H N N 347 
VAL HG23 H N N 348 
VAL HXT  H N N 349 
# 
loop_
_chem_comp_bond.comp_id 
_chem_comp_bond.atom_id_1 
_chem_comp_bond.atom_id_2 
_chem_comp_bond.value_order 
_chem_comp_bond.pdbx_aromatic_flag 
_chem_comp_bond.pdbx_stereo_config 
_chem_comp_bond.pdbx_ordinal 
ALA N   CA   sing N N 1   
ALA N   H    sing N N 2   
ALA N   H2   sing N N 3   
ALA CA  C    sing N N 4   
ALA CA  CB   sing N N 5   
ALA CA  HA   sing N N 6   
ALA C   O    doub N N 7   
ALA C   OXT  sing N N 8   
ALA CB  HB1  sing N N 9   
ALA CB  HB2  sing N N 10  
ALA CB  HB3  sing N N 11  
ALA OXT HXT  sing N N 12  
ARG N   CA   sing N N 13  
ARG N   H    sing N N 14  
ARG N   H2   sing N N 15  
ARG CA  C    sing N N 16  
ARG CA  CB   sing N N 17  
ARG CA  HA   sing N N 18  
ARG C   O    doub N N 19  
ARG C   OXT  sing N N 20  
ARG CB  CG   sing N N 21  
ARG CB  HB2  sing N N 22  
ARG CB  HB3  sing N N 23  
ARG CG  CD   sing N N 24  
ARG CG  HG2  sing N N 25  
ARG CG  HG3  sing N N 26  
ARG CD  NE   sing N N 27  
ARG CD  HD2  sing N N 28  
ARG CD  HD3  sing N N 29  
ARG NE  CZ   sing N N 30  
ARG NE  HE   sing N N 31  
ARG CZ  NH1  sing N N 32  
ARG CZ  NH2  doub N N 33  
ARG NH1 HH11 sing N N 34  
ARG NH1 HH12 sing N N 35  
ARG NH2 HH21 sing N N 36  
ARG NH2 HH22 sing N N 37  
ARG OXT HXT  sing N N 38  
ASN N   CA   sing N N 39  
ASN N   H    sing N N 40  
ASN N   H2   sing N N 41  
ASN CA  C    sing N N 42  
ASN CA  CB   sing N N 43  
ASN CA  HA   sing N N 44  
ASN C   O    doub N N 45  
ASN C   OXT  sing N N 46  
ASN CB  CG   sing N N 47  
ASN CB  HB2  sing N N 48  
ASN CB  HB3  sing N N 49  
ASN CG  OD1  doub N N 50  
ASN CG  ND2  sing N N 51  
ASN ND2 HD21 sing N N 52  
ASN ND2 HD22 sing N N 53  
ASN OXT HXT  sing N N 54  
ASP N   CA   sing N N 55  
ASP N   H    sing N N 56  
ASP N   H2   sing N N 57  
ASP CA  C    sing N N 58  
ASP CA  CB   sing N N 59  
ASP CA  HA   sing N N 60  
ASP C   O    doub N N 61  
ASP C   OXT  sing N N 62  
ASP CB  CG   sing N N 63  
ASP CB  HB2  sing N N 64  
ASP CB  HB3  sing N N 65  
ASP CG  OD1  doub N N 66  
ASP CG  OD2  sing N N 67  
ASP OD2 HD2  sing N N 68  
ASP OXT HXT  sing N N 69  
GLN N   CA   sing N N 70  
GLN N   H    sing N N 71  
GLN N   H2   sing N N 72  
GLN CA  C    sing N N 73  
GLN CA  CB   sing N N 74  
GLN CA  HA   sing N N 75  
GLN C   O    doub N N 76  
GLN C   OXT  sing N N 77  
GLN CB  CG   sing N N 78  
GLN CB  HB2  sing N N 79  
GLN CB  HB3  sing N N 80  
GLN CG  CD   sing N N 81  
GLN CG  HG2  sing N N 82  
GLN CG  HG3  sing N N 83  
GLN CD  OE1  doub N N 84  
GLN CD  NE2  sing N N 85  
GLN NE2 HE21 sing N N 86  
GLN NE2 HE22 sing N N 87  
GLN OXT HXT  sing N N 88  
GLU N   CA   sing N N 89  
GLU N   H    sing N N 90  
GLU N   H2   sing N N 91  
GLU CA  C    sing N N 92  
GLU CA  CB   sing N N 93  
GLU CA  HA   sing N N 94  
GLU C   O    doub N N 95  
GLU C   OXT  sing N N 96  
GLU CB  CG   sing N N 97  
GLU CB  HB2  sing N N 98  
GLU CB  HB3  sing N N 99  
GLU CG  CD   sing N N 100 
GLU CG  HG2  sing N N 101 
GLU CG  HG3  sing N N 102 
GLU CD  OE1  doub N N 103 
GLU CD  OE2  sing N N 104 
GLU OE2 HE2  sing N N 105 
GLU OXT HXT  sing N N 106 
GLY N   CA   sing N N 107 
GLY N   H    sing N N 108 
GLY N   H2   sing N N 109 
GLY CA  C    sing N N 110 
GLY CA  HA2  sing N N 111 
GLY CA  HA3  sing N N 112 
GLY C   O    doub N N 113 
GLY C   OXT  sing N N 114 
GLY OXT HXT  sing N N 115 
HIS N   CA   sing N N 116 
HIS N   H    sing N N 117 
HIS N   H2   sing N N 118 
HIS CA  C    sing N N 119 
HIS CA  CB   sing N N 120 
HIS CA  HA   sing N N 121 
HIS C   O    doub N N 122 
HIS C   OXT  sing N N 123 
HIS CB  CG   sing N N 124 
HIS CB  HB2  sing N N 125 
HIS CB  HB3  sing N N 126 
HIS CG  ND1  sing Y N 127 
HIS CG  CD2  doub Y N 128 
HIS ND1 CE1  doub Y N 129 
HIS ND1 HD1  sing N N 130 
HIS CD2 NE2  sing Y N 131 
HIS CD2 HD2  sing N N 132 
HIS CE1 NE2  sing Y N 133 
HIS CE1 HE1  sing N N 134 
HIS NE2 HE2  sing N N 135 
HIS OXT HXT  sing N N 136 
HOH O   H1   sing N N 137 
HOH O   H2   sing N N 138 
ILE N   CA   sing N N 139 
ILE N   H    sing N N 140 
ILE N   H2   sing N N 141 
ILE CA  C    sing N N 142 
ILE CA  CB   sing N N 143 
ILE CA  HA   sing N N 144 
ILE C   O    doub N N 145 
ILE C   OXT  sing N N 146 
ILE CB  CG1  sing N N 147 
ILE CB  CG2  sing N N 148 
ILE CB  HB   sing N N 149 
ILE CG1 CD1  sing N N 150 
ILE CG1 HG12 sing N N 151 
ILE CG1 HG13 sing N N 152 
ILE CG2 HG21 sing N N 153 
ILE CG2 HG22 sing N N 154 
ILE CG2 HG23 sing N N 155 
ILE CD1 HD11 sing N N 156 
ILE CD1 HD12 sing N N 157 
ILE CD1 HD13 sing N N 158 
ILE OXT HXT  sing N N 159 
LEU N   CA   sing N N 160 
LEU N   H    sing N N 161 
LEU N   H2   sing N N 162 
LEU CA  C    sing N N 163 
LEU CA  CB   sing N N 164 
LEU CA  HA   sing N N 165 
LEU C   O    doub N N 166 
LEU C   OXT  sing N N 167 
LEU CB  CG   sing N N 168 
LEU CB  HB2  sing N N 169 
LEU CB  HB3  sing N N 170 
LEU CG  CD1  sing N N 171 
LEU CG  CD2  sing N N 172 
LEU CG  HG   sing N N 173 
LEU CD1 HD11 sing N N 174 
LEU CD1 HD12 sing N N 175 
LEU CD1 HD13 sing N N 176 
LEU CD2 HD21 sing N N 177 
LEU CD2 HD22 sing N N 178 
LEU CD2 HD23 sing N N 179 
LEU OXT HXT  sing N N 180 
LYS N   CA   sing N N 181 
LYS N   H    sing N N 182 
LYS N   H2   sing N N 183 
LYS CA  C    sing N N 184 
LYS CA  CB   sing N N 185 
LYS CA  HA   sing N N 186 
LYS C   O    doub N N 187 
LYS C   OXT  sing N N 188 
LYS CB  CG   sing N N 189 
LYS CB  HB2  sing N N 190 
LYS CB  HB3  sing N N 191 
LYS CG  CD   sing N N 192 
LYS CG  HG2  sing N N 193 
LYS CG  HG3  sing N N 194 
LYS CD  CE   sing N N 195 
LYS CD  HD2  sing N N 196 
LYS CD  HD3  sing N N 197 
LYS CE  NZ   sing N N 198 
LYS CE  HE2  sing N N 199 
LYS CE  HE3  sing N N 200 
LYS NZ  HZ1  sing N N 201 
LYS NZ  HZ2  sing N N 202 
LYS NZ  HZ3  sing N N 203 
LYS OXT HXT  sing N N 204 
MET N   CA   sing N N 205 
MET N   H    sing N N 206 
MET N   H2   sing N N 207 
MET CA  C    sing N N 208 
MET CA  CB   sing N N 209 
MET CA  HA   sing N N 210 
MET C   O    doub N N 211 
MET C   OXT  sing N N 212 
MET CB  CG   sing N N 213 
MET CB  HB2  sing N N 214 
MET CB  HB3  sing N N 215 
MET CG  SD   sing N N 216 
MET CG  HG2  sing N N 217 
MET CG  HG3  sing N N 218 
MET SD  CE   sing N N 219 
MET CE  HE1  sing N N 220 
MET CE  HE2  sing N N 221 
MET CE  HE3  sing N N 222 
MET OXT HXT  sing N N 223 
PHE N   CA   sing N N 224 
PHE N   H    sing N N 225 
PHE N   H2   sing N N 226 
PHE CA  C    sing N N 227 
PHE CA  CB   sing N N 228 
PHE CA  HA   sing N N 229 
PHE C   O    doub N N 230 
PHE C   OXT  sing N N 231 
PHE CB  CG   sing N N 232 
PHE CB  HB2  sing N N 233 
PHE CB  HB3  sing N N 234 
PHE CG  CD1  doub Y N 235 
PHE CG  CD2  sing Y N 236 
PHE CD1 CE1  sing Y N 237 
PHE CD1 HD1  sing N N 238 
PHE CD2 CE2  doub Y N 239 
PHE CD2 HD2  sing N N 240 
PHE CE1 CZ   doub Y N 241 
PHE CE1 HE1  sing N N 242 
PHE CE2 CZ   sing Y N 243 
PHE CE2 HE2  sing N N 244 
PHE CZ  HZ   sing N N 245 
PHE OXT HXT  sing N N 246 
PRO N   CA   sing N N 247 
PRO N   CD   sing N N 248 
PRO N   H    sing N N 249 
PRO CA  C    sing N N 250 
PRO CA  CB   sing N N 251 
PRO CA  HA   sing N N 252 
PRO C   O    doub N N 253 
PRO C   OXT  sing N N 254 
PRO CB  CG   sing N N 255 
PRO CB  HB2  sing N N 256 
PRO CB  HB3  sing N N 257 
PRO CG  CD   sing N N 258 
PRO CG  HG2  sing N N 259 
PRO CG  HG3  sing N N 260 
PRO CD  HD2  sing N N 261 
PRO CD  HD3  sing N N 262 
PRO OXT HXT  sing N N 263 
SER N   CA   sing N N 264 
SER N   H    sing N N 265 
SER N   H2   sing N N 266 
SER CA  C    sing N N 267 
SER CA  CB   sing N N 268 
SER CA  HA   sing N N 269 
SER C   O    doub N N 270 
SER C   OXT  sing N N 271 
SER CB  OG   sing N N 272 
SER CB  HB2  sing N N 273 
SER CB  HB3  sing N N 274 
SER OG  HG   sing N N 275 
SER OXT HXT  sing N N 276 
THR N   CA   sing N N 277 
THR N   H    sing N N 278 
THR N   H2   sing N N 279 
THR CA  C    sing N N 280 
THR CA  CB   sing N N 281 
THR CA  HA   sing N N 282 
THR C   O    doub N N 283 
THR C   OXT  sing N N 284 
THR CB  OG1  sing N N 285 
THR CB  CG2  sing N N 286 
THR CB  HB   sing N N 287 
THR OG1 HG1  sing N N 288 
THR CG2 HG21 sing N N 289 
THR CG2 HG22 sing N N 290 
THR CG2 HG23 sing N N 291 
THR OXT HXT  sing N N 292 
TYR N   CA   sing N N 293 
TYR N   H    sing N N 294 
TYR N   H2   sing N N 295 
TYR CA  C    sing N N 296 
TYR CA  CB   sing N N 297 
TYR CA  HA   sing N N 298 
TYR C   O    doub N N 299 
TYR C   OXT  sing N N 300 
TYR CB  CG   sing N N 301 
TYR CB  HB2  sing N N 302 
TYR CB  HB3  sing N N 303 
TYR CG  CD1  doub Y N 304 
TYR CG  CD2  sing Y N 305 
TYR CD1 CE1  sing Y N 306 
TYR CD1 HD1  sing N N 307 
TYR CD2 CE2  doub Y N 308 
TYR CD2 HD2  sing N N 309 
TYR CE1 CZ   doub Y N 310 
TYR CE1 HE1  sing N N 311 
TYR CE2 CZ   sing Y N 312 
TYR CE2 HE2  sing N N 313 
TYR CZ  OH   sing N N 314 
TYR OH  HH   sing N N 315 
TYR OXT HXT  sing N N 316 
VAL N   CA   sing N N 317 
VAL N   H    sing N N 318 
VAL N   H2   sing N N 319 
VAL CA  C    sing N N 320 
VAL CA  CB   sing N N 321 
VAL CA  HA   sing N N 322 
VAL C   O    doub N N 323 
VAL C   OXT  sing N N 324 
VAL CB  CG1  sing N N 325 
VAL CB  CG2  sing N N 326 
VAL CB  HB   sing N N 327 
VAL CG1 HG11 sing N N 328 
VAL CG1 HG12 sing N N 329 
VAL CG1 HG13 sing N N 330 
VAL CG2 HG21 sing N N 331 
VAL CG2 HG22 sing N N 332 
VAL CG2 HG23 sing N N 333 
VAL OXT HXT  sing N N 334 
# 
_atom_sites.entry_id                    6JHZ 
_atom_sites.fract_transf_matrix[1][1]   -0.01374793 
_atom_sites.fract_transf_matrix[1][2]   -0.00835078 
_atom_sites.fract_transf_matrix[1][3]   -0.03399110 
_atom_sites.fract_transf_matrix[2][1]   0.00707897 
_atom_sites.fract_transf_matrix[2][2]   0.00968406 
_atom_sites.fract_transf_matrix[2][3]   -0.00524227 
_atom_sites.fract_transf_matrix[3][1]   0.00856525 
_atom_sites.fract_transf_matrix[3][2]   -0.00718138 
_atom_sites.fract_transf_matrix[3][3]   -0.00169999 
_atom_sites.fract_transf_vector[1]      0.278430 
_atom_sites.fract_transf_vector[2]      0.503301 
_atom_sites.fract_transf_vector[3]      0.163563 
# 
loop_
_atom_type.symbol 
C 
N 
O 
S 
# 
loop_
_atom_site.group_PDB 
_atom_site.id 
_atom_site.type_symbol 
_atom_site.label_atom_id 
_atom_site.label_alt_id 
_atom_site.label_comp_id 
_atom_site.label_asym_id 
_atom_site.label_entity_id 
_atom_site.label_seq_id 
_atom_site.pdbx_PDB_ins_code 
_atom_site.Cartn_x 
_atom_site.Cartn_y 
_atom_site.Cartn_z 
_atom_site.occupancy 
_atom_site.B_iso_or_equiv 
_atom_site.pdbx_formal_charge 
_atom_site.auth_seq_id 
_atom_site.auth_comp_id 
_atom_site.auth_asym_id 
_atom_site.auth_atom_id 
_atom_site.pdbx_PDB_model_num 
ATOM   1    N N   . MET A 1 1  ? 12.264  -10.426 -8.917  1.00 20.84 ? 1   MET A N   1 
ATOM   2    C CA  . MET A 1 1  ? 11.833  -9.529  -7.844  1.00 17.82 ? 1   MET A CA  1 
ATOM   3    C C   . MET A 1 1  ? 10.700  -8.595  -8.298  1.00 17.06 ? 1   MET A C   1 
ATOM   4    O O   . MET A 1 1  ? 10.323  -8.578  -9.468  1.00 13.71 ? 1   MET A O   1 
ATOM   5    C CB  . MET A 1 1  ? 13.010  -8.701  -7.319  1.00 18.84 ? 1   MET A CB  1 
ATOM   6    C CG  . MET A 1 1  ? 14.293  -9.496  -7.017  1.00 26.71 ? 1   MET A CG  1 
ATOM   7    S SD  . MET A 1 1  ? 14.547  -9.994  -5.284  1.00 37.81 ? 1   MET A SD  1 
ATOM   8    C CE  . MET A 1 1  ? 15.060  -11.701 -5.488  1.00 34.58 ? 1   MET A CE  1 
ATOM   9    N N   . ARG A 1 2  ? 10.150  -7.834  -7.353  1.00 13.30 ? 2   ARG A N   1 
ATOM   10   C CA  . ARG A 1 2  ? 9.117   -6.857  -7.642  1.00 16.25 ? 2   ARG A CA  1 
ATOM   11   C C   . ARG A 1 2  ? 9.424   -5.589  -6.878  1.00 15.08 ? 2   ARG A C   1 
ATOM   12   O O   . ARG A 1 2  ? 9.759   -5.631  -5.693  1.00 15.83 ? 2   ARG A O   1 
ATOM   13   C CB  . ARG A 1 2  ? 7.714   -7.323  -7.234  1.00 19.30 ? 2   ARG A CB  1 
ATOM   14   C CG  . ARG A 1 2  ? 7.268   -8.558  -7.934  1.00 26.87 ? 2   ARG A CG  1 
ATOM   15   C CD  . ARG A 1 2  ? 6.292   -8.257  -9.053  1.00 22.91 ? 2   ARG A CD  1 
ATOM   16   N NE  . ARG A 1 2  ? 5.601   -9.503  -9.369  1.00 33.62 ? 2   ARG A NE  1 
ATOM   17   C CZ  . ARG A 1 2  ? 4.680   -9.652  -10.311 1.00 30.50 ? 2   ARG A CZ  1 
ATOM   18   N NH1 . ARG A 1 2  ? 4.325   -8.622  -11.076 1.00 30.38 ? 2   ARG A NH1 1 
ATOM   19   N NH2 . ARG A 1 2  ? 4.113   -10.846 -10.476 1.00 30.23 ? 2   ARG A NH2 1 
ATOM   20   N N   . VAL A 1 3  ? 9.270   -4.468  -7.544  1.00 13.32 ? 3   VAL A N   1 
ATOM   21   C CA  . VAL A 1 3  ? 9.426   -3.177  -6.903  1.00 12.02 ? 3   VAL A CA  1 
ATOM   22   C C   . VAL A 1 3  ? 8.025   -2.653  -6.642  1.00 11.98 ? 3   VAL A C   1 
ATOM   23   O O   . VAL A 1 3  ? 7.201   -2.596  -7.559  1.00 11.74 ? 3   VAL A O   1 
ATOM   24   C CB  . VAL A 1 3  ? 10.252  -2.221  -7.777  1.00 13.43 ? 3   VAL A CB  1 
ATOM   25   C CG1 . VAL A 1 3  ? 10.086  -0.804  -7.308  1.00 13.67 ? 3   VAL A CG1 1 
ATOM   26   C CG2 . VAL A 1 3  ? 11.713  -2.639  -7.733  1.00 20.11 ? 3   VAL A CG2 1 
ATOM   27   N N   . ILE A 1 4  ? 7.741   -2.318  -5.389  1.00 11.67 ? 4   ILE A N   1 
ATOM   28   C CA  . ILE A 1 4  ? 6.437   -1.815  -4.978  1.00 11.20 ? 4   ILE A CA  1 
ATOM   29   C C   . ILE A 1 4  ? 6.616   -0.354  -4.612  1.00 10.74 ? 4   ILE A C   1 
ATOM   30   O O   . ILE A 1 4  ? 7.464   -0.021  -3.773  1.00 8.68  ? 4   ILE A O   1 
ATOM   31   C CB  . ILE A 1 4  ? 5.857   -2.598  -3.782  1.00 9.24  ? 4   ILE A CB  1 
ATOM   32   C CG1 . ILE A 1 4  ? 6.093   -4.104  -3.904  1.00 18.14 ? 4   ILE A CG1 1 
ATOM   33   C CG2 . ILE A 1 4  ? 4.390   -2.259  -3.583  1.00 10.90 ? 4   ILE A CG2 1 
ATOM   34   C CD1 . ILE A 1 4  ? 5.144   -4.813  -4.827  1.00 21.20 ? 4   ILE A CD1 1 
ATOM   35   N N   . VAL A 1 5  ? 5.825   0.514   -5.231  1.00 8.67  ? 5   VAL A N   1 
ATOM   36   C CA  . VAL A 1 5  ? 5.843   1.936   -4.919  1.00 9.01  ? 5   VAL A CA  1 
ATOM   37   C C   . VAL A 1 5  ? 4.590   2.247   -4.110  1.00 10.93 ? 5   VAL A C   1 
ATOM   38   O O   . VAL A 1 5  ? 3.476   2.105   -4.622  1.00 6.92  ? 5   VAL A O   1 
ATOM   39   C CB  . VAL A 1 5  ? 5.900   2.784   -6.197  1.00 12.87 ? 5   VAL A CB  1 
ATOM   40   C CG1 . VAL A 1 5  ? 5.861   4.274   -5.860  1.00 12.03 ? 5   VAL A CG1 1 
ATOM   41   C CG2 . VAL A 1 5  ? 7.144   2.419   -7.019  1.00 12.51 ? 5   VAL A CG2 1 
ATOM   42   N N   . PHE A 1 6  ? 4.772   2.668   -2.851  1.00 8.09  ? 6   PHE A N   1 
ATOM   43   C CA  . PHE A 1 6  ? 3.703   3.224   -2.020  1.00 10.36 ? 6   PHE A CA  1 
ATOM   44   C C   . PHE A 1 6  ? 3.788   4.750   -2.049  1.00 15.06 ? 6   PHE A C   1 
ATOM   45   O O   . PHE A 1 6  ? 4.805   5.322   -1.633  1.00 11.98 ? 6   PHE A O   1 
ATOM   46   C CB  . PHE A 1 6  ? 3.820   2.764   -0.563  1.00 10.00 ? 6   PHE A CB  1 
ATOM   47   C CG  . PHE A 1 6  ? 3.948   1.283   -0.378  1.00 13.38 ? 6   PHE A CG  1 
ATOM   48   C CD1 . PHE A 1 6  ? 2.826   0.507   -0.123  1.00 9.86  ? 6   PHE A CD1 1 
ATOM   49   C CD2 . PHE A 1 6  ? 5.193   0.675   -0.393  1.00 13.59 ? 6   PHE A CD2 1 
ATOM   50   C CE1 . PHE A 1 6  ? 2.934   -0.859  0.078   1.00 13.93 ? 6   PHE A CE1 1 
ATOM   51   C CE2 . PHE A 1 6  ? 5.316   -0.703  -0.196  1.00 15.19 ? 6   PHE A CE2 1 
ATOM   52   C CZ  . PHE A 1 6  ? 4.180   -1.470  0.043   1.00 15.87 ? 6   PHE A CZ  1 
ATOM   53   N N   . PHE A 1 7  ? 2.731   5.424   -2.493  1.00 10.12 ? 7   PHE A N   1 
ATOM   54   C CA  . PHE A 1 7  ? 2.805   6.879   -2.455  1.00 12.22 ? 7   PHE A CA  1 
ATOM   55   C C   . PHE A 1 7  ? 1.634   7.490   -1.697  1.00 17.55 ? 7   PHE A C   1 
ATOM   56   O O   . PHE A 1 7  ? 0.493   7.024   -1.782  1.00 16.22 ? 7   PHE A O   1 
ATOM   57   C CB  . PHE A 1 7  ? 2.928   7.523   -3.847  1.00 13.20 ? 7   PHE A CB  1 
ATOM   58   C CG  . PHE A 1 7  ? 1.960   7.011   -4.891  1.00 13.05 ? 7   PHE A CG  1 
ATOM   59   C CD1 . PHE A 1 7  ? 2.222   5.849   -5.589  1.00 13.15 ? 7   PHE A CD1 1 
ATOM   60   C CD2 . PHE A 1 7  ? 0.839   7.748   -5.230  1.00 15.92 ? 7   PHE A CD2 1 
ATOM   61   C CE1 . PHE A 1 7  ? 1.354   5.404   -6.572  1.00 15.75 ? 7   PHE A CE1 1 
ATOM   62   C CE2 . PHE A 1 7  ? -0.029  7.317   -6.212  1.00 17.51 ? 7   PHE A CE2 1 
ATOM   63   C CZ  . PHE A 1 7  ? 0.233   6.149   -6.895  1.00 15.12 ? 7   PHE A CZ  1 
ATOM   64   N N   . ASP A 1 8  ? 1.952   8.549   -0.957  1.00 15.38 ? 8   ASP A N   1 
ATOM   65   C CA  . ASP A 1 8  ? 1.020   9.289   -0.108  1.00 16.68 ? 8   ASP A CA  1 
ATOM   66   C C   . ASP A 1 8  ? 1.150   10.750  -0.540  1.00 17.92 ? 8   ASP A C   1 
ATOM   67   O O   . ASP A 1 8  ? 1.987   11.489  -0.014  1.00 11.66 ? 8   ASP A O   1 
ATOM   68   C CB  . ASP A 1 8  ? 1.372   9.063   1.373   1.00 16.35 ? 8   ASP A CB  1 
ATOM   69   C CG  . ASP A 1 8  ? 0.505   9.869   2.322   1.00 22.84 ? 8   ASP A CG  1 
ATOM   70   O OD1 . ASP A 1 8  ? -0.431  10.552  1.848   1.00 22.74 ? 8   ASP A OD1 1 
ATOM   71   O OD2 . ASP A 1 8  ? 0.757   9.798   3.556   1.00 21.50 ? 8   ASP A OD2 1 
ATOM   72   N N   . LEU A 1 9  ? 0.342   11.150  -1.532  1.00 12.85 ? 9   LEU A N   1 
ATOM   73   C CA  . LEU A 1 9  ? 0.410   12.485  -2.115  1.00 18.81 ? 9   LEU A CA  1 
ATOM   74   C C   . LEU A 1 9  ? -0.803  13.303  -1.685  1.00 20.36 ? 9   LEU A C   1 
ATOM   75   O O   . LEU A 1 9  ? -1.881  12.746  -1.478  1.00 17.98 ? 9   LEU A O   1 
ATOM   76   C CB  . LEU A 1 9  ? 0.464   12.420  -3.650  1.00 14.39 ? 9   LEU A CB  1 
ATOM   77   C CG  . LEU A 1 9  ? 1.537   11.486  -4.219  1.00 14.69 ? 9   LEU A CG  1 
ATOM   78   C CD1 . LEU A 1 9  ? 1.600   11.532  -5.759  1.00 18.37 ? 9   LEU A CD1 1 
ATOM   79   C CD2 . LEU A 1 9  ? 2.882   11.822  -3.616  1.00 17.60 ? 9   LEU A CD2 1 
ATOM   80   N N   . PRO A 1 10 ? -0.653  14.615  -1.507  1.00 20.15 ? 10  PRO A N   1 
ATOM   81   C CA  . PRO A 1 10 ? -1.812  15.440  -1.137  1.00 20.55 ? 10  PRO A CA  1 
ATOM   82   C C   . PRO A 1 10 ? -2.821  15.503  -2.272  1.00 19.62 ? 10  PRO A C   1 
ATOM   83   O O   . PRO A 1 10 ? -2.466  15.464  -3.450  1.00 19.24 ? 10  PRO A O   1 
ATOM   84   C CB  . PRO A 1 10 ? -1.199  16.818  -0.866  1.00 20.03 ? 10  PRO A CB  1 
ATOM   85   C CG  . PRO A 1 10 ? 0.105   16.826  -1.670  1.00 20.58 ? 10  PRO A CG  1 
ATOM   86   C CD  . PRO A 1 10 ? 0.587   15.399  -1.659  1.00 16.01 ? 10  PRO A CD  1 
ATOM   87   N N   . VAL A 1 11 ? -4.097  15.615  -1.909  1.00 22.75 ? 11  VAL A N   1 
ATOM   88   C CA  . VAL A 1 11 ? -5.139  15.804  -2.913  1.00 20.86 ? 11  VAL A CA  1 
ATOM   89   C C   . VAL A 1 11 ? -6.065  16.949  -2.506  1.00 28.07 ? 11  VAL A C   1 
ATOM   90   O O   . VAL A 1 11 ? -7.226  16.996  -2.930  1.00 25.91 ? 11  VAL A O   1 
ATOM   91   C CB  . VAL A 1 11 ? -5.937  14.506  -3.136  1.00 24.30 ? 11  VAL A CB  1 
ATOM   92   C CG1 . VAL A 1 11 ? -5.055  13.463  -3.807  1.00 25.15 ? 11  VAL A CG1 1 
ATOM   93   C CG2 . VAL A 1 11 ? -6.476  13.973  -1.813  1.00 20.32 ? 11  VAL A CG2 1 
ATOM   94   N N   . ILE A 1 12 ? -5.553  17.894  -1.707  1.00 25.04 ? 12  ILE A N   1 
ATOM   95   C CA  . ILE A 1 12 ? -6.402  18.947  -1.149  1.00 27.42 ? 12  ILE A CA  1 
ATOM   96   C C   . ILE A 1 12 ? -6.747  20.007  -2.196  1.00 31.60 ? 12  ILE A C   1 
ATOM   97   O O   . ILE A 1 12 ? -7.880  20.495  -2.244  1.00 35.05 ? 12  ILE A O   1 
ATOM   98   C CB  . ILE A 1 12 ? -5.729  19.580  0.081   1.00 29.08 ? 12  ILE A CB  1 
ATOM   99   C CG1 . ILE A 1 12 ? -5.468  18.530  1.161   1.00 33.15 ? 12  ILE A CG1 1 
ATOM   100  C CG2 . ILE A 1 12 ? -6.602  20.717  0.643   1.00 32.32 ? 12  ILE A CG2 1 
ATOM   101  C CD1 . ILE A 1 12 ? -4.676  19.067  2.346   1.00 31.48 ? 12  ILE A CD1 1 
ATOM   102  N N   . THR A 1 13 ? -5.796  20.392  -3.034  1.00 25.77 ? 13  THR A N   1 
ATOM   103  C CA  . THR A 1 13 ? -5.946  21.496  -3.968  1.00 23.99 ? 13  THR A CA  1 
ATOM   104  C C   . THR A 1 13 ? -6.030  21.003  -5.405  1.00 27.64 ? 13  THR A C   1 
ATOM   105  O O   . THR A 1 13 ? -5.709  19.843  -5.701  1.00 23.72 ? 13  THR A O   1 
ATOM   106  C CB  . THR A 1 13 ? -4.773  22.479  -3.822  1.00 27.77 ? 13  THR A CB  1 
ATOM   107  O OG1 . THR A 1 13 ? -3.563  21.871  -4.296  1.00 28.65 ? 13  THR A OG1 1 
ATOM   108  C CG2 . THR A 1 13 ? -4.587  22.901  -2.369  1.00 29.62 ? 13  THR A CG2 1 
ATOM   109  N N   . PRO A 1 14 ? -6.476  21.859  -6.339  1.00 27.66 ? 14  PRO A N   1 
ATOM   110  C CA  . PRO A 1 14 ? -6.418  21.477  -7.763  1.00 24.04 ? 14  PRO A CA  1 
ATOM   111  C C   . PRO A 1 14 ? -5.016  21.156  -8.249  1.00 25.65 ? 14  PRO A C   1 
ATOM   112  O O   . PRO A 1 14 ? -4.845  20.236  -9.062  1.00 24.91 ? 14  PRO A O   1 
ATOM   113  C CB  . PRO A 1 14 ? -6.989  22.708  -8.480  1.00 29.34 ? 14  PRO A CB  1 
ATOM   114  C CG  . PRO A 1 14 ? -7.824  23.401  -7.457  1.00 31.07 ? 14  PRO A CG  1 
ATOM   115  C CD  . PRO A 1 14 ? -7.161  23.151  -6.138  1.00 30.00 ? 14  PRO A CD  1 
ATOM   116  N N   . GLU A 1 15 ? -4.004  21.897  -7.790  1.00 23.33 ? 15  GLU A N   1 
ATOM   117  C CA  . GLU A 1 15 ? -2.636  21.583  -8.186  1.00 25.21 ? 15  GLU A CA  1 
ATOM   118  C C   . GLU A 1 15 ? -2.212  20.215  -7.661  1.00 18.14 ? 15  GLU A C   1 
ATOM   119  O O   . GLU A 1 15 ? -1.543  19.444  -8.367  1.00 19.15 ? 15  GLU A O   1 
ATOM   120  C CB  . GLU A 1 15 ? -1.681  22.660  -7.685  1.00 23.35 ? 15  GLU A CB  1 
ATOM   121  C CG  . GLU A 1 15 ? -0.387  22.695  -8.468  1.00 30.60 ? 15  GLU A CG  1 
ATOM   122  C CD  . GLU A 1 15 ? 0.399   23.976  -8.266  1.00 37.38 ? 15  GLU A CD  1 
ATOM   123  O OE1 . GLU A 1 15 ? 1.177   24.044  -7.287  1.00 39.74 ? 15  GLU A OE1 1 
ATOM   124  O OE2 . GLU A 1 15 ? 0.242   24.909  -9.087  1.00 42.78 ? 15  GLU A OE2 1 
ATOM   125  N N   . ASN A 1 16 ? -2.579  19.910  -6.418  1.00 17.62 ? 16  ASN A N   1 
ATOM   126  C CA  . ASN A 1 16 ? -2.286  18.602  -5.841  1.00 19.01 ? 16  ASN A CA  1 
ATOM   127  C C   . ASN A 1 16 ? -2.858  17.486  -6.699  1.00 20.81 ? 16  ASN A C   1 
ATOM   128  O O   . ASN A 1 16 ? -2.170  16.497  -6.989  1.00 14.83 ? 16  ASN A O   1 
ATOM   129  C CB  . ASN A 1 16 ? -2.858  18.501  -4.427  1.00 19.60 ? 16  ASN A CB  1 
ATOM   130  C CG  . ASN A 1 16 ? -2.074  19.293  -3.419  1.00 21.20 ? 16  ASN A CG  1 
ATOM   131  O OD1 . ASN A 1 16 ? -0.911  19.634  -3.639  1.00 20.12 ? 16  ASN A OD1 1 
ATOM   132  N ND2 . ASN A 1 16 ? -2.706  19.578  -2.290  1.00 19.71 ? 16  ASN A ND2 1 
ATOM   133  N N   . ARG A 1 17 ? -4.128  17.624  -7.103  1.00 19.77 ? 17  ARG A N   1 
ATOM   134  C CA  . ARG A 1 17 ? -4.791  16.561  -7.857  1.00 16.95 ? 17  ARG A CA  1 
ATOM   135  C C   . ARG A 1 17 ? -4.185  16.408  -9.243  1.00 17.48 ? 17  ARG A C   1 
ATOM   136  O O   . ARG A 1 17 ? -4.024  15.285  -9.736  1.00 22.11 ? 17  ARG A O   1 
ATOM   137  C CB  . ARG A 1 17 ? -6.296  16.836  -7.939  1.00 21.94 ? 17  ARG A CB  1 
ATOM   138  C CG  . ARG A 1 17 ? -6.976  16.806  -6.564  1.00 27.10 ? 17  ARG A CG  1 
ATOM   139  C CD  . ARG A 1 17 ? -8.497  16.777  -6.659  1.00 25.99 ? 17  ARG A CD  1 
ATOM   140  N NE  . ARG A 1 17 ? -9.054  18.112  -6.854  1.00 26.97 ? 17  ARG A NE  1 
ATOM   141  C CZ  . ARG A 1 17 ? -9.133  19.054  -5.914  1.00 30.08 ? 17  ARG A CZ  1 
ATOM   142  N NH1 . ARG A 1 17 ? -8.698  18.828  -4.681  1.00 26.61 ? 17  ARG A NH1 1 
ATOM   143  N NH2 . ARG A 1 17 ? -9.657  20.233  -6.211  1.00 25.95 ? 17  ARG A NH2 1 
ATOM   144  N N   . HIS A 1 18 ? -3.823  17.520  -9.879  1.00 16.09 ? 18  HIS A N   1 
ATOM   145  C CA  . HIS A 1 18 ? -3.132  17.447  -11.163 1.00 16.60 ? 18  HIS A CA  1 
ATOM   146  C C   . HIS A 1 18 ? -1.810  16.690  -11.037 1.00 17.29 ? 18  HIS A C   1 
ATOM   147  O O   . HIS A 1 18 ? -1.520  15.778  -11.820 1.00 12.29 ? 18  HIS A O   1 
ATOM   148  C CB  . HIS A 1 18 ? -2.884  18.853  -11.698 1.00 18.55 ? 18  HIS A CB  1 
ATOM   149  C CG  . HIS A 1 18 ? -2.182  18.868  -13.015 1.00 22.36 ? 18  HIS A CG  1 
ATOM   150  N ND1 . HIS A 1 18 ? -2.821  18.559  -14.195 1.00 29.11 ? 18  HIS A ND1 1 
ATOM   151  C CD2 . HIS A 1 18 ? -0.890  19.115  -13.337 1.00 25.29 ? 18  HIS A CD2 1 
ATOM   152  C CE1 . HIS A 1 18 ? -1.957  18.634  -15.191 1.00 32.62 ? 18  HIS A CE1 1 
ATOM   153  N NE2 . HIS A 1 18 ? -0.778  18.972  -14.699 1.00 29.60 ? 18  HIS A NE2 1 
ATOM   154  N N   . ASN A 1 19 ? -0.991  17.071  -10.056 1.00 13.51 ? 19  ASN A N   1 
ATOM   155  C CA  . ASN A 1 19 ? 0.304   16.436  -9.867  1.00 13.82 ? 19  ASN A CA  1 
ATOM   156  C C   . ASN A 1 19 ? 0.150   14.969  -9.493  1.00 14.45 ? 19  ASN A C   1 
ATOM   157  O O   . ASN A 1 19 ? 1.039   14.157  -9.770  1.00 10.98 ? 19  ASN A O   1 
ATOM   158  C CB  . ASN A 1 19 ? 1.096   17.198  -8.802  1.00 13.44 ? 19  ASN A CB  1 
ATOM   159  C CG  . ASN A 1 19 ? 1.558   18.559  -9.293  1.00 18.03 ? 19  ASN A CG  1 
ATOM   160  O OD1 . ASN A 1 19 ? 1.615   18.795  -10.496 1.00 16.91 ? 19  ASN A OD1 1 
ATOM   161  N ND2 . ASN A 1 19 ? 1.899   19.459  -8.363  1.00 14.33 ? 19  ASN A ND2 1 
ATOM   162  N N   . TYR A 1 20 ? -0.971  14.612  -8.865  1.00 11.46 ? 20  TYR A N   1 
ATOM   163  C CA  . TYR A 1 20 ? -1.230  13.214  -8.561  1.00 14.78 ? 20  TYR A CA  1 
ATOM   164  C C   . TYR A 1 20 ? -1.404  12.415  -9.851  1.00 16.27 ? 20  TYR A C   1 
ATOM   165  O O   . TYR A 1 20 ? -0.793  11.353  -10.027 1.00 17.15 ? 20  TYR A O   1 
ATOM   166  C CB  . TYR A 1 20 ? -2.455  13.132  -7.648  1.00 14.87 ? 20  TYR A CB  1 
ATOM   167  C CG  . TYR A 1 20 ? -2.886  11.770  -7.188  1.00 19.73 ? 20  TYR A CG  1 
ATOM   168  C CD1 . TYR A 1 20 ? -3.422  10.850  -8.078  1.00 26.05 ? 20  TYR A CD1 1 
ATOM   169  C CD2 . TYR A 1 20 ? -2.832  11.426  -5.840  1.00 22.30 ? 20  TYR A CD2 1 
ATOM   170  C CE1 . TYR A 1 20 ? -3.846  9.614   -7.651  1.00 31.17 ? 20  TYR A CE1 1 
ATOM   171  C CE2 . TYR A 1 20 ? -3.257  10.194  -5.406  1.00 27.03 ? 20  TYR A CE2 1 
ATOM   172  C CZ  . TYR A 1 20 ? -3.767  9.294   -6.316  1.00 29.24 ? 20  TYR A CZ  1 
ATOM   173  O OH  . TYR A 1 20 ? -4.194  8.057   -5.890  1.00 38.01 ? 20  TYR A OH  1 
ATOM   174  N N   . SER A 1 21 ? -2.193  12.943  -10.793 1.00 16.90 ? 21  SER A N   1 
ATOM   175  C CA  . SER A 1 21 ? -2.387  12.266  -12.073 1.00 15.52 ? 21  SER A CA  1 
ATOM   176  C C   . SER A 1 21 ? -1.105  12.202  -12.883 1.00 15.27 ? 21  SER A C   1 
ATOM   177  O O   . SER A 1 21 ? -0.885  11.221  -13.608 1.00 16.28 ? 21  SER A O   1 
ATOM   178  C CB  . SER A 1 21 ? -3.470  12.964  -12.899 1.00 15.77 ? 21  SER A CB  1 
ATOM   179  O OG  . SER A 1 21 ? -4.693  12.975  -12.191 1.00 32.65 ? 21  SER A OG  1 
ATOM   180  N N   . VAL A 1 22 ? -0.266  13.239  -12.794 1.00 12.28 ? 22  VAL A N   1 
ATOM   181  C CA  . VAL A 1 22 ? 1.008   13.245  -13.510 1.00 14.23 ? 22  VAL A CA  1 
ATOM   182  C C   . VAL A 1 22 ? 1.903   12.112  -13.023 1.00 13.67 ? 22  VAL A C   1 
ATOM   183  O O   . VAL A 1 22 ? 2.534   11.412  -13.827 1.00 12.87 ? 22  VAL A O   1 
ATOM   184  C CB  . VAL A 1 22 ? 1.706   14.610  -13.366 1.00 12.62 ? 22  VAL A CB  1 
ATOM   185  C CG1 . VAL A 1 22 ? 3.103   14.542  -13.919 1.00 14.70 ? 22  VAL A CG1 1 
ATOM   186  C CG2 . VAL A 1 22 ? 0.922   15.698  -14.078 1.00 17.99 ? 22  VAL A CG2 1 
ATOM   187  N N   . PHE A 1 23 ? 1.981   11.918  -11.705 1.00 11.90 ? 23  PHE A N   1 
ATOM   188  C CA  . PHE A 1 23 ? 2.829   10.852  -11.177 1.00 12.26 ? 23  PHE A CA  1 
ATOM   189  C C   . PHE A 1 23 ? 2.281   9.477   -11.549 1.00 13.28 ? 23  PHE A C   1 
ATOM   190  O O   . PHE A 1 23 ? 3.034   8.598   -11.989 1.00 12.18 ? 23  PHE A O   1 
ATOM   191  C CB  . PHE A 1 23 ? 2.970   10.984  -9.656  1.00 14.57 ? 23  PHE A CB  1 
ATOM   192  C CG  . PHE A 1 23 ? 3.940   9.994   -9.052  1.00 11.88 ? 23  PHE A CG  1 
ATOM   193  C CD1 . PHE A 1 23 ? 5.249   9.932   -9.496  1.00 11.88 ? 23  PHE A CD1 1 
ATOM   194  C CD2 . PHE A 1 23 ? 3.528   9.114   -8.056  1.00 11.27 ? 23  PHE A CD2 1 
ATOM   195  C CE1 . PHE A 1 23 ? 6.152   9.013   -8.933  1.00 10.07 ? 23  PHE A CE1 1 
ATOM   196  C CE2 . PHE A 1 23 ? 4.415   8.209   -7.485  1.00 10.77 ? 23  PHE A CE2 1 
ATOM   197  C CZ  . PHE A 1 23 ? 5.733   8.160   -7.928  1.00 10.16 ? 23  PHE A CZ  1 
ATOM   198  N N   . ARG A 1 24 ? 0.967   9.276   -11.376 1.00 13.07 ? 24  ARG A N   1 
ATOM   199  C CA  . ARG A 1 24 ? 0.327   8.013   -11.748 1.00 14.12 ? 24  ARG A CA  1 
ATOM   200  C C   . ARG A 1 24 ? 0.544   7.693   -13.224 1.00 15.45 ? 24  ARG A C   1 
ATOM   201  O O   . ARG A 1 24 ? 0.847   6.543   -13.588 1.00 11.90 ? 24  ARG A O   1 
ATOM   202  C CB  . ARG A 1 24 ? -1.170  8.082   -11.417 1.00 15.91 ? 24  ARG A CB  1 
ATOM   203  C CG  . ARG A 1 24 ? -2.014  6.972   -12.029 1.00 23.24 ? 24  ARG A CG  1 
ATOM   204  C CD  . ARG A 1 24 ? -3.506  7.284   -11.936 1.00 30.98 ? 24  ARG A CD  1 
ATOM   205  N NE  . ARG A 1 24 ? -3.981  7.259   -10.555 1.00 39.39 ? 24  ARG A NE  1 
ATOM   206  C CZ  . ARG A 1 24 ? -5.264  7.240   -10.197 1.00 40.08 ? 24  ARG A CZ  1 
ATOM   207  N NH1 . ARG A 1 24 ? -6.221  7.249   -11.117 1.00 46.38 ? 24  ARG A NH1 1 
ATOM   208  N NH2 . ARG A 1 24 ? -5.594  7.215   -8.916  1.00 43.68 ? 24  ARG A NH2 1 
ATOM   209  N N   . LYS A 1 25 ? 0.395   8.704   -14.085 1.00 12.96 ? 25  LYS A N   1 
ATOM   210  C CA  . LYS A 1 25 ? 0.688   8.546   -15.502 1.00 15.05 ? 25  LYS A CA  1 
ATOM   211  C C   . LYS A 1 25 ? 2.140   8.146   -15.733 1.00 14.57 ? 25  LYS A C   1 
ATOM   212  O O   . LYS A 1 25 ? 2.428   7.283   -16.570 1.00 12.09 ? 25  LYS A O   1 
ATOM   213  C CB  . LYS A 1 25 ? 0.367   9.846   -16.235 1.00 18.32 ? 25  LYS A CB  1 
ATOM   214  C CG  . LYS A 1 25 ? 0.572   9.786   -17.718 1.00 19.46 ? 25  LYS A CG  1 
ATOM   215  C CD  . LYS A 1 25 ? -0.588  10.440  -18.423 1.00 32.30 ? 25  LYS A CD  1 
ATOM   216  C CE  . LYS A 1 25 ? -0.108  11.617  -19.226 1.00 36.24 ? 25  LYS A CE  1 
ATOM   217  N NZ  . LYS A 1 25 ? -1.194  12.076  -20.133 1.00 38.24 ? 25  LYS A NZ  1 
ATOM   218  N N   . TYR A 1 26 ? 3.076   8.786   -15.028 1.00 11.16 ? 26  TYR A N   1 
ATOM   219  C CA  . TYR A 1 26 ? 4.475   8.413   -15.187 1.00 13.06 ? 26  TYR A CA  1 
ATOM   220  C C   . TYR A 1 26 ? 4.691   6.946   -14.798 1.00 13.69 ? 26  TYR A C   1 
ATOM   221  O O   . TYR A 1 26 ? 5.457   6.227   -15.452 1.00 11.39 ? 26  TYR A O   1 
ATOM   222  C CB  . TYR A 1 26 ? 5.371   9.356   -14.370 1.00 12.60 ? 26  TYR A CB  1 
ATOM   223  C CG  . TYR A 1 26 ? 6.697   8.739   -13.998 1.00 14.79 ? 26  TYR A CG  1 
ATOM   224  C CD1 . TYR A 1 26 ? 7.767   8.716   -14.901 1.00 15.04 ? 26  TYR A CD1 1 
ATOM   225  C CD2 . TYR A 1 26 ? 6.874   8.143   -12.750 1.00 16.00 ? 26  TYR A CD2 1 
ATOM   226  C CE1 . TYR A 1 26 ? 8.971   8.111   -14.558 1.00 13.67 ? 26  TYR A CE1 1 
ATOM   227  C CE2 . TYR A 1 26 ? 8.066   7.547   -12.404 1.00 12.71 ? 26  TYR A CE2 1 
ATOM   228  C CZ  . TYR A 1 26 ? 9.108   7.530   -13.307 1.00 14.42 ? 26  TYR A CZ  1 
ATOM   229  O OH  . TYR A 1 26 ? 10.290  6.920   -12.923 1.00 17.85 ? 26  TYR A OH  1 
ATOM   230  N N   . LEU A 1 27 ? 4.007   6.476   -13.750 1.00 11.54 ? 27  LEU A N   1 
ATOM   231  C CA  . LEU A 1 27 ? 4.142   5.072   -13.372 1.00 12.24 ? 27  LEU A CA  1 
ATOM   232  C C   . LEU A 1 27 ? 3.588   4.152   -14.451 1.00 12.39 ? 27  LEU A C   1 
ATOM   233  O O   . LEU A 1 27 ? 4.235   3.164   -14.813 1.00 12.56 ? 27  LEU A O   1 
ATOM   234  C CB  . LEU A 1 27 ? 3.456   4.810   -12.035 1.00 10.22 ? 27  LEU A CB  1 
ATOM   235  C CG  . LEU A 1 27 ? 4.152   5.452   -10.844 1.00 10.05 ? 27  LEU A CG  1 
ATOM   236  C CD1 . LEU A 1 27 ? 3.295   5.260   -9.610  1.00 12.81 ? 27  LEU A CD1 1 
ATOM   237  C CD2 . LEU A 1 27 ? 5.520   4.834   -10.660 1.00 10.20 ? 27  LEU A CD2 1 
ATOM   238  N N   . ILE A 1 28 ? 2.406   4.470   -14.990 1.00 11.40 ? 28  ILE A N   1 
ATOM   239  C CA  . ILE A 1 28 ? 1.848   3.661   -16.064 1.00 13.94 ? 28  ILE A CA  1 
ATOM   240  C C   . ILE A 1 28 ? 2.825   3.613   -17.229 1.00 13.35 ? 28  ILE A C   1 
ATOM   241  O O   . ILE A 1 28 ? 3.227   2.536   -17.681 1.00 11.43 ? 28  ILE A O   1 
ATOM   242  C CB  . ILE A 1 28 ? 0.476   4.211   -16.494 1.00 14.57 ? 28  ILE A CB  1 
ATOM   243  C CG1 . ILE A 1 28 ? -0.525  4.156   -15.330 1.00 15.58 ? 28  ILE A CG1 1 
ATOM   244  C CG2 . ILE A 1 28 ? -0.054  3.436   -17.690 1.00 18.10 ? 28  ILE A CG2 1 
ATOM   245  C CD1 . ILE A 1 28 ? -0.675  2.805   -14.719 1.00 22.18 ? 28  ILE A CD1 1 
ATOM   246  N N   . LYS A 1 29 ? 3.224   4.794   -17.716 1.00 15.44 ? 29  LYS A N   1 
ATOM   247  C CA  . LYS A 1 29 ? 4.195   4.918   -18.805 1.00 15.84 ? 29  LYS A CA  1 
ATOM   248  C C   . LYS A 1 29 ? 5.408   4.029   -18.582 1.00 15.10 ? 29  LYS A C   1 
ATOM   249  O O   . LYS A 1 29 ? 5.937   3.419   -19.523 1.00 16.45 ? 29  LYS A O   1 
ATOM   250  C CB  . LYS A 1 29 ? 4.637   6.390   -18.914 1.00 14.75 ? 29  LYS A CB  1 
ATOM   251  C CG  . LYS A 1 29 ? 5.168   6.869   -20.262 1.00 21.76 ? 29  LYS A CG  1 
ATOM   252  C CD  . LYS A 1 29 ? 6.307   7.906   -20.087 1.00 23.67 ? 29  LYS A CD  1 
ATOM   253  C CE  . LYS A 1 29 ? 5.808   9.230   -19.520 1.00 25.98 ? 29  LYS A CE  1 
ATOM   254  N NZ  . LYS A 1 29 ? 6.871   10.109  -18.927 1.00 37.55 ? 29  LYS A NZ  1 
ATOM   255  N N   . SER A 1 30 ? 5.871   3.973   -17.343 1.00 14.05 ? 30  SER A N   1 
ATOM   256  C CA  . SER A 1 30 ? 7.030   3.197   -16.941 1.00 15.39 ? 30  SER A CA  1 
ATOM   257  C C   . SER A 1 30 ? 6.747   1.702   -16.821 1.00 14.71 ? 30  SER A C   1 
ATOM   258  O O   . SER A 1 30 ? 7.662   0.947   -16.480 1.00 15.81 ? 30  SER A O   1 
ATOM   259  C CB  . SER A 1 30 ? 7.550   3.711   -15.604 1.00 13.47 ? 30  SER A CB  1 
ATOM   260  O OG  . SER A 1 30 ? 7.909   5.078   -15.680 1.00 15.00 ? 30  SER A OG  1 
ATOM   261  N N   . GLY A 1 31 ? 5.514   1.254   -17.036 1.00 14.54 ? 31  GLY A N   1 
ATOM   262  C CA  . GLY A 1 31 ? 5.224   -0.165  -16.941 1.00 17.09 ? 31  GLY A CA  1 
ATOM   263  C C   . GLY A 1 31 ? 4.899   -0.677  -15.554 1.00 21.99 ? 31  GLY A C   1 
ATOM   264  O O   . GLY A 1 31 ? 4.982   -1.891  -15.316 1.00 13.88 ? 31  GLY A O   1 
ATOM   265  N N   . PHE A 1 32 ? 4.550   0.205   -14.623 1.00 16.47 ? 32  PHE A N   1 
ATOM   266  C CA  . PHE A 1 32 ? 4.038   -0.236  -13.342 1.00 13.01 ? 32  PHE A CA  1 
ATOM   267  C C   . PHE A 1 32 ? 2.573   -0.606  -13.476 1.00 14.90 ? 32  PHE A C   1 
ATOM   268  O O   . PHE A 1 32 ? 1.832   -0.025  -14.274 1.00 17.17 ? 32  PHE A O   1 
ATOM   269  C CB  . PHE A 1 32 ? 4.214   0.849   -12.276 1.00 12.08 ? 32  PHE A CB  1 
ATOM   270  C CG  . PHE A 1 32 ? 5.623   0.967   -11.773 1.00 13.07 ? 32  PHE A CG  1 
ATOM   271  C CD1 . PHE A 1 32 ? 6.596   1.589   -12.544 1.00 13.19 ? 32  PHE A CD1 1 
ATOM   272  C CD2 . PHE A 1 32 ? 5.975   0.447   -10.538 1.00 10.56 ? 32  PHE A CD2 1 
ATOM   273  C CE1 . PHE A 1 32 ? 7.898   1.698   -12.081 1.00 18.49 ? 32  PHE A CE1 1 
ATOM   274  C CE2 . PHE A 1 32 ? 7.266   0.541   -10.068 1.00 13.79 ? 32  PHE A CE2 1 
ATOM   275  C CZ  . PHE A 1 32 ? 8.237   1.169   -10.835 1.00 17.02 ? 32  PHE A CZ  1 
ATOM   276  N N   . ILE A 1 33 ? 2.173   -1.608  -12.705 1.00 10.19 ? 33  ILE A N   1 
ATOM   277  C CA  . ILE A 1 33 ? 0.796   -2.065  -12.641 1.00 14.92 ? 33  ILE A CA  1 
ATOM   278  C C   . ILE A 1 33 ? 0.160   -1.439  -11.416 1.00 14.63 ? 33  ILE A C   1 
ATOM   279  O O   . ILE A 1 33 ? 0.741   -1.482  -10.327 1.00 12.52 ? 33  ILE A O   1 
ATOM   280  C CB  . ILE A 1 33 ? 0.714   -3.598  -12.546 1.00 19.68 ? 33  ILE A CB  1 
ATOM   281  C CG1 . ILE A 1 33 ? 1.898   -4.268  -13.245 1.00 23.92 ? 33  ILE A CG1 1 
ATOM   282  C CG2 . ILE A 1 33 ? -0.646  -4.102  -13.070 1.00 23.98 ? 33  ILE A CG2 1 
ATOM   283  C CD1 . ILE A 1 33 ? 1.909   -5.802  -13.056 1.00 24.99 ? 33  ILE A CD1 1 
ATOM   284  N N   . MET A 1 34 ? -1.039  -0.894  -11.572 1.00 14.35 ? 34  MET A N   1 
ATOM   285  C CA  . MET A 1 34 ? -1.764  -0.434  -10.401 1.00 16.87 ? 34  MET A CA  1 
ATOM   286  C C   . MET A 1 34 ? -2.165  -1.642  -9.576  1.00 18.73 ? 34  MET A C   1 
ATOM   287  O O   . MET A 1 34 ? -2.664  -2.639  -10.114 1.00 21.82 ? 34  MET A O   1 
ATOM   288  C CB  . MET A 1 34 ? -2.997  0.381   -10.783 1.00 13.21 ? 34  MET A CB  1 
ATOM   289  C CG  . MET A 1 34 ? -3.824  0.802   -9.574  1.00 18.56 ? 34  MET A CG  1 
ATOM   290  S SD  . MET A 1 34 ? -5.200  1.907   -9.995  1.00 25.54 ? 34  MET A SD  1 
ATOM   291  C CE  . MET A 1 34 ? -4.655  3.442   -9.263  1.00 30.65 ? 34  MET A CE  1 
ATOM   292  N N   . GLN A 1 35 ? -1.887  -1.571  -8.280  1.00 9.79  ? 35  GLN A N   1 
ATOM   293  C CA  . GLN A 1 35 ? -2.338  -2.557  -7.309  1.00 13.68 ? 35  GLN A CA  1 
ATOM   294  C C   . GLN A 1 35 ? -3.475  -2.006  -6.467  1.00 16.24 ? 35  GLN A C   1 
ATOM   295  O O   . GLN A 1 35 ? -4.491  -2.677  -6.247  1.00 15.51 ? 35  GLN A O   1 
ATOM   296  C CB  . GLN A 1 35 ? -1.158  -2.967  -6.420  1.00 15.28 ? 35  GLN A CB  1 
ATOM   297  C CG  . GLN A 1 35 ? -1.524  -3.842  -5.283  1.00 25.47 ? 35  GLN A CG  1 
ATOM   298  C CD  . GLN A 1 35 ? -0.530  -4.968  -5.110  1.00 33.98 ? 35  GLN A CD  1 
ATOM   299  O OE1 . GLN A 1 35 ? -0.921  -6.137  -5.059  1.00 41.12 ? 35  GLN A OE1 1 
ATOM   300  N NE2 . GLN A 1 35 ? 0.756   -4.628  -5.007  1.00 31.35 ? 35  GLN A NE2 1 
ATOM   301  N N   . GLN A 1 36 ? -3.317  -0.765  -6.023  1.00 14.81 ? 36  GLN A N   1 
ATOM   302  C CA  . GLN A 1 36 ? -4.345  0.025   -5.369  1.00 16.22 ? 36  GLN A CA  1 
ATOM   303  C C   . GLN A 1 36 ? -4.169  1.461   -5.827  1.00 15.54 ? 36  GLN A C   1 
ATOM   304  O O   . GLN A 1 36 ? -3.175  1.801   -6.471  1.00 12.53 ? 36  GLN A O   1 
ATOM   305  C CB  . GLN A 1 36 ? -4.234  -0.047  -3.842  1.00 14.96 ? 36  GLN A CB  1 
ATOM   306  C CG  . GLN A 1 36 ? -4.155  -1.441  -3.297  1.00 14.82 ? 36  GLN A CG  1 
ATOM   307  C CD  . GLN A 1 36 ? -4.220  -1.461  -1.792  1.00 15.72 ? 36  GLN A CD  1 
ATOM   308  O OE1 . GLN A 1 36 ? -4.135  -0.417  -1.141  1.00 16.54 ? 36  GLN A OE1 1 
ATOM   309  N NE2 . GLN A 1 36 ? -4.408  -2.648  -1.227  1.00 15.50 ? 36  GLN A NE2 1 
ATOM   310  N N   . LYS A 1 37 ? -5.123  2.318   -5.452  1.00 16.09 ? 37  LYS A N   1 
ATOM   311  C CA  . LYS A 1 37 ? -5.059  3.721   -5.854  1.00 19.34 ? 37  LYS A CA  1 
ATOM   312  C C   . LYS A 1 37 ? -3.688  4.339   -5.581  1.00 16.54 ? 37  LYS A C   1 
ATOM   313  O O   . LYS A 1 37 ? -3.226  5.198   -6.343  1.00 15.63 ? 37  LYS A O   1 
ATOM   314  C CB  . LYS A 1 37 ? -6.151  4.514   -5.133  1.00 21.50 ? 37  LYS A CB  1 
ATOM   315  C CG  . LYS A 1 37 ? -6.453  5.842   -5.779  1.00 30.99 ? 37  LYS A CG  1 
ATOM   316  C CD  . LYS A 1 37 ? -7.654  5.775   -6.739  1.00 43.70 ? 37  LYS A CD  1 
ATOM   317  C CE  . LYS A 1 37 ? -8.176  7.182   -7.078  1.00 42.73 ? 37  LYS A CE  1 
ATOM   318  N NZ  . LYS A 1 37 ? -8.698  7.292   -8.470  1.00 39.10 ? 37  LYS A NZ  1 
ATOM   319  N N   . SER A 1 38 ? -3.016  3.896   -4.517  1.00 12.21 ? 38  SER A N   1 
ATOM   320  C CA  . SER A 1 38 ? -1.761  4.493   -4.073  1.00 13.23 ? 38  SER A CA  1 
ATOM   321  C C   . SER A 1 38 ? -0.626  3.475   -4.014  1.00 10.39 ? 38  SER A C   1 
ATOM   322  O O   . SER A 1 38 ? 0.363   3.703   -3.308  1.00 8.93  ? 38  SER A O   1 
ATOM   323  C CB  . SER A 1 38 ? -1.949  5.149   -2.698  1.00 14.84 ? 38  SER A CB  1 
ATOM   324  O OG  . SER A 1 38 ? -2.773  6.303   -2.810  1.00 25.61 ? 38  SER A OG  1 
ATOM   325  N N   . VAL A 1 39 ? -0.758  2.340   -4.700  1.00 9.86  ? 39  VAL A N   1 
ATOM   326  C CA  . VAL A 1 39 ? 0.250   1.280   -4.659  1.00 10.77 ? 39  VAL A CA  1 
ATOM   327  C C   . VAL A 1 39 ? 0.380   0.679   -6.051  1.00 13.02 ? 39  VAL A C   1 
ATOM   328  O O   . VAL A 1 39 ? -0.597  0.152   -6.596  1.00 10.56 ? 39  VAL A O   1 
ATOM   329  C CB  . VAL A 1 39 ? -0.078  0.175   -3.637  1.00 11.40 ? 39  VAL A CB  1 
ATOM   330  C CG1 . VAL A 1 39 ? 1.035   -0.883  -3.629  1.00 13.42 ? 39  VAL A CG1 1 
ATOM   331  C CG2 . VAL A 1 39 ? -0.276  0.763   -2.229  1.00 9.09  ? 39  VAL A CG2 1 
ATOM   332  N N   . TYR A 1 40 ? 1.588   0.750   -6.613  1.00 9.82  ? 40  TYR A N   1 
ATOM   333  C CA  . TYR A 1 40 ? 1.901   0.256   -7.944  1.00 11.75 ? 40  TYR A CA  1 
ATOM   334  C C   . TYR A 1 40 ? 3.106   -0.669  -7.847  1.00 11.29 ? 40  TYR A C   1 
ATOM   335  O O   . TYR A 1 40 ? 3.969   -0.479  -6.990  1.00 11.91 ? 40  TYR A O   1 
ATOM   336  C CB  . TYR A 1 40 ? 2.231   1.410   -8.902  1.00 9.32  ? 40  TYR A CB  1 
ATOM   337  C CG  . TYR A 1 40 ? 1.027   2.129   -9.434  1.00 11.24 ? 40  TYR A CG  1 
ATOM   338  C CD1 . TYR A 1 40 ? 0.135   2.762   -8.576  1.00 12.09 ? 40  TYR A CD1 1 
ATOM   339  C CD2 . TYR A 1 40 ? 0.761   2.157   -10.789 1.00 12.40 ? 40  TYR A CD2 1 
ATOM   340  C CE1 . TYR A 1 40 ? -0.992  3.416   -9.060  1.00 16.09 ? 40  TYR A CE1 1 
ATOM   341  C CE2 . TYR A 1 40 ? -0.359  2.820   -11.281 1.00 12.54 ? 40  TYR A CE2 1 
ATOM   342  C CZ  . TYR A 1 40 ? -1.220  3.438   -10.411 1.00 15.40 ? 40  TYR A CZ  1 
ATOM   343  O OH  . TYR A 1 40 ? -2.315  4.081   -10.908 1.00 22.12 ? 40  TYR A OH  1 
ATOM   344  N N   . SER A 1 41 ? 3.185   -1.656  -8.738  1.00 10.84 ? 41  SER A N   1 
ATOM   345  C CA  . SER A 1 41 ? 4.301   -2.591  -8.701  1.00 12.26 ? 41  SER A CA  1 
ATOM   346  C C   . SER A 1 41 ? 4.846   -2.828  -10.105 1.00 13.26 ? 41  SER A C   1 
ATOM   347  O O   . SER A 1 41 ? 4.163   -2.594  -11.105 1.00 9.19  ? 41  SER A O   1 
ATOM   348  C CB  . SER A 1 41 ? 3.890   -3.922  -8.057  1.00 14.79 ? 41  SER A CB  1 
ATOM   349  O OG  . SER A 1 41 ? 3.004   -4.629  -8.899  1.00 15.38 ? 41  SER A OG  1 
ATOM   350  N N   . LYS A 1 42 ? 6.098   -3.296  -10.172 1.00 14.15 ? 42  LYS A N   1 
ATOM   351  C CA  . LYS A 1 42 ? 6.724   -3.636  -11.449 1.00 11.00 ? 42  LYS A CA  1 
ATOM   352  C C   . LYS A 1 42 ? 7.590   -4.879  -11.287 1.00 14.12 ? 42  LYS A C   1 
ATOM   353  O O   . LYS A 1 42 ? 8.387   -4.975  -10.344 1.00 11.39 ? 42  LYS A O   1 
ATOM   354  C CB  . LYS A 1 42 ? 7.578   -2.483  -11.999 1.00 13.08 ? 42  LYS A CB  1 
ATOM   355  C CG  . LYS A 1 42 ? 8.077   -2.712  -13.446 1.00 14.13 ? 42  LYS A CG  1 
ATOM   356  C CD  . LYS A 1 42 ? 9.043   -1.608  -13.870 1.00 19.65 ? 42  LYS A CD  1 
ATOM   357  C CE  . LYS A 1 42 ? 9.790   -1.941  -15.172 1.00 21.09 ? 42  LYS A CE  1 
ATOM   358  N NZ  . LYS A 1 42 ? 8.926   -1.755  -16.387 1.00 21.68 ? 42  LYS A NZ  1 
ATOM   359  N N   . LEU A 1 43 ? 7.424   -5.827  -12.205 1.00 9.31  ? 43  LEU A N   1 
ATOM   360  C CA  . LEU A 1 43 ? 8.308   -6.982  -12.254 1.00 14.23 ? 43  LEU A CA  1 
ATOM   361  C C   . LEU A 1 43 ? 9.721   -6.540  -12.614 1.00 14.71 ? 43  LEU A C   1 
ATOM   362  O O   . LEU A 1 43 ? 9.918   -5.737  -13.526 1.00 19.03 ? 43  LEU A O   1 
ATOM   363  C CB  . LEU A 1 43 ? 7.782   -7.996  -13.274 1.00 14.82 ? 43  LEU A CB  1 
ATOM   364  C CG  . LEU A 1 43 ? 8.576   -9.302  -13.365 1.00 17.57 ? 43  LEU A CG  1 
ATOM   365  C CD1 . LEU A 1 43 ? 8.580   -10.026 -12.017 1.00 21.38 ? 43  LEU A CD1 1 
ATOM   366  C CD2 . LEU A 1 43 ? 8.005   -10.194 -14.456 1.00 20.30 ? 43  LEU A CD2 1 
ATOM   367  N N   . VAL A 1 44 ? 10.707  -7.054  -11.886 1.00 14.43 ? 44  VAL A N   1 
ATOM   368  C CA  . VAL A 1 44 ? 12.112  -6.785  -12.153 1.00 17.13 ? 44  VAL A CA  1 
ATOM   369  C C   . VAL A 1 44 ? 12.799  -8.118  -12.411 1.00 19.96 ? 44  VAL A C   1 
ATOM   370  O O   . VAL A 1 44 ? 12.845  -8.984  -11.528 1.00 22.21 ? 44  VAL A O   1 
ATOM   371  C CB  . VAL A 1 44 ? 12.781  -6.029  -10.992 1.00 20.31 ? 44  VAL A CB  1 
ATOM   372  C CG1 . VAL A 1 44 ? 14.286  -5.907  -11.218 1.00 24.66 ? 44  VAL A CG1 1 
ATOM   373  C CG2 . VAL A 1 44 ? 12.141  -4.661  -10.834 1.00 19.71 ? 44  VAL A CG2 1 
ATOM   374  N N   . LEU A 1 45 ? 13.328  -8.282  -13.611 1.00 14.95 ? 45  LEU A N   1 
ATOM   375  C CA  . LEU A 1 45 ? 13.992  -9.521  -13.982 1.00 23.22 ? 45  LEU A CA  1 
ATOM   376  C C   . LEU A 1 45 ? 15.487  -9.491  -13.719 1.00 19.56 ? 45  LEU A C   1 
ATOM   377  O O   . LEU A 1 45 ? 16.111  -10.555 -13.631 1.00 25.52 ? 45  LEU A O   1 
ATOM   378  C CB  . LEU A 1 45 ? 13.734  -9.823  -15.459 1.00 22.69 ? 45  LEU A CB  1 
ATOM   379  C CG  . LEU A 1 45 ? 12.245  -9.902  -15.783 1.00 21.15 ? 45  LEU A CG  1 
ATOM   380  C CD1 . LEU A 1 45 ? 12.014  -9.798  -17.284 1.00 26.09 ? 45  LEU A CD1 1 
ATOM   381  C CD2 . LEU A 1 45 ? 11.653  -11.196 -15.220 1.00 27.45 ? 45  LEU A CD2 1 
ATOM   382  N N   . ASN A 1 46 ? 16.069  -8.307  -13.566 1.00 17.18 ? 46  ASN A N   1 
ATOM   383  C CA  . ASN A 1 46 ? 17.515  -8.153  -13.431 1.00 21.40 ? 46  ASN A CA  1 
ATOM   384  C C   . ASN A 1 46 ? 17.767  -7.091  -12.376 1.00 20.22 ? 46  ASN A C   1 
ATOM   385  O O   . ASN A 1 46 ? 17.403  -5.928  -12.574 1.00 20.89 ? 46  ASN A O   1 
ATOM   386  C CB  . ASN A 1 46 ? 18.142  -7.764  -14.782 1.00 21.70 ? 46  ASN A CB  1 
ATOM   387  C CG  . ASN A 1 46 ? 19.671  -7.699  -14.747 1.00 27.73 ? 46  ASN A CG  1 
ATOM   388  O OD1 . ASN A 1 46 ? 20.290  -7.611  -13.687 1.00 27.14 ? 46  ASN A OD1 1 
ATOM   389  N ND2 . ASN A 1 46 ? 20.280  -7.740  -15.928 1.00 29.62 ? 46  ASN A ND2 1 
ATOM   390  N N   . LEU A 1 47 ? 18.383  -7.493  -11.260 1.00 17.83 ? 47  LEU A N   1 
ATOM   391  C CA  . LEU A 1 47 ? 18.667  -6.566  -10.166 1.00 21.24 ? 47  LEU A CA  1 
ATOM   392  C C   . LEU A 1 47 ? 19.387  -5.307  -10.627 1.00 18.84 ? 47  LEU A C   1 
ATOM   393  O O   . LEU A 1 47 ? 19.231  -4.244  -10.018 1.00 16.96 ? 47  LEU A O   1 
ATOM   394  C CB  . LEU A 1 47 ? 19.502  -7.265  -9.095  1.00 21.41 ? 47  LEU A CB  1 
ATOM   395  C CG  . LEU A 1 47 ? 19.428  -6.620  -7.717  1.00 16.92 ? 47  LEU A CG  1 
ATOM   396  C CD1 . LEU A 1 47 ? 17.972  -6.461  -7.291  1.00 17.59 ? 47  LEU A CD1 1 
ATOM   397  C CD2 . LEU A 1 47 ? 20.187  -7.460  -6.700  1.00 21.97 ? 47  LEU A CD2 1 
ATOM   398  N N   . THR A 1 48 ? 20.189  -5.401  -11.689 1.00 19.25 ? 48  THR A N   1 
ATOM   399  C CA  . THR A 1 48 ? 20.804  -4.200  -12.248 1.00 21.24 ? 48  THR A CA  1 
ATOM   400  C C   . THR A 1 48 ? 19.753  -3.137  -12.554 1.00 21.28 ? 48  THR A C   1 
ATOM   401  O O   . THR A 1 48 ? 19.954  -1.950  -12.263 1.00 23.26 ? 48  THR A O   1 
ATOM   402  C CB  . THR A 1 48 ? 21.596  -4.559  -13.506 1.00 22.50 ? 48  THR A CB  1 
ATOM   403  O OG1 . THR A 1 48 ? 22.744  -5.336  -13.129 1.00 32.71 ? 48  THR A OG1 1 
ATOM   404  C CG2 . THR A 1 48 ? 22.048  -3.302  -14.226 1.00 30.59 ? 48  THR A CG2 1 
ATOM   405  N N   . ASN A 1 49 ? 18.603  -3.553  -13.092 1.00 16.64 ? 49  ASN A N   1 
ATOM   406  C CA  . ASN A 1 49 ? 17.558  -2.601  -13.453 1.00 20.30 ? 49  ASN A CA  1 
ATOM   407  C C   . ASN A 1 49 ? 16.894  -1.946  -12.247 1.00 21.23 ? 49  ASN A C   1 
ATOM   408  O O   . ASN A 1 49 ? 16.276  -0.886  -12.400 1.00 16.20 ? 49  ASN A O   1 
ATOM   409  C CB  . ASN A 1 49 ? 16.483  -3.279  -14.286 1.00 18.61 ? 49  ASN A CB  1 
ATOM   410  C CG  . ASN A 1 49 ? 15.692  -2.294  -15.121 1.00 23.47 ? 49  ASN A CG  1 
ATOM   411  O OD1 . ASN A 1 49 ? 16.255  -1.377  -15.724 1.00 27.27 ? 49  ASN A OD1 1 
ATOM   412  N ND2 . ASN A 1 49 ? 14.380  -2.484  -15.169 1.00 23.35 ? 49  ASN A ND2 1 
ATOM   413  N N   . ARG A 1 50 ? 16.990  -2.552  -11.060 1.00 21.32 ? 50  ARG A N   1 
ATOM   414  C CA  . ARG A 1 50 ? 16.328  -1.987  -9.886  1.00 23.15 ? 50  ARG A CA  1 
ATOM   415  C C   . ARG A 1 50 ? 16.862  -0.593  -9.567  1.00 22.57 ? 50  ARG A C   1 
ATOM   416  O O   . ARG A 1 50 ? 16.090  0.362   -9.419  1.00 20.24 ? 50  ARG A O   1 
ATOM   417  C CB  . ARG A 1 50 ? 16.495  -2.922  -8.689  1.00 23.07 ? 50  ARG A CB  1 
ATOM   418  C CG  . ARG A 1 50 ? 15.381  -2.809  -7.649  1.00 24.64 ? 50  ARG A CG  1 
ATOM   419  C CD  . ARG A 1 50 ? 15.787  -1.902  -6.487  1.00 22.92 ? 50  ARG A CD  1 
ATOM   420  N NE  . ARG A 1 50 ? 17.156  -2.147  -6.047  1.00 25.59 ? 50  ARG A NE  1 
ATOM   421  C CZ  . ARG A 1 50 ? 17.490  -3.020  -5.102  1.00 28.66 ? 50  ARG A CZ  1 
ATOM   422  N NH1 . ARG A 1 50 ? 16.552  -3.732  -4.496  1.00 29.49 ? 50  ARG A NH1 1 
ATOM   423  N NH2 . ARG A 1 50 ? 18.764  -3.187  -4.758  1.00 25.86 ? 50  ARG A NH2 1 
ATOM   424  N N   . ASP A 1 51 ? 18.185  -0.455  -9.460  1.00 20.83 ? 51  ASP A N   1 
ATOM   425  C CA  . ASP A 1 51 ? 18.770  0.849   -9.171  1.00 24.84 ? 51  ASP A CA  1 
ATOM   426  C C   . ASP A 1 51 ? 18.375  1.879   -10.224 1.00 22.17 ? 51  ASP A C   1 
ATOM   427  O O   . ASP A 1 51 ? 18.162  3.053   -9.908  1.00 17.87 ? 51  ASP A O   1 
ATOM   428  C CB  . ASP A 1 51 ? 20.293  0.734   -9.078  1.00 32.30 ? 51  ASP A CB  1 
ATOM   429  C CG  . ASP A 1 51 ? 20.748  -0.263  -8.004  1.00 43.85 ? 51  ASP A CG  1 
ATOM   430  O OD1 . ASP A 1 51 ? 19.910  -0.686  -7.166  1.00 34.32 ? 51  ASP A OD1 1 
ATOM   431  O OD2 . ASP A 1 51 ? 21.951  -0.622  -8.005  1.00 51.09 ? 51  ASP A OD2 1 
ATOM   432  N N   . SER A 1 52 ? 18.273  1.458   -11.485 1.00 19.97 ? 52  SER A N   1 
ATOM   433  C CA  . SER A 1 52 ? 17.855  2.372   -12.540 1.00 19.74 ? 52  SER A CA  1 
ATOM   434  C C   . SER A 1 52 ? 16.415  2.834   -12.340 1.00 18.65 ? 52  SER A C   1 
ATOM   435  O O   . SER A 1 52 ? 16.096  4.013   -12.551 1.00 14.07 ? 52  SER A O   1 
ATOM   436  C CB  . SER A 1 52 ? 18.024  1.696   -13.903 1.00 21.38 ? 52  SER A CB  1 
ATOM   437  O OG  . SER A 1 52 ? 17.495  2.505   -14.927 1.00 26.96 ? 52  SER A OG  1 
ATOM   438  N N   . ILE A 1 53 ? 15.530  1.921   -11.938 1.00 12.59 ? 53  ILE A N   1 
ATOM   439  C CA  . ILE A 1 53 ? 14.140  2.296   -11.684 1.00 12.48 ? 53  ILE A CA  1 
ATOM   440  C C   . ILE A 1 53 ? 14.058  3.317   -10.551 1.00 14.99 ? 53  ILE A C   1 
ATOM   441  O O   . ILE A 1 53 ? 13.341  4.320   -10.649 1.00 13.94 ? 53  ILE A O   1 
ATOM   442  C CB  . ILE A 1 53 ? 13.297  1.039   -11.391 1.00 14.53 ? 53  ILE A CB  1 
ATOM   443  C CG1 . ILE A 1 53 ? 13.207  0.161   -12.638 1.00 16.92 ? 53  ILE A CG1 1 
ATOM   444  C CG2 . ILE A 1 53 ? 11.902  1.406   -10.907 1.00 15.05 ? 53  ILE A CG2 1 
ATOM   445  C CD1 . ILE A 1 53 ? 12.612  -1.196  -12.377 1.00 22.72 ? 53  ILE A CD1 1 
ATOM   446  N N   . VAL A 1 54 ? 14.801  3.085   -9.464  1.00 15.63 ? 54  VAL A N   1 
ATOM   447  C CA  . VAL A 1 54 ? 14.729  3.989   -8.317  1.00 13.28 ? 54  VAL A CA  1 
ATOM   448  C C   . VAL A 1 54 ? 15.204  5.386   -8.706  1.00 16.03 ? 54  VAL A C   1 
ATOM   449  O O   . VAL A 1 54 ? 14.582  6.393   -8.343  1.00 15.74 ? 54  VAL A O   1 
ATOM   450  C CB  . VAL A 1 54 ? 15.538  3.418   -7.137  1.00 13.71 ? 54  VAL A CB  1 
ATOM   451  C CG1 . VAL A 1 54 ? 15.711  4.467   -6.045  1.00 19.20 ? 54  VAL A CG1 1 
ATOM   452  C CG2 . VAL A 1 54 ? 14.856  2.177   -6.571  1.00 17.84 ? 54  VAL A CG2 1 
ATOM   453  N N   . LYS A 1 55 ? 16.301  5.468   -9.461  1.00 16.14 ? 55  LYS A N   1 
ATOM   454  C CA  . LYS A 1 55 ? 16.808  6.769   -9.882  1.00 16.16 ? 55  LYS A CA  1 
ATOM   455  C C   . LYS A 1 55 ? 15.789  7.501   -10.742 1.00 14.94 ? 55  LYS A C   1 
ATOM   456  O O   . LYS A 1 55 ? 15.603  8.713   -10.593 1.00 14.22 ? 55  LYS A O   1 
ATOM   457  C CB  . LYS A 1 55 ? 18.131  6.602   -10.633 1.00 16.14 ? 55  LYS A CB  1 
ATOM   458  C CG  . LYS A 1 55 ? 19.354  6.507   -9.733  1.00 27.26 ? 55  LYS A CG  1 
ATOM   459  C CD  . LYS A 1 55 ? 20.516  5.795   -10.435 1.00 28.63 ? 55  LYS A CD  1 
ATOM   460  C CE  . LYS A 1 55 ? 21.623  5.443   -9.439  1.00 34.24 ? 55  LYS A CE  1 
ATOM   461  N NZ  . LYS A 1 55 ? 22.608  4.457   -9.984  1.00 39.51 ? 55  LYS A NZ  1 
ATOM   462  N N   . SER A 1 56 ? 15.099  6.776   -11.635 1.00 13.88 ? 56  SER A N   1 
ATOM   463  C CA  . SER A 1 56 ? 14.050  7.399   -12.440 1.00 13.80 ? 56  SER A CA  1 
ATOM   464  C C   . SER A 1 56 ? 12.893  7.911   -11.581 1.00 15.58 ? 56  SER A C   1 
ATOM   465  O O   . SER A 1 56 ? 12.385  9.015   -11.821 1.00 12.96 ? 56  SER A O   1 
ATOM   466  C CB  . SER A 1 56 ? 13.528  6.419   -13.485 1.00 18.39 ? 56  SER A CB  1 
ATOM   467  O OG  . SER A 1 56 ? 12.419  6.990   -14.151 1.00 17.41 ? 56  SER A OG  1 
ATOM   468  N N   . ILE A 1 57 ? 12.441  7.121   -10.596 1.00 11.46 ? 57  ILE A N   1 
ATOM   469  C CA  . ILE A 1 57 ? 11.374  7.597   -9.710  1.00 13.65 ? 57  ILE A CA  1 
ATOM   470  C C   . ILE A 1 57 ? 11.824  8.856   -8.987  1.00 14.06 ? 57  ILE A C   1 
ATOM   471  O O   . ILE A 1 57 ? 11.069  9.834   -8.873  1.00 12.94 ? 57  ILE A O   1 
ATOM   472  C CB  . ILE A 1 57 ? 10.954  6.501   -8.708  1.00 12.67 ? 57  ILE A CB  1 
ATOM   473  C CG1 . ILE A 1 57 ? 10.604  5.200   -9.429  1.00 15.97 ? 57  ILE A CG1 1 
ATOM   474  C CG2 . ILE A 1 57 ? 9.790   6.973   -7.843  1.00 14.42 ? 57  ILE A CG2 1 
ATOM   475  C CD1 . ILE A 1 57 ? 9.199   5.120   -9.933  1.00 20.81 ? 57  ILE A CD1 1 
ATOM   476  N N   . GLU A 1 58 ? 13.070  8.860   -8.512  1.00 10.55 ? 58  GLU A N   1 
ATOM   477  C CA  . GLU A 1 58 ? 13.613  10.036  -7.844  1.00 13.27 ? 58  GLU A CA  1 
ATOM   478  C C   . GLU A 1 58 ? 13.588  11.257  -8.760  1.00 14.45 ? 58  GLU A C   1 
ATOM   479  O O   . GLU A 1 58 ? 13.194  12.349  -8.342  1.00 12.43 ? 58  GLU A O   1 
ATOM   480  C CB  . GLU A 1 58 ? 15.044  9.748   -7.381  1.00 13.62 ? 58  GLU A CB  1 
ATOM   481  C CG  . GLU A 1 58 ? 15.141  8.761   -6.207  1.00 16.85 ? 58  GLU A CG  1 
ATOM   482  C CD  . GLU A 1 58 ? 16.574  8.564   -5.722  1.00 21.44 ? 58  GLU A CD  1 
ATOM   483  O OE1 . GLU A 1 58 ? 17.509  9.095   -6.369  1.00 25.06 ? 58  GLU A OE1 1 
ATOM   484  O OE2 . GLU A 1 58 ? 16.763  7.867   -4.704  1.00 27.69 ? 58  GLU A OE2 1 
ATOM   485  N N   . LYS A 1 59 ? 14.005  11.091  -10.013 1.00 15.07 ? 59  LYS A N   1 
ATOM   486  C CA  . LYS A 1 59 ? 14.033  12.220  -10.934 1.00 14.73 ? 59  LYS A CA  1 
ATOM   487  C C   . LYS A 1 59 ? 12.636  12.688  -11.311 1.00 17.28 ? 59  LYS A C   1 
ATOM   488  O O   . LYS A 1 59 ? 12.451  13.860  -11.667 1.00 15.84 ? 59  LYS A O   1 
ATOM   489  C CB  . LYS A 1 59 ? 14.803  11.853  -12.198 1.00 17.88 ? 59  LYS A CB  1 
ATOM   490  C CG  . LYS A 1 59 ? 16.287  11.596  -11.980 1.00 23.55 ? 59  LYS A CG  1 
ATOM   491  C CD  . LYS A 1 59 ? 17.069  11.790  -13.274 1.00 22.72 ? 59  LYS A CD  1 
ATOM   492  C CE  . LYS A 1 59 ? 16.584  10.823  -14.346 1.00 35.09 ? 59  LYS A CE  1 
ATOM   493  N NZ  . LYS A 1 59 ? 17.639  10.489  -15.348 1.00 37.87 ? 59  LYS A NZ  1 
ATOM   494  N N   . ASN A 1 60 ? 11.653  11.792  -11.278 1.00 13.21 ? 60  ASN A N   1 
ATOM   495  C CA  . ASN A 1 60 ? 10.294  12.106  -11.687 1.00 12.47 ? 60  ASN A CA  1 
ATOM   496  C C   . ASN A 1 60 ? 9.352   12.259  -10.493 1.00 11.63 ? 60  ASN A C   1 
ATOM   497  O O   . ASN A 1 60 ? 8.130   12.140  -10.647 1.00 9.59  ? 60  ASN A O   1 
ATOM   498  C CB  . ASN A 1 60 ? 9.795   11.021  -12.648 1.00 14.17 ? 60  ASN A CB  1 
ATOM   499  C CG  . ASN A 1 60 ? 10.445  11.116  -14.008 1.00 15.46 ? 60  ASN A CG  1 
ATOM   500  O OD1 . ASN A 1 60 ? 10.030  11.915  -14.831 1.00 18.86 ? 60  ASN A OD1 1 
ATOM   501  N ND2 . ASN A 1 60 ? 11.474  10.296  -14.254 1.00 14.88 ? 60  ASN A ND2 1 
ATOM   502  N N   . LYS A 1 61 ? 9.895   12.536  -9.306  1.00 12.32 ? 61  LYS A N   1 
ATOM   503  C CA  . LYS A 1 61 ? 9.087   12.620  -8.102  1.00 12.44 ? 61  LYS A CA  1 
ATOM   504  C C   . LYS A 1 61 ? 8.143   13.823  -8.165  1.00 13.81 ? 61  LYS A C   1 
ATOM   505  O O   . LYS A 1 61 ? 8.480   14.862  -8.740  1.00 14.16 ? 61  LYS A O   1 
ATOM   506  C CB  . LYS A 1 61 ? 9.983   12.736  -6.868  1.00 10.82 ? 61  LYS A CB  1 
ATOM   507  C CG  . LYS A 1 61 ? 10.663  14.118  -6.713  1.00 14.14 ? 61  LYS A CG  1 
ATOM   508  C CD  . LYS A 1 61 ? 11.213  14.333  -5.303  1.00 12.02 ? 61  LYS A CD  1 
ATOM   509  C CE  . LYS A 1 61 ? 11.646  15.779  -5.078  1.00 15.79 ? 61  LYS A CE  1 
ATOM   510  N NZ  . LYS A 1 61 ? 12.393  15.940  -3.793  1.00 16.96 ? 61  LYS A NZ  1 
ATOM   511  N N   . PRO A 1 62 ? 6.957   13.713  -7.575  1.00 12.98 ? 62  PRO A N   1 
ATOM   512  C CA  . PRO A 1 62 ? 6.053   14.863  -7.510  1.00 12.77 ? 62  PRO A CA  1 
ATOM   513  C C   . PRO A 1 62 ? 6.558   15.896  -6.519  1.00 13.98 ? 62  PRO A C   1 
ATOM   514  O O   . PRO A 1 62 ? 7.342   15.568  -5.611  1.00 14.05 ? 62  PRO A O   1 
ATOM   515  C CB  . PRO A 1 62 ? 4.729   14.241  -7.051  1.00 15.03 ? 62  PRO A CB  1 
ATOM   516  C CG  . PRO A 1 62 ? 5.134   13.033  -6.279  1.00 14.48 ? 62  PRO A CG  1 
ATOM   517  C CD  . PRO A 1 62 ? 6.364   12.505  -6.979  1.00 12.65 ? 62  PRO A CD  1 
ATOM   518  N N   . PRO A 1 63 ? 6.122   17.155  -6.654  1.00 17.00 ? 63  PRO A N   1 
ATOM   519  C CA  . PRO A 1 63 ? 6.692   18.235  -5.831  1.00 13.01 ? 63  PRO A CA  1 
ATOM   520  C C   . PRO A 1 63 ? 6.361   18.144  -4.356  1.00 15.96 ? 63  PRO A C   1 
ATOM   521  O O   . PRO A 1 63 ? 7.060   18.769  -3.546  1.00 15.09 ? 63  PRO A O   1 
ATOM   522  C CB  . PRO A 1 63 ? 6.077   19.506  -6.439  1.00 20.54 ? 63  PRO A CB  1 
ATOM   523  C CG  . PRO A 1 63 ? 5.516   19.096  -7.770  1.00 21.54 ? 63  PRO A CG  1 
ATOM   524  C CD  . PRO A 1 63 ? 5.166   17.656  -7.659  1.00 17.85 ? 63  PRO A CD  1 
ATOM   525  N N   . GLU A 1 64 ? 5.303   17.428  -3.974  1.00 13.64 ? 64  GLU A N   1 
ATOM   526  C CA  . GLU A 1 64 ? 4.935   17.263  -2.574  1.00 14.45 ? 64  GLU A CA  1 
ATOM   527  C C   . GLU A 1 64 ? 4.479   15.830  -2.364  1.00 15.87 ? 64  GLU A C   1 
ATOM   528  O O   . GLU A 1 64 ? 3.880   15.232  -3.257  1.00 16.56 ? 64  GLU A O   1 
ATOM   529  C CB  . GLU A 1 64 ? 3.810   18.228  -2.161  1.00 21.64 ? 64  GLU A CB  1 
ATOM   530  C CG  . GLU A 1 64 ? 3.805   19.544  -2.942  1.00 25.70 ? 64  GLU A CG  1 
ATOM   531  C CD  . GLU A 1 64 ? 2.854   20.591  -2.375  1.00 39.88 ? 64  GLU A CD  1 
ATOM   532  O OE1 . GLU A 1 64 ? 1.755   20.222  -1.897  1.00 36.49 ? 64  GLU A OE1 1 
ATOM   533  O OE2 . GLU A 1 64 ? 3.216   21.792  -2.410  1.00 42.78 ? 64  GLU A OE2 1 
ATOM   534  N N   . GLY A 1 65 ? 4.766   15.276  -1.196  1.00 16.29 ? 65  GLY A N   1 
ATOM   535  C CA  . GLY A 1 65 ? 4.272   13.963  -0.842  1.00 14.09 ? 65  GLY A CA  1 
ATOM   536  C C   . GLY A 1 65 ? 5.394   12.985  -0.536  1.00 16.29 ? 65  GLY A C   1 
ATOM   537  O O   . GLY A 1 65 ? 6.581   13.257  -0.714  1.00 14.36 ? 65  GLY A O   1 
ATOM   538  N N   . LEU A 1 66 ? 4.976   11.826  -0.060  1.00 14.79 ? 66  LEU A N   1 
ATOM   539  C CA  . LEU A 1 66 ? 5.873   10.775  0.389   1.00 14.58 ? 66  LEU A CA  1 
ATOM   540  C C   . LEU A 1 66 ? 5.780   9.623   -0.602  1.00 14.69 ? 66  LEU A C   1 
ATOM   541  O O   . LEU A 1 66 ? 4.680   9.125   -0.870  1.00 13.25 ? 66  LEU A O   1 
ATOM   542  C CB  . LEU A 1 66 ? 5.484   10.337  1.801   1.00 14.15 ? 66  LEU A CB  1 
ATOM   543  C CG  . LEU A 1 66 ? 6.234   9.236   2.547   1.00 22.03 ? 66  LEU A CG  1 
ATOM   544  C CD1 . LEU A 1 66 ? 7.744   9.469   2.536   1.00 20.69 ? 66  LEU A CD1 1 
ATOM   545  C CD2 . LEU A 1 66 ? 5.715   9.168   3.971   1.00 22.88 ? 66  LEU A CD2 1 
ATOM   546  N N   . VAL A 1 67 ? 6.925   9.210   -1.149  1.00 13.71 ? 67  VAL A N   1 
ATOM   547  C CA  . VAL A 1 67 ? 7.007   8.054   -2.038  1.00 11.95 ? 67  VAL A CA  1 
ATOM   548  C C   . VAL A 1 67 ? 7.999   7.064   -1.436  1.00 13.54 ? 67  VAL A C   1 
ATOM   549  O O   . VAL A 1 67 ? 9.164   7.403   -1.218  1.00 13.08 ? 67  VAL A O   1 
ATOM   550  C CB  . VAL A 1 67 ? 7.425   8.443   -3.464  1.00 12.69 ? 67  VAL A CB  1 
ATOM   551  C CG1 . VAL A 1 67 ? 7.551   7.188   -4.324  1.00 8.71  ? 67  VAL A CG1 1 
ATOM   552  C CG2 . VAL A 1 67 ? 6.436   9.440   -4.086  1.00 9.60  ? 67  VAL A CG2 1 
ATOM   553  N N   . GLU A 1 68 ? 7.548   5.840   -1.183  1.00 11.57 ? 68  GLU A N   1 
ATOM   554  C CA  . GLU A 1 68 ? 8.403   4.815   -0.599  1.00 13.27 ? 68  GLU A CA  1 
ATOM   555  C C   . GLU A 1 68 ? 8.453   3.635   -1.550  1.00 13.40 ? 68  GLU A C   1 
ATOM   556  O O   . GLU A 1 68 ? 7.416   3.220   -2.077  1.00 10.71 ? 68  GLU A O   1 
ATOM   557  C CB  . GLU A 1 68 ? 7.907   4.434   0.799   1.00 15.74 ? 68  GLU A CB  1 
ATOM   558  C CG  . GLU A 1 68 ? 8.298   5.541   1.788   1.00 20.09 ? 68  GLU A CG  1 
ATOM   559  C CD  . GLU A 1 68 ? 8.040   5.238   3.253   1.00 23.30 ? 68  GLU A CD  1 
ATOM   560  O OE1 . GLU A 1 68 ? 7.575   6.151   3.965   1.00 24.51 ? 68  GLU A OE1 1 
ATOM   561  O OE2 . GLU A 1 68 ? 8.328   4.104   3.700   1.00 35.20 ? 68  GLU A OE2 1 
ATOM   562  N N   . VAL A 1 69 ? 9.664   3.158   -1.833  1.00 12.26 ? 69  VAL A N   1 
ATOM   563  C CA  . VAL A 1 69 ? 9.905   2.143   -2.857  1.00 13.02 ? 69  VAL A CA  1 
ATOM   564  C C   . VAL A 1 69 ? 10.519  0.914   -2.199  1.00 13.19 ? 69  VAL A C   1 
ATOM   565  O O   . VAL A 1 69 ? 11.645  0.969   -1.688  1.00 13.93 ? 69  VAL A O   1 
ATOM   566  C CB  . VAL A 1 69 ? 10.808  2.674   -3.978  1.00 15.00 ? 69  VAL A CB  1 
ATOM   567  C CG1 . VAL A 1 69 ? 10.954  1.642   -5.074  1.00 13.02 ? 69  VAL A CG1 1 
ATOM   568  C CG2 . VAL A 1 69 ? 10.227  3.979   -4.554  1.00 16.96 ? 69  VAL A CG2 1 
ATOM   569  N N   . LEU A 1 70 ? 9.789   -0.198  -2.235  1.00 12.88 ? 70  LEU A N   1 
ATOM   570  C CA  . LEU A 1 70 ? 10.187  -1.441  -1.586  1.00 10.87 ? 70  LEU A CA  1 
ATOM   571  C C   . LEU A 1 70 ? 10.458  -2.522  -2.629  1.00 14.56 ? 70  LEU A C   1 
ATOM   572  O O   . LEU A 1 70 ? 9.715   -2.649  -3.606  1.00 15.37 ? 70  LEU A O   1 
ATOM   573  C CB  . LEU A 1 70 ? 9.085   -1.902  -0.629  1.00 11.93 ? 70  LEU A CB  1 
ATOM   574  C CG  . LEU A 1 70 ? 9.236   -3.216  0.135   1.00 14.26 ? 70  LEU A CG  1 
ATOM   575  C CD1 . LEU A 1 70 ? 10.309  -3.081  1.218   1.00 13.83 ? 70  LEU A CD1 1 
ATOM   576  C CD2 . LEU A 1 70 ? 7.877   -3.583  0.741   1.00 14.48 ? 70  LEU A CD2 1 
ATOM   577  N N   . THR A 1 71 ? 11.529  -3.287  -2.433  1.00 14.23 ? 71  THR A N   1 
ATOM   578  C CA  . THR A 1 71 ? 11.869  -4.414  -3.298  1.00 14.08 ? 71  THR A CA  1 
ATOM   579  C C   . THR A 1 71 ? 11.596  -5.719  -2.554  1.00 17.20 ? 71  THR A C   1 
ATOM   580  O O   . THR A 1 71 ? 12.085  -5.918  -1.436  1.00 13.13 ? 71  THR A O   1 
ATOM   581  C CB  . THR A 1 71 ? 13.337  -4.352  -3.736  1.00 15.49 ? 71  THR A CB  1 
ATOM   582  O OG1 . THR A 1 71 ? 13.631  -3.061  -4.277  1.00 20.75 ? 71  THR A OG1 1 
ATOM   583  C CG2 . THR A 1 71 ? 13.623  -5.411  -4.802  1.00 22.88 ? 71  THR A CG2 1 
ATOM   584  N N   . VAL A 1 72 ? 10.828  -6.612  -3.180  1.00 13.44 ? 72  VAL A N   1 
ATOM   585  C CA  . VAL A 1 72 ? 10.449  -7.885  -2.582  1.00 15.31 ? 72  VAL A CA  1 
ATOM   586  C C   . VAL A 1 72 ? 10.665  -8.994  -3.606  1.00 15.43 ? 72  VAL A C   1 
ATOM   587  O O   . VAL A 1 72 ? 10.801  -8.744  -4.808  1.00 12.93 ? 72  VAL A O   1 
ATOM   588  C CB  . VAL A 1 72 ? 8.987   -7.889  -2.089  1.00 14.48 ? 72  VAL A CB  1 
ATOM   589  C CG1 . VAL A 1 72 ? 8.756   -6.747  -1.098  1.00 17.37 ? 72  VAL A CG1 1 
ATOM   590  C CG2 . VAL A 1 72 ? 8.026   -7.779  -3.271  1.00 16.63 ? 72  VAL A CG2 1 
ATOM   591  N N   . THR A 1 73 ? 10.684  -10.238 -3.120  1.00 13.46 ? 73  THR A N   1 
ATOM   592  C CA  . THR A 1 73 ? 10.812  -11.354 -4.052  1.00 15.98 ? 73  THR A CA  1 
ATOM   593  C C   . THR A 1 73 ? 9.489   -11.615 -4.766  1.00 17.11 ? 73  THR A C   1 
ATOM   594  O O   . THR A 1 73 ? 8.420   -11.166 -4.342  1.00 11.36 ? 73  THR A O   1 
ATOM   595  C CB  . THR A 1 73 ? 11.273  -12.637 -3.346  1.00 19.34 ? 73  THR A CB  1 
ATOM   596  O OG1 . THR A 1 73 ? 10.294  -13.050 -2.385  1.00 16.83 ? 73  THR A OG1 1 
ATOM   597  C CG2 . THR A 1 73 ? 12.628  -12.430 -2.674  1.00 13.40 ? 73  THR A CG2 1 
ATOM   598  N N   . GLU A 1 74 ? 9.576   -12.341 -5.886  1.00 14.81 ? 74  GLU A N   1 
ATOM   599  C CA  . GLU A 1 74 ? 8.356   -12.746 -6.580  1.00 19.80 ? 74  GLU A CA  1 
ATOM   600  C C   . GLU A 1 74 ? 7.470   -13.593 -5.683  1.00 18.50 ? 74  GLU A C   1 
ATOM   601  O O   . GLU A 1 74 ? 6.239   -13.517 -5.765  1.00 19.54 ? 74  GLU A O   1 
ATOM   602  C CB  . GLU A 1 74 ? 8.684   -13.511 -7.861  1.00 23.43 ? 74  GLU A CB  1 
ATOM   603  C CG  . GLU A 1 74 ? 7.443   -13.881 -8.655  1.00 28.46 ? 74  GLU A CG  1 
ATOM   604  C CD  . GLU A 1 74 ? 6.725   -12.658 -9.210  1.00 34.44 ? 74  GLU A CD  1 
ATOM   605  O OE1 . GLU A 1 74 ? 7.418   -11.675 -9.547  1.00 39.88 ? 74  GLU A OE1 1 
ATOM   606  O OE2 . GLU A 1 74 ? 5.476   -12.674 -9.311  1.00 34.71 ? 74  GLU A OE2 1 
ATOM   607  N N   . LYS A 1 75 ? 8.074   -14.400 -4.810  1.00 17.61 ? 75  LYS A N   1 
ATOM   608  C CA  . LYS A 1 75 ? 7.276   -15.267 -3.950  1.00 17.82 ? 75  LYS A CA  1 
ATOM   609  C C   . LYS A 1 75 ? 6.524   -14.457 -2.903  1.00 19.52 ? 75  LYS A C   1 
ATOM   610  O O   . LYS A 1 75 ? 5.354   -14.740 -2.615  1.00 18.10 ? 75  LYS A O   1 
ATOM   611  C CB  . LYS A 1 75 ? 8.166   -16.318 -3.290  1.00 20.67 ? 75  LYS A CB  1 
ATOM   612  C CG  . LYS A 1 75 ? 8.804   -17.285 -4.276  1.00 28.93 ? 75  LYS A CG  1 
ATOM   613  C CD  . LYS A 1 75 ? 10.282  -17.554 -3.958  1.00 38.08 ? 75  LYS A CD  1 
ATOM   614  C CE  . LYS A 1 75 ? 11.158  -16.293 -4.088  1.00 34.35 ? 75  LYS A CE  1 
ATOM   615  N NZ  . LYS A 1 75 ? 10.987  -15.548 -5.390  1.00 23.95 ? 75  LYS A NZ  1 
ATOM   616  N N   . GLN A 1 76 ? 7.184   -13.455 -2.313  1.00 14.33 ? 76  GLN A N   1 
ATOM   617  C CA  . GLN A 1 76 ? 6.500   -12.601 -1.343  1.00 16.22 ? 76  GLN A CA  1 
ATOM   618  C C   . GLN A 1 76 ? 5.355   -11.845 -2.004  1.00 15.09 ? 76  GLN A C   1 
ATOM   619  O O   . GLN A 1 76 ? 4.309   -11.616 -1.386  1.00 14.12 ? 76  GLN A O   1 
ATOM   620  C CB  . GLN A 1 76 ? 7.482   -11.609 -0.707  1.00 14.64 ? 76  GLN A CB  1 
ATOM   621  C CG  . GLN A 1 76 ? 8.544   -12.212 0.219   1.00 16.70 ? 76  GLN A CG  1 
ATOM   622  C CD  . GLN A 1 76 ? 9.642   -11.211 0.547   1.00 15.99 ? 76  GLN A CD  1 
ATOM   623  O OE1 . GLN A 1 76 ? 10.097  -10.459 -0.314  1.00 16.47 ? 76  GLN A OE1 1 
ATOM   624  N NE2 . GLN A 1 76 ? 10.073  -11.203 1.793   1.00 20.59 ? 76  GLN A NE2 1 
ATOM   625  N N   . TYR A 1 77 ? 5.541   -11.446 -3.263  1.00 15.37 ? 77  TYR A N   1 
ATOM   626  C CA  . TYR A 1 77 ? 4.480   -10.752 -3.973  1.00 20.47 ? 77  TYR A CA  1 
ATOM   627  C C   . TYR A 1 77 ? 3.343   -11.707 -4.303  1.00 22.19 ? 77  TYR A C   1 
ATOM   628  O O   . TYR A 1 77 ? 2.166   -11.369 -4.114  1.00 15.99 ? 77  TYR A O   1 
ATOM   629  C CB  . TYR A 1 77 ? 5.030   -10.100 -5.244  1.00 18.59 ? 77  TYR A CB  1 
ATOM   630  C CG  . TYR A 1 77 ? 3.968   -9.414  -6.087  1.00 22.15 ? 77  TYR A CG  1 
ATOM   631  C CD1 . TYR A 1 77 ? 3.583   -8.099  -5.837  1.00 26.84 ? 77  TYR A CD1 1 
ATOM   632  C CD2 . TYR A 1 77 ? 3.356   -10.085 -7.136  1.00 26.49 ? 77  TYR A CD2 1 
ATOM   633  C CE1 . TYR A 1 77 ? 2.605   -7.480  -6.616  1.00 25.90 ? 77  TYR A CE1 1 
ATOM   634  C CE2 . TYR A 1 77 ? 2.385   -9.483  -7.909  1.00 29.39 ? 77  TYR A CE2 1 
ATOM   635  C CZ  . TYR A 1 77 ? 2.014   -8.186  -7.649  1.00 32.27 ? 77  TYR A CZ  1 
ATOM   636  O OH  . TYR A 1 77 ? 1.046   -7.606  -8.442  1.00 38.81 ? 77  TYR A OH  1 
ATOM   637  N N   . ALA A 1 78 ? 3.675   -12.912 -4.776  1.00 18.90 ? 78  ALA A N   1 
ATOM   638  C CA  . ALA A 1 78 ? 2.631   -13.858 -5.157  1.00 22.64 ? 78  ALA A CA  1 
ATOM   639  C C   . ALA A 1 78 ? 1.833   -14.335 -3.952  1.00 19.28 ? 78  ALA A C   1 
ATOM   640  O O   . ALA A 1 78 ? 0.643   -14.636 -4.087  1.00 21.07 ? 78  ALA A O   1 
ATOM   641  C CB  . ALA A 1 78 ? 3.233   -15.054 -5.899  1.00 24.17 ? 78  ALA A CB  1 
ATOM   642  N N   . LYS A 1 79 ? 2.448   -14.390 -2.772  1.00 18.68 ? 79  LYS A N   1 
ATOM   643  C CA  . LYS A 1 79 ? 1.770   -14.876 -1.578  1.00 22.88 ? 79  LYS A CA  1 
ATOM   644  C C   . LYS A 1 79 ? 1.140   -13.766 -0.734  1.00 18.12 ? 79  LYS A C   1 
ATOM   645  O O   . LYS A 1 79 ? 0.702   -14.036 0.387   1.00 19.02 ? 79  LYS A O   1 
ATOM   646  C CB  . LYS A 1 79 ? 2.744   -15.688 -0.733  1.00 29.75 ? 79  LYS A CB  1 
ATOM   647  C CG  . LYS A 1 79 ? 2.988   -17.096 -1.273  1.00 30.91 ? 79  LYS A CG  1 
ATOM   648  C CD  . LYS A 1 79 ? 3.849   -17.871 -0.297  1.00 41.24 ? 79  LYS A CD  1 
ATOM   649  C CE  . LYS A 1 79 ? 3.055   -18.185 0.953   1.00 49.33 ? 79  LYS A CE  1 
ATOM   650  N NZ  . LYS A 1 79 ? 3.366   -17.193 2.027   1.00 50.28 ? 79  LYS A NZ  1 
ATOM   651  N N   . MET A 1 80 ? 1.080   -12.537 -1.242  1.00 15.34 ? 80  MET A N   1 
ATOM   652  C CA  . MET A 1 80 ? 0.379   -11.466 -0.541  1.00 15.27 ? 80  MET A CA  1 
ATOM   653  C C   . MET A 1 80 ? -1.069  -11.866 -0.267  1.00 14.12 ? 80  MET A C   1 
ATOM   654  O O   . MET A 1 80 ? -1.735  -12.469 -1.111  1.00 18.28 ? 80  MET A O   1 
ATOM   655  C CB  . MET A 1 80 ? 0.420   -10.181 -1.377  1.00 17.63 ? 80  MET A CB  1 
ATOM   656  C CG  . MET A 1 80 ? 1.672   -9.341  -1.195  1.00 20.30 ? 80  MET A CG  1 
ATOM   657  S SD  . MET A 1 80 ? 1.602   -7.771  -2.098  1.00 22.82 ? 80  MET A SD  1 
ATOM   658  C CE  . MET A 1 80 ? -0.119  -7.769  -2.592  1.00 22.05 ? 80  MET A CE  1 
ATOM   659  N N   . GLU A 1 81 ? -1.567  -11.536 0.918   1.00 18.87 ? 81  GLU A N   1 
ATOM   660  C CA  . GLU A 1 81 ? -2.947  -11.877 1.262   1.00 21.74 ? 81  GLU A CA  1 
ATOM   661  C C   . GLU A 1 81 ? -3.882  -10.781 0.771   1.00 21.73 ? 81  GLU A C   1 
ATOM   662  O O   . GLU A 1 81 ? -3.650  -9.596  1.017   1.00 20.84 ? 81  GLU A O   1 
ATOM   663  C CB  . GLU A 1 81 ? -3.109  -12.076 2.763   1.00 19.20 ? 81  GLU A CB  1 
ATOM   664  C CG  . GLU A 1 81 ? -2.031  -12.946 3.379   1.00 27.19 ? 81  GLU A CG  1 
ATOM   665  C CD  . GLU A 1 81 ? -2.391  -14.419 3.348   1.00 30.81 ? 81  GLU A CD  1 
ATOM   666  O OE1 . GLU A 1 81 ? -3.566  -14.744 3.061   1.00 35.37 ? 81  GLU A OE1 1 
ATOM   667  O OE2 . GLU A 1 81 ? -1.502  -15.251 3.613   1.00 43.76 ? 81  GLU A OE2 1 
ATOM   668  N N   . ILE A 1 82 ? -4.935  -11.173 0.069   1.00 18.53 ? 82  ILE A N   1 
ATOM   669  C CA  . ILE A 1 82 ? -5.860  -10.222 -0.527  1.00 19.98 ? 82  ILE A CA  1 
ATOM   670  C C   . ILE A 1 82 ? -7.182  -10.348 0.213   1.00 20.55 ? 82  ILE A C   1 
ATOM   671  O O   . ILE A 1 82 ? -7.828  -11.400 0.163   1.00 18.77 ? 82  ILE A O   1 
ATOM   672  C CB  . ILE A 1 82 ? -6.029  -10.461 -2.036  1.00 21.32 ? 82  ILE A CB  1 
ATOM   673  C CG1 . ILE A 1 82 ? -4.665  -10.474 -2.729  1.00 24.59 ? 82  ILE A CG1 1 
ATOM   674  C CG2 . ILE A 1 82 ? -6.892  -9.377  -2.653  1.00 20.65 ? 82  ILE A CG2 1 
ATOM   675  C CD1 . ILE A 1 82 ? -4.164  -11.867 -3.054  1.00 29.16 ? 82  ILE A CD1 1 
ATOM   676  N N   . ILE A 1 83 ? -7.581  -9.283  0.907   1.00 10.79 ? 83  ILE A N   1 
ATOM   677  C CA  . ILE A 1 83 ? -8.769  -9.301  1.751   1.00 14.52 ? 83  ILE A CA  1 
ATOM   678  C C   . ILE A 1 83 ? -9.776  -8.327  1.156   1.00 14.39 ? 83  ILE A C   1 
ATOM   679  O O   . ILE A 1 83 ? -9.482  -7.137  1.002   1.00 14.47 ? 83  ILE A O   1 
ATOM   680  C CB  . ILE A 1 83 ? -8.441  -8.951  3.215   1.00 13.70 ? 83  ILE A CB  1 
ATOM   681  C CG1 . ILE A 1 83 ? -7.694  -10.110 3.878   1.00 17.31 ? 83  ILE A CG1 1 
ATOM   682  C CG2 . ILE A 1 83 ? -9.703  -8.678  3.980   1.00 15.39 ? 83  ILE A CG2 1 
ATOM   683  C CD1 . ILE A 1 83 ? -6.868  -9.702  5.083   1.00 14.49 ? 83  ILE A CD1 1 
ATOM   684  N N   . ILE A 1 84 ? -10.956 -8.828  0.814   1.00 14.29 ? 84  ILE A N   1 
ATOM   685  C CA  . ILE A 1 84 ? -11.959 -8.038  0.113   1.00 18.31 ? 84  ILE A CA  1 
ATOM   686  C C   . ILE A 1 84 ? -13.021 -7.591  1.104   1.00 15.69 ? 84  ILE A C   1 
ATOM   687  O O   . ILE A 1 84 ? -13.605 -8.420  1.817   1.00 16.76 ? 84  ILE A O   1 
ATOM   688  C CB  . ILE A 1 84 ? -12.592 -8.829  -1.039  1.00 18.30 ? 84  ILE A CB  1 
ATOM   689  C CG1 . ILE A 1 84 ? -11.497 -9.478  -1.890  1.00 20.56 ? 84  ILE A CG1 1 
ATOM   690  C CG2 . ILE A 1 84 ? -13.459 -7.898  -1.864  1.00 20.52 ? 84  ILE A CG2 1 
ATOM   691  C CD1 . ILE A 1 84 ? -10.937 -8.553  -2.932  1.00 24.33 ? 84  ILE A CD1 1 
ATOM   692  N N   . GLY A 1 85 ? -13.266 -6.284  1.147   1.00 16.25 ? 85  GLY A N   1 
ATOM   693  C CA  . GLY A 1 85 ? -14.254 -5.759  2.070   1.00 14.13 ? 85  GLY A CA  1 
ATOM   694  C C   . GLY A 1 85 ? -15.609 -6.408  1.839   1.00 17.04 ? 85  GLY A C   1 
ATOM   695  O O   . GLY A 1 85 ? -16.018 -6.650  0.702   1.00 18.56 ? 85  GLY A O   1 
ATOM   696  N N   . GLU A 1 86 ? -16.285 -6.718  2.936   1.00 17.29 ? 86  GLU A N   1 
ATOM   697  C CA  . GLU A 1 86 ? -17.617 -7.299  2.879   1.00 19.93 ? 86  GLU A CA  1 
ATOM   698  C C   . GLU A 1 86 ? -18.318 -7.014  4.198   1.00 18.61 ? 86  GLU A C   1 
ATOM   699  O O   . GLU A 1 86 ? -17.703 -7.119  5.262   1.00 14.33 ? 86  GLU A O   1 
ATOM   700  C CB  . GLU A 1 86 ? -17.559 -8.813  2.623   1.00 22.32 ? 86  GLU A CB  1 
ATOM   701  C CG  . GLU A 1 86 ? -18.904 -9.438  2.344   1.00 28.23 ? 86  GLU A CG  1 
ATOM   702  C CD  . GLU A 1 86 ? -18.892 -10.289 1.084   1.00 44.49 ? 86  GLU A CD  1 
ATOM   703  O OE1 . GLU A 1 86 ? -19.741 -10.036 0.198   1.00 52.71 ? 86  GLU A OE1 1 
ATOM   704  O OE2 . GLU A 1 86 ? -18.039 -11.207 0.979   1.00 44.11 ? 86  GLU A OE2 1 
ATOM   705  N N   . SER A 1 87 ? -19.595 -6.632  4.115   1.00 17.91 ? 87  SER A N   1 
ATOM   706  C CA  . SER A 1 87 ? -20.415 -6.480  5.311   1.00 23.04 ? 87  SER A CA  1 
ATOM   707  C C   . SER A 1 87 ? -20.489 -7.784  6.095   1.00 24.37 ? 87  SER A C   1 
ATOM   708  O O   . SER A 1 87 ? -20.572 -8.869  5.514   1.00 22.06 ? 87  SER A O   1 
ATOM   709  C CB  . SER A 1 87 ? -21.828 -6.043  4.920   1.00 25.81 ? 87  SER A CB  1 
ATOM   710  O OG  . SER A 1 87 ? -22.607 -5.801  6.072   1.00 27.52 ? 87  SER A OG  1 
ATOM   711  N N   . LYS A 1 88 ? -20.477 -7.672  7.427   1.00 22.10 ? 88  LYS A N   1 
ATOM   712  C CA  . LYS A 1 88 ? -20.594 -8.858  8.272   1.00 29.11 ? 88  LYS A CA  1 
ATOM   713  C C   . LYS A 1 88 ? -21.939 -9.548  8.105   1.00 27.70 ? 88  LYS A C   1 
ATOM   714  O O   . LYS A 1 88 ? -22.083 -10.703 8.522   1.00 26.36 ? 88  LYS A O   1 
ATOM   715  C CB  . LYS A 1 88 ? -20.403 -8.497  9.750   1.00 29.15 ? 88  LYS A CB  1 
ATOM   716  C CG  . LYS A 1 88 ? -18.997 -8.712  10.268  1.00 27.61 ? 88  LYS A CG  1 
ATOM   717  C CD  . LYS A 1 88 ? -18.102 -7.604  9.763   1.00 36.21 ? 88  LYS A CD  1 
ATOM   718  C CE  . LYS A 1 88 ? -16.633 -8.002  9.736   1.00 28.06 ? 88  LYS A CE  1 
ATOM   719  N NZ  . LYS A 1 88 ? -15.759 -6.814  9.818   1.00 15.23 ? 88  LYS A NZ  1 
ATOM   720  N N   . THR A 1 89 ? -22.919 -8.861  7.515   1.00 24.74 ? 89  THR A N   1 
ATOM   721  C CA  . THR A 1 89 ? -24.274 -9.365  7.314   1.00 27.26 ? 89  THR A CA  1 
ATOM   722  C C   . THR A 1 89 ? -24.650 -9.225  5.840   1.00 31.98 ? 89  THR A C   1 
ATOM   723  O O   . THR A 1 89 ? -25.650 -8.603  5.476   1.00 37.56 ? 89  THR A O   1 
ATOM   724  C CB  . THR A 1 89 ? -25.297 -8.611  8.168   1.00 34.38 ? 89  THR A CB  1 
ATOM   725  O OG1 . THR A 1 89 ? -25.146 -7.198  7.963   1.00 36.47 ? 89  THR A OG1 1 
ATOM   726  C CG2 . THR A 1 89 ? -25.114 -8.924  9.633   1.00 31.03 ? 89  THR A CG2 1 
ATOM   727  N N   . GLU A 1 90 ? -23.826 -9.797  4.975   1.00 27.07 ? 90  GLU A N   1 
ATOM   728  C CA  . GLU A 1 90 ? -24.129 -9.775  3.557   1.00 30.23 ? 90  GLU A CA  1 
ATOM   729  C C   . GLU A 1 90 ? -24.963 -10.992 3.168   1.00 26.76 ? 90  GLU A C   1 
ATOM   730  O O   . GLU A 1 90 ? -24.818 -12.080 3.735   1.00 23.61 ? 90  GLU A O   1 
ATOM   731  C CB  . GLU A 1 90 ? -22.850 -9.721  2.718   1.00 27.90 ? 90  GLU A CB  1 
ATOM   732  C CG  . GLU A 1 90 ? -23.073 -9.445  1.218   1.00 32.08 ? 90  GLU A CG  1 
ATOM   733  C CD  . GLU A 1 90 ? -23.833 -8.145  0.924   1.00 44.74 ? 90  GLU A CD  1 
ATOM   734  O OE1 . GLU A 1 90 ? -23.250 -7.262  0.257   1.00 44.80 ? 90  GLU A OE1 1 
ATOM   735  O OE2 . GLU A 1 90 ? -25.014 -8.010  1.331   1.00 45.59 ? 90  GLU A OE2 1 
ATOM   736  N N   . TYR A 1 91 ? -25.862 -10.781 2.209   1.00 21.45 ? 91  TYR A N   1 
ATOM   737  C CA  . TYR A 1 91 ? -26.614 -11.864 1.598   1.00 20.28 ? 91  TYR A CA  1 
ATOM   738  C C   . TYR A 1 91 ? -25.738 -12.622 0.606   1.00 22.45 ? 91  TYR A C   1 
ATOM   739  O O   . TYR A 1 91 ? -24.825 -12.059 -0.006  1.00 21.96 ? 91  TYR A O   1 
ATOM   740  C CB  . TYR A 1 91 ? -27.855 -11.317 0.888   1.00 16.53 ? 91  TYR A CB  1 
ATOM   741  C CG  . TYR A 1 91 ? -28.895 -10.782 1.842   1.00 15.80 ? 91  TYR A CG  1 
ATOM   742  C CD1 . TYR A 1 91 ? -29.584 -11.639 2.704   1.00 16.10 ? 91  TYR A CD1 1 
ATOM   743  C CD2 . TYR A 1 91 ? -29.178 -9.427  1.899   1.00 16.19 ? 91  TYR A CD2 1 
ATOM   744  C CE1 . TYR A 1 91 ? -30.528 -11.155 3.588   1.00 15.29 ? 91  TYR A CE1 1 
ATOM   745  C CE2 . TYR A 1 91 ? -30.115 -8.929  2.783   1.00 16.43 ? 91  TYR A CE2 1 
ATOM   746  C CZ  . TYR A 1 91 ? -30.794 -9.795  3.620   1.00 16.20 ? 91  TYR A CZ  1 
ATOM   747  O OH  . TYR A 1 91 ? -31.730 -9.296  4.504   1.00 14.52 ? 91  TYR A OH  1 
ATOM   748  N N   . LEU A 1 92 ? -26.018 -13.912 0.452   1.00 15.56 ? 92  LEU A N   1 
ATOM   749  C CA  . LEU A 1 92 ? -25.276 -14.744 -0.483  1.00 21.88 ? 92  LEU A CA  1 
ATOM   750  C C   . LEU A 1 92 ? -26.081 -14.939 -1.759  1.00 23.84 ? 92  LEU A C   1 
ATOM   751  O O   . LEU A 1 92 ? -27.315 -14.999 -1.735  1.00 18.23 ? 92  LEU A O   1 
ATOM   752  C CB  . LEU A 1 92 ? -24.942 -16.101 0.127   1.00 20.86 ? 92  LEU A CB  1 
ATOM   753  C CG  . LEU A 1 92 ? -23.808 -16.106 1.148   1.00 26.56 ? 92  LEU A CG  1 
ATOM   754  C CD1 . LEU A 1 92 ? -23.826 -17.400 1.941   1.00 26.46 ? 92  LEU A CD1 1 
ATOM   755  C CD2 . LEU A 1 92 ? -22.485 -15.917 0.431   1.00 28.34 ? 92  LEU A CD2 1 
ATOM   756  N N   . ASN A 1 93 ? -25.369 -15.039 -2.878  1.00 22.15 ? 93  ASN A N   1 
ATOM   757  C CA  . ASN A 1 93 ? -26.005 -15.258 -4.179  1.00 27.74 ? 93  ASN A CA  1 
ATOM   758  C C   . ASN A 1 93 ? -26.678 -16.620 -4.256  1.00 27.94 ? 93  ASN A C   1 
ATOM   759  O O   . ASN A 1 93 ? -26.066 -17.626 -3.905  1.00 29.77 ? 93  ASN A O   1 
ATOM   760  C CB  . ASN A 1 93 ? -24.982 -15.134 -5.301  1.00 36.17 ? 93  ASN A CB  1 
ATOM   761  C CG  . ASN A 1 93 ? -25.117 -13.838 -6.057  1.00 43.47 ? 93  ASN A CG  1 
ATOM   762  O OD1 . ASN A 1 93 ? -26.211 -13.278 -6.158  1.00 46.99 ? 93  ASN A OD1 1 
ATOM   763  N ND2 . ASN A 1 93 ? -24.008 -13.353 -6.602  1.00 44.06 ? 93  ASN A ND2 1 
ATOM   764  N N   . ARG B 1 2  ? 8.426   -8.619  9.322   1.00 11.26 ? 2   ARG B N   1 
ATOM   765  C CA  . ARG B 1 2  ? 7.633   -7.381  9.258   1.00 13.59 ? 2   ARG B CA  1 
ATOM   766  C C   . ARG B 1 2  ? 6.413   -7.503  8.328   1.00 12.87 ? 2   ARG B C   1 
ATOM   767  O O   . ARG B 1 2  ? 6.528   -7.818  7.140   1.00 12.77 ? 2   ARG B O   1 
ATOM   768  C CB  . ARG B 1 2  ? 8.515   -6.205  8.833   1.00 15.17 ? 2   ARG B CB  1 
ATOM   769  C CG  . ARG B 1 2  ? 7.773   -5.007  8.281   1.00 20.39 ? 2   ARG B CG  1 
ATOM   770  C CD  . ARG B 1 2  ? 7.513   -3.922  9.317   1.00 17.36 ? 2   ARG B CD  1 
ATOM   771  N NE  . ARG B 1 2  ? 8.581   -3.790  10.311  1.00 15.97 ? 2   ARG B NE  1 
ATOM   772  C CZ  . ARG B 1 2  ? 8.487   -3.033  11.402  1.00 19.14 ? 2   ARG B CZ  1 
ATOM   773  N NH1 . ARG B 1 2  ? 7.379   -2.326  11.630  1.00 15.63 ? 2   ARG B NH1 1 
ATOM   774  N NH2 . ARG B 1 2  ? 9.488   -2.989  12.268  1.00 17.79 ? 2   ARG B NH2 1 
ATOM   775  N N   . VAL B 1 3  ? 5.241   -7.230  8.892   1.00 15.40 ? 3   VAL B N   1 
ATOM   776  C CA  . VAL B 1 3  ? 3.965   -7.357  8.196   1.00 13.59 ? 3   VAL B CA  1 
ATOM   777  C C   . VAL B 1 3  ? 3.508   -5.971  7.764   1.00 12.33 ? 3   VAL B C   1 
ATOM   778  O O   . VAL B 1 3  ? 3.410   -5.061  8.598   1.00 14.41 ? 3   VAL B O   1 
ATOM   779  C CB  . VAL B 1 3  ? 2.916   -8.019  9.103   1.00 15.70 ? 3   VAL B CB  1 
ATOM   780  C CG1 . VAL B 1 3  ? 1.560   -8.054  8.411   1.00 17.67 ? 3   VAL B CG1 1 
ATOM   781  C CG2 . VAL B 1 3  ? 3.374   -9.406  9.477   1.00 17.05 ? 3   VAL B CG2 1 
ATOM   782  N N   . ILE B 1 4  ? 3.204   -5.817  6.475   1.00 10.04 ? 4   ILE B N   1 
ATOM   783  C CA  . ILE B 1 4  ? 2.724   -4.552  5.916   1.00 12.09 ? 4   ILE B CA  1 
ATOM   784  C C   . ILE B 1 4  ? 1.268   -4.737  5.490   1.00 12.43 ? 4   ILE B C   1 
ATOM   785  O O   . ILE B 1 4  ? 0.952   -5.638  4.703   1.00 10.92 ? 4   ILE B O   1 
ATOM   786  C CB  . ILE B 1 4  ? 3.587   -4.083  4.729   1.00 8.37  ? 4   ILE B CB  1 
ATOM   787  C CG1 . ILE B 1 4  ? 5.071   -4.020  5.120   1.00 12.84 ? 4   ILE B CG1 1 
ATOM   788  C CG2 . ILE B 1 4  ? 3.102   -2.704  4.208   1.00 11.72 ? 4   ILE B CG2 1 
ATOM   789  C CD1 . ILE B 1 4  ? 6.045   -4.097  3.912   1.00 11.68 ? 4   ILE B CD1 1 
ATOM   790  N N   . VAL B 1 5  ? 0.387   -3.886  6.009   1.00 10.75 ? 5   VAL B N   1 
ATOM   791  C CA  . VAL B 1 5  ? -1.017  -3.849  5.615   1.00 12.36 ? 5   VAL B CA  1 
ATOM   792  C C   . VAL B 1 5  ? -1.250  -2.545  4.867   1.00 11.92 ? 5   VAL B C   1 
ATOM   793  O O   . VAL B 1 5  ? -1.069  -1.460  5.431   1.00 12.33 ? 5   VAL B O   1 
ATOM   794  C CB  . VAL B 1 5  ? -1.952  -3.959  6.829   1.00 11.26 ? 5   VAL B CB  1 
ATOM   795  C CG1 . VAL B 1 5  ? -3.406  -3.859  6.396   1.00 11.89 ? 5   VAL B CG1 1 
ATOM   796  C CG2 . VAL B 1 5  ? -1.729  -5.252  7.548   1.00 14.33 ? 5   VAL B CG2 1 
ATOM   797  N N   . PHE B 1 6  ? -1.646  -2.643  3.601   1.00 11.63 ? 6   PHE B N   1 
ATOM   798  C CA  . PHE B 1 6  ? -2.000  -1.460  2.828   1.00 12.69 ? 6   PHE B CA  1 
ATOM   799  C C   . PHE B 1 6  ? -3.389  -1.655  2.247   1.00 12.21 ? 6   PHE B C   1 
ATOM   800  O O   . PHE B 1 6  ? -3.739  -2.755  1.820   1.00 12.43 ? 6   PHE B O   1 
ATOM   801  C CB  . PHE B 1 6  ? -0.964  -1.148  1.722   1.00 11.83 ? 6   PHE B CB  1 
ATOM   802  C CG  . PHE B 1 6  ? -0.631  -2.306  0.828   1.00 12.42 ? 6   PHE B CG  1 
ATOM   803  C CD1 . PHE B 1 6  ? 0.217   -3.322  1.254   1.00 12.92 ? 6   PHE B CD1 1 
ATOM   804  C CD2 . PHE B 1 6  ? -1.126  -2.354  -0.458  1.00 14.52 ? 6   PHE B CD2 1 
ATOM   805  C CE1 . PHE B 1 6  ? 0.544   -4.380  0.413   1.00 12.46 ? 6   PHE B CE1 1 
ATOM   806  C CE2 . PHE B 1 6  ? -0.810  -3.424  -1.313  1.00 19.23 ? 6   PHE B CE2 1 
ATOM   807  C CZ  . PHE B 1 6  ? 0.027   -4.437  -0.870  1.00 15.09 ? 6   PHE B CZ  1 
ATOM   808  N N   . PHE B 1 7  ? -4.191  -0.590  2.276   1.00 13.77 ? 7   PHE B N   1 
ATOM   809  C CA  . PHE B 1 7  ? -5.598  -0.709  1.939   1.00 15.09 ? 7   PHE B CA  1 
ATOM   810  C C   . PHE B 1 7  ? -6.069  0.449   1.068   1.00 15.35 ? 7   PHE B C   1 
ATOM   811  O O   . PHE B 1 7  ? -5.524  1.555   1.105   1.00 14.51 ? 7   PHE B O   1 
ATOM   812  C CB  . PHE B 1 7  ? -6.490  -0.803  3.194   1.00 11.13 ? 7   PHE B CB  1 
ATOM   813  C CG  . PHE B 1 7  ? -6.160  0.188   4.284   1.00 13.44 ? 7   PHE B CG  1 
ATOM   814  C CD1 . PHE B 1 7  ? -5.145  -0.070  5.195   1.00 15.05 ? 7   PHE B CD1 1 
ATOM   815  C CD2 . PHE B 1 7  ? -6.916  1.338   4.446   1.00 11.92 ? 7   PHE B CD2 1 
ATOM   816  C CE1 . PHE B 1 7  ? -4.867  0.822   6.210   1.00 11.82 ? 7   PHE B CE1 1 
ATOM   817  C CE2 . PHE B 1 7  ? -6.648  2.228   5.470   1.00 14.64 ? 7   PHE B CE2 1 
ATOM   818  C CZ  . PHE B 1 7  ? -5.624  1.967   6.352   1.00 13.80 ? 7   PHE B CZ  1 
ATOM   819  N N   . ASP B 1 8  ? -7.115  0.158   0.295   1.00 14.11 ? 8   ASP B N   1 
ATOM   820  C CA  . ASP B 1 8  ? -7.727  1.068   -0.672  1.00 14.21 ? 8   ASP B CA  1 
ATOM   821  C C   . ASP B 1 8  ? -9.227  0.982   -0.391  1.00 16.62 ? 8   ASP B C   1 
ATOM   822  O O   . ASP B 1 8  ? -9.897  0.048   -0.840  1.00 12.62 ? 8   ASP B O   1 
ATOM   823  C CB  . ASP B 1 8  ? -7.371  0.654   -2.108  1.00 18.94 ? 8   ASP B CB  1 
ATOM   824  C CG  . ASP B 1 8  ? -7.988  1.562   -3.176  1.00 25.53 ? 8   ASP B CG  1 
ATOM   825  O OD1 . ASP B 1 8  ? -7.741  1.304   -4.388  1.00 22.37 ? 8   ASP B OD1 1 
ATOM   826  O OD2 . ASP B 1 8  ? -8.708  2.522   -2.815  1.00 22.46 ? 8   ASP B OD2 1 
ATOM   827  N N   . LEU B 1 9  ? -9.737  1.932   0.383   1.00 15.59 ? 9   LEU B N   1 
ATOM   828  C CA  . LEU B 1 9  ? -11.113 1.955   0.835   1.00 17.37 ? 9   LEU B CA  1 
ATOM   829  C C   . LEU B 1 9  ? -11.817 3.171   0.252   1.00 17.68 ? 9   LEU B C   1 
ATOM   830  O O   . LEU B 1 9  ? -11.188 4.215   0.058   1.00 20.79 ? 9   LEU B O   1 
ATOM   831  C CB  . LEU B 1 9  ? -11.198 2.008   2.373   1.00 13.60 ? 9   LEU B CB  1 
ATOM   832  C CG  . LEU B 1 9  ? -10.365 0.991   3.173   1.00 13.65 ? 9   LEU B CG  1 
ATOM   833  C CD1 . LEU B 1 9  ? -10.549 1.148   4.678   1.00 15.04 ? 9   LEU B CD1 1 
ATOM   834  C CD2 . LEU B 1 9  ? -10.666 -0.452  2.765   1.00 11.95 ? 9   LEU B CD2 1 
ATOM   835  N N   . PRO B 1 10 ? -13.115 3.066   -0.039  1.00 19.41 ? 10  PRO B N   1 
ATOM   836  C CA  . PRO B 1 10 ? -13.867 4.239   -0.514  1.00 16.60 ? 10  PRO B CA  1 
ATOM   837  C C   . PRO B 1 10 ? -13.914 5.345   0.533   1.00 22.88 ? 10  PRO B C   1 
ATOM   838  O O   . PRO B 1 10 ? -13.921 5.094   1.742   1.00 20.81 ? 10  PRO B O   1 
ATOM   839  C CB  . PRO B 1 10 ? -15.268 3.679   -0.792  1.00 21.38 ? 10  PRO B CB  1 
ATOM   840  C CG  . PRO B 1 10 ? -15.101 2.206   -0.888  1.00 25.15 ? 10  PRO B CG  1 
ATOM   841  C CD  . PRO B 1 10 ? -13.934 1.843   -0.018  1.00 18.92 ? 10  PRO B CD  1 
ATOM   842  N N   . VAL B 1 11 ? -13.970 6.588   0.048   1.00 20.94 ? 11  VAL B N   1 
ATOM   843  C CA  . VAL B 1 11 ? -13.862 7.771   0.896   1.00 22.18 ? 11  VAL B CA  1 
ATOM   844  C C   . VAL B 1 11 ? -14.883 8.814   0.418   1.00 25.09 ? 11  VAL B C   1 
ATOM   845  O O   . VAL B 1 11 ? -14.933 9.946   0.913   1.00 27.52 ? 11  VAL B O   1 
ATOM   846  C CB  . VAL B 1 11 ? -12.389 8.249   0.890   1.00 23.15 ? 11  VAL B CB  1 
ATOM   847  C CG1 . VAL B 1 11 ? -12.196 9.733   1.142   1.00 33.33 ? 11  VAL B CG1 1 
ATOM   848  C CG2 . VAL B 1 11 ? -11.589 7.434   1.915   1.00 26.95 ? 11  VAL B CG2 1 
ATOM   849  N N   . ILE B 1 12 ? -15.766 8.404   -0.492  1.00 22.38 ? 12  ILE B N   1 
ATOM   850  C CA  . ILE B 1 12 ? -16.720 9.342   -1.090  1.00 26.48 ? 12  ILE B CA  1 
ATOM   851  C C   . ILE B 1 12 ? -17.738 9.819   -0.054  1.00 27.38 ? 12  ILE B C   1 
ATOM   852  O O   . ILE B 1 12 ? -17.903 11.024  0.164   1.00 31.89 ? 12  ILE B O   1 
ATOM   853  C CB  . ILE B 1 12 ? -17.410 8.706   -2.312  1.00 27.99 ? 12  ILE B CB  1 
ATOM   854  C CG1 . ILE B 1 12 ? -16.414 8.547   -3.466  1.00 27.72 ? 12  ILE B CG1 1 
ATOM   855  C CG2 . ILE B 1 12 ? -18.621 9.544   -2.760  1.00 35.65 ? 12  ILE B CG2 1 
ATOM   856  C CD1 . ILE B 1 12 ? -16.496 7.209   -4.165  1.00 32.24 ? 12  ILE B CD1 1 
ATOM   857  N N   . THR B 1 13 ? -18.432 8.885   0.608   1.00 23.70 ? 13  THR B N   1 
ATOM   858  C CA  . THR B 1 13 ? -19.532 9.295   1.474   1.00 23.57 ? 13  THR B CA  1 
ATOM   859  C C   . THR B 1 13 ? -19.070 9.502   2.914   1.00 24.65 ? 13  THR B C   1 
ATOM   860  O O   . THR B 1 13 ? -17.994 9.033   3.309   1.00 21.47 ? 13  THR B O   1 
ATOM   861  C CB  . THR B 1 13 ? -20.639 8.248   1.436   1.00 23.96 ? 13  THR B CB  1 
ATOM   862  O OG1 . THR B 1 13 ? -20.177 7.044   2.059   1.00 21.74 ? 13  THR B OG1 1 
ATOM   863  C CG2 . THR B 1 13 ? -21.039 7.955   0.001   1.00 25.53 ? 13  THR B CG2 1 
ATOM   864  N N   . PRO B 1 14 ? -19.861 10.220  3.730   1.00 23.35 ? 14  PRO B N   1 
ATOM   865  C CA  . PRO B 1 14 ? -19.562 10.259  5.174   1.00 23.14 ? 14  PRO B CA  1 
ATOM   866  C C   . PRO B 1 14 ? -19.489 8.879   5.798   1.00 18.51 ? 14  PRO B C   1 
ATOM   867  O O   . PRO B 1 14 ? -18.629 8.635   6.652   1.00 14.37 ? 14  PRO B O   1 
ATOM   868  C CB  . PRO B 1 14 ? -20.721 11.085  5.755   1.00 26.05 ? 14  PRO B CB  1 
ATOM   869  C CG  . PRO B 1 14 ? -21.178 11.943  4.625   1.00 26.00 ? 14  PRO B CG  1 
ATOM   870  C CD  . PRO B 1 14 ? -20.976 11.122  3.375   1.00 28.03 ? 14  PRO B CD  1 
ATOM   871  N N   . GLU B 1 15 ? -20.361 7.961   5.375   1.00 17.02 ? 15  GLU B N   1 
ATOM   872  C CA  . GLU B 1 15 ? -20.335 6.612   5.924   1.00 20.98 ? 15  GLU B CA  1 
ATOM   873  C C   . GLU B 1 15 ? -19.064 5.874   5.502   1.00 19.56 ? 15  GLU B C   1 
ATOM   874  O O   . GLU B 1 15 ? -18.443 5.186   6.323   1.00 16.15 ? 15  GLU B O   1 
ATOM   875  C CB  . GLU B 1 15 ? -21.595 5.856   5.501   1.00 19.68 ? 15  GLU B CB  1 
ATOM   876  C CG  . GLU B 1 15 ? -22.898 6.401   6.118   1.00 25.35 ? 15  GLU B CG  1 
ATOM   877  C CD  . GLU B 1 15 ? -23.459 7.637   5.405   1.00 34.27 ? 15  GLU B CD  1 
ATOM   878  O OE1 . GLU B 1 15 ? -22.895 8.067   4.366   1.00 28.06 ? 15  GLU B OE1 1 
ATOM   879  O OE2 . GLU B 1 15 ? -24.477 8.185   5.891   1.00 41.30 ? 15  GLU B OE2 1 
ATOM   880  N N   . ASN B 1 16 ? -18.650 6.026   4.236   1.00 16.32 ? 16  ASN B N   1 
ATOM   881  C CA  . ASN B 1 16 ? -17.344 5.530   3.803   1.00 15.58 ? 16  ASN B CA  1 
ATOM   882  C C   . ASN B 1 16 ? -16.247 6.009   4.740   1.00 17.18 ? 16  ASN B C   1 
ATOM   883  O O   . ASN B 1 16 ? -15.401 5.227   5.188   1.00 14.65 ? 16  ASN B O   1 
ATOM   884  C CB  . ASN B 1 16 ? -17.015 6.010   2.384   1.00 16.79 ? 16  ASN B CB  1 
ATOM   885  C CG  . ASN B 1 16 ? -17.809 5.304   1.289   1.00 23.19 ? 16  ASN B CG  1 
ATOM   886  O OD1 . ASN B 1 16 ? -17.979 5.864   0.205   1.00 24.55 ? 16  ASN B OD1 1 
ATOM   887  N ND2 . ASN B 1 16 ? -18.268 4.081   1.545   1.00 19.61 ? 16  ASN B ND2 1 
ATOM   888  N N   . ARG B 1 17 ? -16.242 7.311   5.031   1.00 14.93 ? 17  ARG B N   1 
ATOM   889  C CA  . ARG B 1 17 ? -15.167 7.899   5.823   1.00 19.82 ? 17  ARG B CA  1 
ATOM   890  C C   . ARG B 1 17 ? -15.213 7.419   7.267   1.00 17.25 ? 17  ARG B C   1 
ATOM   891  O O   . ARG B 1 17 ? -14.164 7.174   7.878   1.00 15.26 ? 17  ARG B O   1 
ATOM   892  C CB  . ARG B 1 17 ? -15.245 9.428   5.761   1.00 22.72 ? 17  ARG B CB  1 
ATOM   893  C CG  . ARG B 1 17 ? -14.648 10.050  4.489   1.00 25.99 ? 17  ARG B CG  1 
ATOM   894  C CD  . ARG B 1 17 ? -14.957 11.558  4.391   1.00 27.56 ? 17  ARG B CD  1 
ATOM   895  N NE  . ARG B 1 17 ? -15.947 11.831  3.351   1.00 32.48 ? 17  ARG B NE  1 
ATOM   896  C CZ  . ARG B 1 17 ? -16.975 12.660  3.482   1.00 33.36 ? 17  ARG B CZ  1 
ATOM   897  N NH1 . ARG B 1 17 ? -17.173 13.328  4.616   1.00 36.41 ? 17  ARG B NH1 1 
ATOM   898  N NH2 . ARG B 1 17 ? -17.808 12.821  2.468   1.00 39.14 ? 17  ARG B NH2 1 
ATOM   899  N N   . HIS B 1 18 ? -16.416 7.306   7.836   1.00 17.34 ? 18  HIS B N   1 
ATOM   900  C CA  . HIS B 1 18 ? -16.573 6.654   9.136   1.00 16.87 ? 18  HIS B CA  1 
ATOM   901  C C   . HIS B 1 18 ? -15.966 5.257   9.120   1.00 11.41 ? 18  HIS B C   1 
ATOM   902  O O   . HIS B 1 18 ? -15.182 4.890   10.005  1.00 14.21 ? 18  HIS B O   1 
ATOM   903  C CB  . HIS B 1 18 ? -18.054 6.572   9.505   1.00 15.17 ? 18  HIS B CB  1 
ATOM   904  C CG  . HIS B 1 18 ? -18.323 5.773   10.746  1.00 18.41 ? 18  HIS B CG  1 
ATOM   905  N ND1 . HIS B 1 18 ? -18.396 6.346   11.996  1.00 21.31 ? 18  HIS B ND1 1 
ATOM   906  C CD2 . HIS B 1 18 ? -18.515 4.445   10.931  1.00 20.30 ? 18  HIS B CD2 1 
ATOM   907  C CE1 . HIS B 1 18 ? -18.627 5.409   12.898  1.00 20.51 ? 18  HIS B CE1 1 
ATOM   908  N NE2 . HIS B 1 18 ? -18.695 4.245   12.281  1.00 20.40 ? 18  HIS B NE2 1 
ATOM   909  N N   . ASN B 1 19 ? -16.328 4.462   8.114   1.00 12.60 ? 19  ASN B N   1 
ATOM   910  C CA  . ASN B 1 19 ? -15.832 3.095   8.017   1.00 13.23 ? 19  ASN B CA  1 
ATOM   911  C C   . ASN B 1 19 ? -14.317 3.055   7.868   1.00 15.64 ? 19  ASN B C   1 
ATOM   912  O O   . ASN B 1 19 ? -13.655 2.146   8.387   1.00 13.28 ? 19  ASN B O   1 
ATOM   913  C CB  . ASN B 1 19 ? -16.502 2.398   6.840   1.00 12.28 ? 19  ASN B CB  1 
ATOM   914  C CG  . ASN B 1 19 ? -17.932 2.064   7.122   1.00 15.78 ? 19  ASN B CG  1 
ATOM   915  O OD1 . ASN B 1 19 ? -18.362 2.118   8.277   1.00 13.77 ? 19  ASN B OD1 1 
ATOM   916  N ND2 . ASN B 1 19 ? -18.696 1.728   6.072   1.00 11.30 ? 19  ASN B ND2 1 
ATOM   917  N N   . TYR B 1 20 ? -13.752 4.022   7.142   1.00 10.71 ? 20  TYR B N   1 
ATOM   918  C CA  . TYR B 1 20 ? -12.300 4.122   7.039   1.00 12.12 ? 20  TYR B CA  1 
ATOM   919  C C   . TYR B 1 20 ? -11.673 4.335   8.414   1.00 12.96 ? 20  TYR B C   1 
ATOM   920  O O   . TYR B 1 20 ? -10.705 3.660   8.781   1.00 11.03 ? 20  TYR B O   1 
ATOM   921  C CB  . TYR B 1 20 ? -11.927 5.263   6.081   1.00 12.02 ? 20  TYR B CB  1 
ATOM   922  C CG  . TYR B 1 20 ? -10.433 5.402   5.822   1.00 18.21 ? 20  TYR B CG  1 
ATOM   923  C CD1 . TYR B 1 20 ? -9.612  6.090   6.714   1.00 18.49 ? 20  TYR B CD1 1 
ATOM   924  C CD2 . TYR B 1 20 ? -9.850  4.855   4.686   1.00 18.79 ? 20  TYR B CD2 1 
ATOM   925  C CE1 . TYR B 1 20 ? -8.244  6.216   6.494   1.00 20.29 ? 20  TYR B CE1 1 
ATOM   926  C CE2 . TYR B 1 20 ? -8.476  4.987   4.449   1.00 19.03 ? 20  TYR B CE2 1 
ATOM   927  C CZ  . TYR B 1 20 ? -7.685  5.664   5.355   1.00 21.98 ? 20  TYR B CZ  1 
ATOM   928  O OH  . TYR B 1 20 ? -6.332  5.794   5.136   1.00 25.13 ? 20  TYR B OH  1 
ATOM   929  N N   . SER B 1 21 ? -12.211 5.281   9.189   1.00 12.30 ? 21  SER B N   1 
ATOM   930  C CA  . SER B 1 21 ? -11.666 5.568   10.513  1.00 15.94 ? 21  SER B CA  1 
ATOM   931  C C   . SER B 1 21 ? -11.807 4.377   11.441  1.00 13.79 ? 21  SER B C   1 
ATOM   932  O O   . SER B 1 21 ? -10.934 4.133   12.281  1.00 15.58 ? 21  SER B O   1 
ATOM   933  C CB  . SER B 1 21 ? -12.362 6.785   11.132  1.00 16.44 ? 21  SER B CB  1 
ATOM   934  O OG  . SER B 1 21 ? -11.939 7.977   10.505  1.00 31.93 ? 21  SER B OG  1 
ATOM   935  N N   . VAL B 1 22 ? -12.903 3.625   11.319  1.00 13.44 ? 22  VAL B N   1 
ATOM   936  C CA  . VAL B 1 22 ? -13.081 2.453   12.172  1.00 14.87 ? 22  VAL B CA  1 
ATOM   937  C C   . VAL B 1 22 ? -12.006 1.418   11.883  1.00 14.82 ? 22  VAL B C   1 
ATOM   938  O O   . VAL B 1 22 ? -11.427 0.838   12.805  1.00 12.23 ? 22  VAL B O   1 
ATOM   939  C CB  . VAL B 1 22 ? -14.494 1.865   12.004  1.00 15.32 ? 22  VAL B CB  1 
ATOM   940  C CG1 . VAL B 1 22 ? -14.587 0.476   12.664  1.00 17.83 ? 22  VAL B CG1 1 
ATOM   941  C CG2 . VAL B 1 22 ? -15.532 2.809   12.609  1.00 14.78 ? 22  VAL B CG2 1 
ATOM   942  N N   . PHE B 1 23 ? -11.719 1.168   10.603  1.00 13.09 ? 23  PHE B N   1 
ATOM   943  C CA  . PHE B 1 23 ? -10.694 0.185   10.275  1.00 12.10 ? 23  PHE B CA  1 
ATOM   944  C C   . PHE B 1 23 ? -9.311  0.663   10.702  1.00 13.37 ? 23  PHE B C   1 
ATOM   945  O O   . PHE B 1 23 ? -8.504  -0.131  11.215  1.00 10.22 ? 23  PHE B O   1 
ATOM   946  C CB  . PHE B 1 23 ? -10.710 -0.135  8.788   1.00 12.06 ? 23  PHE B CB  1 
ATOM   947  C CG  . PHE B 1 23 ? -9.767  -1.244  8.422   1.00 8.88  ? 23  PHE B CG  1 
ATOM   948  C CD1 . PHE B 1 23 ? -9.904  -2.503  8.993   1.00 7.75  ? 23  PHE B CD1 1 
ATOM   949  C CD2 . PHE B 1 23 ? -8.710  -1.011  7.563   1.00 11.59 ? 23  PHE B CD2 1 
ATOM   950  C CE1 . PHE B 1 23 ? -9.018  -3.532  8.686   1.00 8.88  ? 23  PHE B CE1 1 
ATOM   951  C CE2 . PHE B 1 23 ? -7.808  -2.044  7.247   1.00 12.18 ? 23  PHE B CE2 1 
ATOM   952  C CZ  . PHE B 1 23 ? -7.971  -3.300  7.802   1.00 9.23  ? 23  PHE B CZ  1 
ATOM   953  N N   . ARG B 1 24 ? -9.023  1.954   10.513  1.00 13.02 ? 24  ARG B N   1 
ATOM   954  C CA  . ARG B 1 24 ? -7.740  2.503   10.951  1.00 13.90 ? 24  ARG B CA  1 
ATOM   955  C C   . ARG B 1 24 ? -7.569  2.345   12.457  1.00 13.52 ? 24  ARG B C   1 
ATOM   956  O O   . ARG B 1 24 ? -6.505  1.928   12.935  1.00 13.86 ? 24  ARG B O   1 
ATOM   957  C CB  . ARG B 1 24 ? -7.638  3.977   10.543  1.00 14.47 ? 24  ARG B CB  1 
ATOM   958  C CG  . ARG B 1 24 ? -6.284  4.606   10.798  1.00 18.47 ? 24  ARG B CG  1 
ATOM   959  C CD  . ARG B 1 24 ? -6.247  6.104   10.451  1.00 21.54 ? 24  ARG B CD  1 
ATOM   960  N NE  . ARG B 1 24 ? -7.314  6.858   11.114  1.00 27.03 ? 24  ARG B NE  1 
ATOM   961  C CZ  . ARG B 1 24 ? -7.276  7.244   12.388  1.00 32.45 ? 24  ARG B CZ  1 
ATOM   962  N NH1 . ARG B 1 24 ? -6.226  6.948   13.149  1.00 36.62 ? 24  ARG B NH1 1 
ATOM   963  N NH2 . ARG B 1 24 ? -8.294  7.918   12.904  1.00 31.40 ? 24  ARG B NH2 1 
ATOM   964  N N   . LYS B 1 25 ? -8.616  2.652   13.221  1.00 12.73 ? 25  LYS B N   1 
ATOM   965  C CA  . LYS B 1 25 ? -8.536  2.525   14.672  1.00 16.95 ? 25  LYS B CA  1 
ATOM   966  C C   . LYS B 1 25 ? -8.320  1.075   15.082  1.00 15.11 ? 25  LYS B C   1 
ATOM   967  O O   . LYS B 1 25 ? -7.603  0.788   16.047  1.00 15.36 ? 25  LYS B O   1 
ATOM   968  C CB  . LYS B 1 25 ? -9.812  3.082   15.304  1.00 16.07 ? 25  LYS B CB  1 
ATOM   969  C CG  . LYS B 1 25 ? -9.927  4.593   15.236  1.00 21.93 ? 25  LYS B CG  1 
ATOM   970  C CD  . LYS B 1 25 ? -11.342 5.057   15.606  1.00 28.23 ? 25  LYS B CD  1 
ATOM   971  C CE  . LYS B 1 25 ? -11.360 6.522   16.056  1.00 36.07 ? 25  LYS B CE  1 
ATOM   972  N NZ  . LYS B 1 25 ? -12.017 6.741   17.386  1.00 38.67 ? 25  LYS B NZ  1 
ATOM   973  N N   . TYR B 1 26 ? -8.931  0.146   14.351  1.00 14.73 ? 26  TYR B N   1 
ATOM   974  C CA  . TYR B 1 26 ? -8.725  -1.270  14.618  1.00 10.96 ? 26  TYR B CA  1 
ATOM   975  C C   . TYR B 1 26 ? -7.260  -1.663  14.440  1.00 14.90 ? 26  TYR B C   1 
ATOM   976  O O   . TYR B 1 26 ? -6.686  -2.386  15.270  1.00 10.21 ? 26  TYR B O   1 
ATOM   977  C CB  . TYR B 1 26 ? -9.618  -2.099  13.694  1.00 12.22 ? 26  TYR B CB  1 
ATOM   978  C CG  . TYR B 1 26 ? -9.099  -3.501  13.583  1.00 14.57 ? 26  TYR B CG  1 
ATOM   979  C CD1 . TYR B 1 26 ? -9.274  -4.407  14.625  1.00 14.34 ? 26  TYR B CD1 1 
ATOM   980  C CD2 . TYR B 1 26 ? -8.383  -3.900  12.472  1.00 13.71 ? 26  TYR B CD2 1 
ATOM   981  C CE1 . TYR B 1 26 ? -8.773  -5.685  14.549  1.00 16.37 ? 26  TYR B CE1 1 
ATOM   982  C CE2 . TYR B 1 26 ? -7.876  -5.163  12.389  1.00 16.54 ? 26  TYR B CE2 1 
ATOM   983  C CZ  . TYR B 1 26 ? -8.074  -6.056  13.424  1.00 18.91 ? 26  TYR B CZ  1 
ATOM   984  O OH  . TYR B 1 26 ? -7.557  -7.321  13.320  1.00 22.13 ? 26  TYR B OH  1 
ATOM   985  N N   . LEU B 1 27 ? -6.641  -1.210  13.348  1.00 9.78  ? 27  LEU B N   1 
ATOM   986  C CA  . LEU B 1 27 ? -5.231  -1.505  13.123  1.00 11.73 ? 27  LEU B CA  1 
ATOM   987  C C   . LEU B 1 27 ? -4.385  -0.946  14.257  1.00 11.84 ? 27  LEU B C   1 
ATOM   988  O O   . LEU B 1 27 ? -3.556  -1.656  14.843  1.00 9.67  ? 27  LEU B O   1 
ATOM   989  C CB  . LEU B 1 27 ? -4.785  -0.944  11.762  1.00 10.87 ? 27  LEU B CB  1 
ATOM   990  C CG  . LEU B 1 27 ? -5.312  -1.686  10.519  1.00 11.93 ? 27  LEU B CG  1 
ATOM   991  C CD1 . LEU B 1 27 ? -4.870  -0.998  9.240   1.00 12.06 ? 27  LEU B CD1 1 
ATOM   992  C CD2 . LEU B 1 27 ? -4.859  -3.160  10.507  1.00 11.51 ? 27  LEU B CD2 1 
ATOM   993  N N   . ILE B 1 28 ? -4.612  0.319   14.609  1.00 12.12 ? 28  ILE B N   1 
ATOM   994  C CA  . ILE B 1 28 ? -3.895  0.930   15.728  1.00 17.62 ? 28  ILE B CA  1 
ATOM   995  C C   . ILE B 1 28 ? -4.091  0.105   16.993  1.00 15.53 ? 28  ILE B C   1 
ATOM   996  O O   . ILE B 1 28 ? -3.133  -0.178  17.723  1.00 18.16 ? 28  ILE B O   1 
ATOM   997  C CB  . ILE B 1 28 ? -4.351  2.391   15.925  1.00 19.09 ? 28  ILE B CB  1 
ATOM   998  C CG1 . ILE B 1 28 ? -4.050  3.214   14.671  1.00 21.15 ? 28  ILE B CG1 1 
ATOM   999  C CG2 . ILE B 1 28 ? -3.630  3.033   17.108  1.00 19.12 ? 28  ILE B CG2 1 
ATOM   1000 C CD1 . ILE B 1 28 ? -2.677  2.977   14.144  1.00 26.37 ? 28  ILE B CD1 1 
ATOM   1001 N N   . LYS B 1 29 ? -5.326  -0.338  17.239  1.00 15.98 ? 29  LYS B N   1 
ATOM   1002 C CA  . LYS B 1 29 ? -5.644  -1.144  18.417  1.00 18.18 ? 29  LYS B CA  1 
ATOM   1003 C C   . LYS B 1 29 ? -4.940  -2.495  18.419  1.00 20.28 ? 29  LYS B C   1 
ATOM   1004 O O   . LYS B 1 29 ? -4.807  -3.113  19.481  1.00 24.11 ? 29  LYS B O   1 
ATOM   1005 C CB  . LYS B 1 29 ? -7.162  -1.346  18.495  1.00 18.78 ? 29  LYS B CB  1 
ATOM   1006 C CG  . LYS B 1 29 ? -7.657  -2.115  19.709  1.00 28.69 ? 29  LYS B CG  1 
ATOM   1007 C CD  . LYS B 1 29 ? -7.382  -1.382  21.014  1.00 31.40 ? 29  LYS B CD  1 
ATOM   1008 C CE  . LYS B 1 29 ? -7.879  -2.199  22.208  1.00 33.46 ? 29  LYS B CE  1 
ATOM   1009 N NZ  . LYS B 1 29 ? -7.145  -3.497  22.353  1.00 32.25 ? 29  LYS B NZ  1 
ATOM   1010 N N   . SER B 1 30 ? -4.506  -2.977  17.260  1.00 15.78 ? 30  SER B N   1 
ATOM   1011 C CA  . SER B 1 30 ? -3.792  -4.236  17.137  1.00 16.49 ? 30  SER B CA  1 
ATOM   1012 C C   . SER B 1 30 ? -2.276  -4.070  17.157  1.00 15.97 ? 30  SER B C   1 
ATOM   1013 O O   . SER B 1 30 ? -1.564  -5.047  16.916  1.00 14.11 ? 30  SER B O   1 
ATOM   1014 C CB  . SER B 1 30 ? -4.206  -4.950  15.846  1.00 15.64 ? 30  SER B CB  1 
ATOM   1015 O OG  . SER B 1 30 ? -5.596  -4.822  15.653  1.00 20.55 ? 30  SER B OG  1 
ATOM   1016 N N   . GLY B 1 31 ? -1.768  -2.869  17.422  1.00 14.51 ? 31  GLY B N   1 
ATOM   1017 C CA  . GLY B 1 31 ? -0.334  -2.666  17.517  1.00 14.70 ? 31  GLY B CA  1 
ATOM   1018 C C   . GLY B 1 31 ? 0.354   -2.272  16.228  1.00 15.28 ? 31  GLY B C   1 
ATOM   1019 O O   . GLY B 1 31 ? 1.592   -2.265  16.179  1.00 12.85 ? 31  GLY B O   1 
ATOM   1020 N N   . PHE B 1 32 ? -0.408  -1.940  15.188  1.00 11.80 ? 32  PHE B N   1 
ATOM   1021 C CA  . PHE B 1 32 ? 0.153   -1.496  13.921  1.00 11.08 ? 32  PHE B CA  1 
ATOM   1022 C C   . PHE B 1 32 ? 0.510   -0.014  13.989  1.00 13.60 ? 32  PHE B C   1 
ATOM   1023 O O   . PHE B 1 32 ? -0.167  0.773   14.661  1.00 15.93 ? 32  PHE B O   1 
ATOM   1024 C CB  . PHE B 1 32 ? -0.840  -1.758  12.785  1.00 10.81 ? 32  PHE B CB  1 
ATOM   1025 C CG  . PHE B 1 32 ? -0.827  -3.177  12.278  1.00 12.36 ? 32  PHE B CG  1 
ATOM   1026 C CD1 . PHE B 1 32 ? -1.628  -4.146  12.864  1.00 15.00 ? 32  PHE B CD1 1 
ATOM   1027 C CD2 . PHE B 1 32 ? -0.026  -3.536  11.196  1.00 12.57 ? 32  PHE B CD2 1 
ATOM   1028 C CE1 . PHE B 1 32 ? -1.615  -5.460  12.393  1.00 16.75 ? 32  PHE B CE1 1 
ATOM   1029 C CE2 . PHE B 1 32 ? -0.003  -4.838  10.725  1.00 13.61 ? 32  PHE B CE2 1 
ATOM   1030 C CZ  . PHE B 1 32 ? -0.799  -5.804  11.324  1.00 14.36 ? 32  PHE B CZ  1 
ATOM   1031 N N   . ILE B 1 33 ? 1.597   0.358   13.311  1.00 12.36 ? 33  ILE B N   1 
ATOM   1032 C CA  . ILE B 1 33 ? 2.073   1.737   13.262  1.00 15.90 ? 33  ILE B CA  1 
ATOM   1033 C C   . ILE B 1 33 ? 1.952   2.233   11.834  1.00 14.72 ? 33  ILE B C   1 
ATOM   1034 O O   . ILE B 1 33 ? 2.128   1.464   10.884  1.00 9.97  ? 33  ILE B O   1 
ATOM   1035 C CB  . ILE B 1 33 ? 3.524   1.867   13.758  1.00 17.91 ? 33  ILE B CB  1 
ATOM   1036 C CG1 . ILE B 1 33 ? 3.641   1.300   15.168  1.00 17.97 ? 33  ILE B CG1 1 
ATOM   1037 C CG2 . ILE B 1 33 ? 3.955   3.320   13.772  1.00 20.83 ? 33  ILE B CG2 1 
ATOM   1038 C CD1 . ILE B 1 33 ? 2.701   1.935   16.129  1.00 19.42 ? 33  ILE B CD1 1 
ATOM   1039 N N   . MET B 1 34 ? 1.619   3.511   11.685  1.00 14.08 ? 34  MET B N   1 
ATOM   1040 C CA  . MET B 1 34 ? 1.456   4.086   10.366  1.00 16.08 ? 34  MET B CA  1 
ATOM   1041 C C   . MET B 1 34 ? 2.825   4.329   9.739   1.00 17.05 ? 34  MET B C   1 
ATOM   1042 O O   . MET B 1 34 ? 3.715   4.916   10.365  1.00 17.67 ? 34  MET B O   1 
ATOM   1043 C CB  . MET B 1 34 ? 0.655   5.384   10.451  1.00 16.62 ? 34  MET B CB  1 
ATOM   1044 C CG  . MET B 1 34 ? 0.219   5.931   9.113   1.00 19.79 ? 34  MET B CG  1 
ATOM   1045 S SD  . MET B 1 34 ? -0.337  7.657   9.248   1.00 31.33 ? 34  MET B SD  1 
ATOM   1046 C CE  . MET B 1 34 ? -2.007  7.510   8.697   1.00 24.33 ? 34  MET B CE  1 
ATOM   1047 N N   . GLN B 1 35 ? 3.004   3.827   8.522   1.00 14.59 ? 35  GLN B N   1 
ATOM   1048 C CA  . GLN B 1 35 ? 4.149   4.151   7.680   1.00 12.46 ? 35  GLN B CA  1 
ATOM   1049 C C   . GLN B 1 35 ? 3.857   5.371   6.823   1.00 14.90 ? 35  GLN B C   1 
ATOM   1050 O O   . GLN B 1 35 ? 4.701   6.263   6.682   1.00 14.40 ? 35  GLN B O   1 
ATOM   1051 C CB  . GLN B 1 35 ? 4.491   2.946   6.797   1.00 13.05 ? 35  GLN B CB  1 
ATOM   1052 C CG  . GLN B 1 35 ? 5.531   3.189   5.699   1.00 16.37 ? 35  GLN B CG  1 
ATOM   1053 C CD  . GLN B 1 35 ? 5.569   2.060   4.673   1.00 18.33 ? 35  GLN B CD  1 
ATOM   1054 O OE1 . GLN B 1 35 ? 5.740   0.889   5.028   1.00 17.07 ? 35  GLN B OE1 1 
ATOM   1055 N NE2 . GLN B 1 35 ? 5.413   2.404   3.396   1.00 16.89 ? 35  GLN B NE2 1 
ATOM   1056 N N   . GLN B 1 36 ? 2.662   5.419   6.260   1.00 14.17 ? 36  GLN B N   1 
ATOM   1057 C CA  . GLN B 1 36 ? 2.149   6.561   5.517   1.00 15.78 ? 36  GLN B CA  1 
ATOM   1058 C C   . GLN B 1 36 ? 0.651   6.331   5.413   1.00 13.83 ? 36  GLN B C   1 
ATOM   1059 O O   . GLN B 1 36 ? 0.123   5.341   5.931   1.00 13.59 ? 36  GLN B O   1 
ATOM   1060 C CB  . GLN B 1 36 ? 2.824   6.702   4.145   1.00 12.37 ? 36  GLN B CB  1 
ATOM   1061 C CG  . GLN B 1 36 ? 2.617   5.493   3.259   1.00 13.30 ? 36  GLN B CG  1 
ATOM   1062 C CD  . GLN B 1 36 ? 3.271   5.634   1.898   1.00 18.58 ? 36  GLN B CD  1 
ATOM   1063 O OE1 . GLN B 1 36 ? 2.594   5.827   0.896   1.00 19.06 ? 36  GLN B OE1 1 
ATOM   1064 N NE2 . GLN B 1 36 ? 4.588   5.530   1.857   1.00 16.98 ? 36  GLN B NE2 1 
ATOM   1065 N N   . LYS B 1 37 ? -0.041  7.252   4.760   1.00 14.12 ? 37  LYS B N   1 
ATOM   1066 C CA  . LYS B 1 37 ? -1.488  7.123   4.652   1.00 15.10 ? 37  LYS B CA  1 
ATOM   1067 C C   . LYS B 1 37 ? -1.871  5.766   4.058   1.00 13.03 ? 37  LYS B C   1 
ATOM   1068 O O   . LYS B 1 37 ? -1.328  5.339   3.034   1.00 11.74 ? 37  LYS B O   1 
ATOM   1069 C CB  . LYS B 1 37 ? -2.044  8.262   3.802   1.00 19.52 ? 37  LYS B CB  1 
ATOM   1070 C CG  . LYS B 1 37 ? -3.552  8.248   3.698   1.00 23.18 ? 37  LYS B CG  1 
ATOM   1071 C CD  . LYS B 1 37 ? -4.096  9.588   3.223   1.00 30.47 ? 37  LYS B CD  1 
ATOM   1072 C CE  . LYS B 1 37 ? -5.340  9.953   4.021   1.00 32.79 ? 37  LYS B CE  1 
ATOM   1073 N NZ  . LYS B 1 37 ? -6.555  9.318   3.441   1.00 39.08 ? 37  LYS B NZ  1 
ATOM   1074 N N   . SER B 1 38 ? -2.786  5.072   4.729   1.00 12.57 ? 38  SER B N   1 
ATOM   1075 C CA  . SER B 1 38 ? -3.314  3.782   4.282   1.00 11.97 ? 38  SER B CA  1 
ATOM   1076 C C   . SER B 1 38 ? -2.244  2.690   4.187   1.00 11.08 ? 38  SER B C   1 
ATOM   1077 O O   . SER B 1 38 ? -2.427  1.714   3.450   1.00 11.11 ? 38  SER B O   1 
ATOM   1078 C CB  . SER B 1 38 ? -4.039  3.917   2.935   1.00 13.39 ? 38  SER B CB  1 
ATOM   1079 O OG  . SER B 1 38 ? -5.223  4.682   3.087   1.00 21.39 ? 38  SER B OG  1 
ATOM   1080 N N   . VAL B 1 39 ? -1.133  2.821   4.924   1.00 10.06 ? 39  VAL B N   1 
ATOM   1081 C CA  . VAL B 1 39 ? -0.079  1.804   4.972   1.00 9.83  ? 39  VAL B CA  1 
ATOM   1082 C C   . VAL B 1 39 ? 0.403   1.690   6.415   1.00 9.75  ? 39  VAL B C   1 
ATOM   1083 O O   . VAL B 1 39 ? 0.889   2.674   6.989   1.00 7.27  ? 39  VAL B O   1 
ATOM   1084 C CB  . VAL B 1 39 ? 1.117   2.117   4.047   1.00 11.84 ? 39  VAL B CB  1 
ATOM   1085 C CG1 . VAL B 1 39 ? 2.111   0.932   4.053   1.00 7.66  ? 39  VAL B CG1 1 
ATOM   1086 C CG2 . VAL B 1 39 ? 0.673   2.425   2.610   1.00 9.58  ? 39  VAL B CG2 1 
ATOM   1087 N N   . TYR B 1 40 ? 0.290   0.490   6.992   1.00 9.34  ? 40  TYR B N   1 
ATOM   1088 C CA  . TYR B 1 40 ? 0.597   0.235   8.392   1.00 9.78  ? 40  TYR B CA  1 
ATOM   1089 C C   . TYR B 1 40 ? 1.480   -0.996  8.498   1.00 13.02 ? 40  TYR B C   1 
ATOM   1090 O O   . TYR B 1 40 ? 1.408   -1.904  7.664   1.00 9.96  ? 40  TYR B O   1 
ATOM   1091 C CB  . TYR B 1 40 ? -0.681  0.034   9.228   1.00 9.32  ? 40  TYR B CB  1 
ATOM   1092 C CG  . TYR B 1 40 ? -1.418  1.332   9.428   1.00 12.58 ? 40  TYR B CG  1 
ATOM   1093 C CD1 . TYR B 1 40 ? -2.091  1.938   8.372   1.00 10.42 ? 40  TYR B CD1 1 
ATOM   1094 C CD2 . TYR B 1 40 ? -1.402  1.979   10.654  1.00 13.08 ? 40  TYR B CD2 1 
ATOM   1095 C CE1 . TYR B 1 40 ? -2.744  3.135   8.537   1.00 11.41 ? 40  TYR B CE1 1 
ATOM   1096 C CE2 . TYR B 1 40 ? -2.060  3.189   10.831  1.00 16.57 ? 40  TYR B CE2 1 
ATOM   1097 C CZ  . TYR B 1 40 ? -2.718  3.762   9.764   1.00 17.11 ? 40  TYR B CZ  1 
ATOM   1098 O OH  . TYR B 1 40 ? -3.367  4.965   9.932   1.00 23.53 ? 40  TYR B OH  1 
ATOM   1099 N N   . SER B 1 41 ? 2.327   -1.019  9.522   1.00 9.08  ? 41  SER B N   1 
ATOM   1100 C CA  . SER B 1 41 ? 3.223   -2.153  9.666   1.00 9.96  ? 41  SER B CA  1 
ATOM   1101 C C   . SER B 1 41 ? 3.383   -2.534  11.133  1.00 11.81 ? 41  SER B C   1 
ATOM   1102 O O   . SER B 1 41 ? 3.047   -1.774  12.048  1.00 12.64 ? 41  SER B O   1 
ATOM   1103 C CB  . SER B 1 41 ? 4.580   -1.863  8.989   1.00 12.85 ? 41  SER B CB  1 
ATOM   1104 O OG  . SER B 1 41 ? 5.496   -1.194  9.826   1.00 12.00 ? 41  SER B OG  1 
ATOM   1105 N N   . LYS B 1 42 ? 3.902   -3.741  11.339  1.00 10.45 ? 42  LYS B N   1 
ATOM   1106 C CA  . LYS B 1 42 ? 4.059   -4.315  12.666  1.00 13.95 ? 42  LYS B CA  1 
ATOM   1107 C C   . LYS B 1 42 ? 5.106   -5.412  12.563  1.00 13.78 ? 42  LYS B C   1 
ATOM   1108 O O   . LYS B 1 42 ? 5.034   -6.251  11.660  1.00 10.22 ? 42  LYS B O   1 
ATOM   1109 C CB  . LYS B 1 42 ? 2.719   -4.884  13.172  1.00 12.12 ? 42  LYS B CB  1 
ATOM   1110 C CG  . LYS B 1 42 ? 2.737   -5.493  14.571  1.00 16.52 ? 42  LYS B CG  1 
ATOM   1111 C CD  . LYS B 1 42 ? 1.299   -5.726  15.068  1.00 19.13 ? 42  LYS B CD  1 
ATOM   1112 C CE  . LYS B 1 42 ? 1.256   -6.644  16.270  1.00 22.10 ? 42  LYS B CE  1 
ATOM   1113 N NZ  . LYS B 1 42 ? 2.230   -6.229  17.304  1.00 24.79 ? 42  LYS B NZ  1 
ATOM   1114 N N   . LEU B 1 43 ? 6.084   -5.389  13.464  1.00 14.13 ? 43  LEU B N   1 
ATOM   1115 C CA  . LEU B 1 43 ? 6.993   -6.524  13.598  1.00 15.45 ? 43  LEU B CA  1 
ATOM   1116 C C   . LEU B 1 43 ? 6.249   -7.738  14.157  1.00 16.88 ? 43  LEU B C   1 
ATOM   1117 O O   . LEU B 1 43 ? 5.418   -7.618  15.066  1.00 18.06 ? 43  LEU B O   1 
ATOM   1118 C CB  . LEU B 1 43 ? 8.166   -6.157  14.507  1.00 18.81 ? 43  LEU B CB  1 
ATOM   1119 C CG  . LEU B 1 43 ? 9.374   -7.102  14.465  1.00 21.61 ? 43  LEU B CG  1 
ATOM   1120 C CD1 . LEU B 1 43 ? 9.826   -7.391  13.027  1.00 23.48 ? 43  LEU B CD1 1 
ATOM   1121 C CD2 . LEU B 1 43 ? 10.525  -6.552  15.305  1.00 27.67 ? 43  LEU B CD2 1 
ATOM   1122 N N   . VAL B 1 44 ? 6.529   -8.909  13.600  1.00 16.40 ? 44  VAL B N   1 
ATOM   1123 C CA  . VAL B 1 44 ? 6.013   -10.162 14.143  1.00 17.95 ? 44  VAL B CA  1 
ATOM   1124 C C   . VAL B 1 44 ? 7.192   -11.098 14.369  1.00 20.25 ? 44  VAL B C   1 
ATOM   1125 O O   . VAL B 1 44 ? 8.169   -11.093 13.613  1.00 17.10 ? 44  VAL B O   1 
ATOM   1126 C CB  . VAL B 1 44 ? 4.946   -10.834 13.236  1.00 21.43 ? 44  VAL B CB  1 
ATOM   1127 C CG1 . VAL B 1 44 ? 3.731   -9.929  13.060  1.00 17.76 ? 44  VAL B CG1 1 
ATOM   1128 C CG2 . VAL B 1 44 ? 5.523   -11.237 11.885  1.00 18.13 ? 44  VAL B CG2 1 
ATOM   1129 N N   . LEU B 1 45 ? 7.097   -11.908 15.423  1.00 21.36 ? 45  LEU B N   1 
ATOM   1130 C CA  . LEU B 1 45 ? 8.209   -12.777 15.787  1.00 18.76 ? 45  LEU B CA  1 
ATOM   1131 C C   . LEU B 1 45 ? 8.241   -14.069 14.993  1.00 23.27 ? 45  LEU B C   1 
ATOM   1132 O O   . LEU B 1 45 ? 9.322   -14.643 14.816  1.00 21.77 ? 45  LEU B O   1 
ATOM   1133 C CB  . LEU B 1 45 ? 8.158   -13.106 17.283  1.00 23.62 ? 45  LEU B CB  1 
ATOM   1134 C CG  . LEU B 1 45 ? 8.440   -11.947 18.247  1.00 23.46 ? 45  LEU B CG  1 
ATOM   1135 C CD1 . LEU B 1 45 ? 7.851   -12.254 19.614  1.00 28.34 ? 45  LEU B CD1 1 
ATOM   1136 C CD2 . LEU B 1 45 ? 9.943   -11.676 18.336  1.00 21.05 ? 45  LEU B CD2 1 
ATOM   1137 N N   . ASN B 1 46 ? 7.089   -14.561 14.537  1.00 15.96 ? 46  ASN B N   1 
ATOM   1138 C CA  . ASN B 1 46 ? 7.059   -15.782 13.742  1.00 17.12 ? 46  ASN B CA  1 
ATOM   1139 C C   . ASN B 1 46 ? 5.808   -15.759 12.874  1.00 15.28 ? 46  ASN B C   1 
ATOM   1140 O O   . ASN B 1 46 ? 4.990   -14.835 12.946  1.00 11.82 ? 46  ASN B O   1 
ATOM   1141 C CB  . ASN B 1 46 ? 7.131   -17.034 14.637  1.00 13.76 ? 46  ASN B CB  1 
ATOM   1142 C CG  . ASN B 1 46 ? 5.999   -17.105 15.655  1.00 16.94 ? 46  ASN B CG  1 
ATOM   1143 O OD1 . ASN B 1 46 ? 4.821   -17.149 15.291  1.00 13.55 ? 46  ASN B OD1 1 
ATOM   1144 N ND2 . ASN B 1 46 ? 6.358   -17.137 16.950  1.00 12.83 ? 46  ASN B ND2 1 
ATOM   1145 N N   . LEU B 1 47 ? 5.660   -16.791 12.045  1.00 13.57 ? 47  LEU B N   1 
ATOM   1146 C CA  . LEU B 1 47 ? 4.556   -16.813 11.092  1.00 14.64 ? 47  LEU B CA  1 
ATOM   1147 C C   . LEU B 1 47 ? 3.235   -17.241 11.713  1.00 15.59 ? 47  LEU B C   1 
ATOM   1148 O O   . LEU B 1 47 ? 2.178   -16.973 11.128  1.00 15.46 ? 47  LEU B O   1 
ATOM   1149 C CB  . LEU B 1 47 ? 4.900   -17.720 9.922   1.00 16.98 ? 47  LEU B CB  1 
ATOM   1150 C CG  . LEU B 1 47 ? 6.101   -17.111 9.213   1.00 24.51 ? 47  LEU B CG  1 
ATOM   1151 C CD1 . LEU B 1 47 ? 6.692   -18.127 8.300   1.00 26.16 ? 47  LEU B CD1 1 
ATOM   1152 C CD2 . LEU B 1 47 ? 5.736   -15.838 8.457   1.00 19.98 ? 47  LEU B CD2 1 
ATOM   1153 N N   . THR B 1 48 ? 3.267   -17.907 12.867  1.00 15.43 ? 48  THR B N   1 
ATOM   1154 C CA  . THR B 1 48 ? 2.026   -18.144 13.597  1.00 16.66 ? 48  THR B CA  1 
ATOM   1155 C C   . THR B 1 48 ? 1.403   -16.819 14.010  1.00 15.73 ? 48  THR B C   1 
ATOM   1156 O O   . THR B 1 48 ? 0.222   -16.566 13.758  1.00 14.66 ? 48  THR B O   1 
ATOM   1157 C CB  . THR B 1 48 ? 2.288   -19.014 14.820  1.00 10.75 ? 48  THR B CB  1 
ATOM   1158 O OG1 . THR B 1 48 ? 2.848   -20.258 14.395  1.00 14.07 ? 48  THR B OG1 1 
ATOM   1159 C CG2 . THR B 1 48 ? 0.980   -19.273 15.577  1.00 17.28 ? 48  THR B CG2 1 
ATOM   1160 N N   . ASN B 1 49 ? 2.198   -15.951 14.632  1.00 14.77 ? 49  ASN B N   1 
ATOM   1161 C CA  . ASN B 1 49 ? 1.715   -14.623 14.969  1.00 17.49 ? 49  ASN B CA  1 
ATOM   1162 C C   . ASN B 1 49 ? 1.254   -13.882 13.723  1.00 15.84 ? 49  ASN B C   1 
ATOM   1163 O O   . ASN B 1 49 ? 0.232   -13.189 13.750  1.00 15.17 ? 49  ASN B O   1 
ATOM   1164 C CB  . ASN B 1 49 ? 2.809   -13.842 15.694  1.00 20.79 ? 49  ASN B CB  1 
ATOM   1165 C CG  . ASN B 1 49 ? 2.321   -12.508 16.211  1.00 25.66 ? 49  ASN B CG  1 
ATOM   1166 O OD1 . ASN B 1 49 ? 1.118   -12.235 16.230  1.00 36.16 ? 49  ASN B OD1 1 
ATOM   1167 N ND2 . ASN B 1 49 ? 3.247   -11.674 16.650  1.00 27.11 ? 49  ASN B ND2 1 
ATOM   1168 N N   . ARG B 1 50 ? 1.981   -14.031 12.615  1.00 17.86 ? 50  ARG B N   1 
ATOM   1169 C CA  . ARG B 1 50 ? 1.561   -13.401 11.365  1.00 15.87 ? 50  ARG B CA  1 
ATOM   1170 C C   . ARG B 1 50 ? 0.186   -13.901 10.938  1.00 15.15 ? 50  ARG B C   1 
ATOM   1171 O O   . ARG B 1 50 ? -0.713  -13.102 10.652  1.00 12.74 ? 50  ARG B O   1 
ATOM   1172 C CB  . ARG B 1 50 ? 2.595   -13.661 10.268  1.00 17.16 ? 50  ARG B CB  1 
ATOM   1173 C CG  . ARG B 1 50 ? 2.512   -12.737 9.053   1.00 20.84 ? 50  ARG B CG  1 
ATOM   1174 C CD  . ARG B 1 50 ? 1.449   -13.147 8.043   1.00 16.93 ? 50  ARG B CD  1 
ATOM   1175 N NE  . ARG B 1 50 ? 1.566   -14.560 7.718   1.00 20.78 ? 50  ARG B NE  1 
ATOM   1176 C CZ  . ARG B 1 50 ? 2.452   -15.065 6.865   1.00 26.82 ? 50  ARG B CZ  1 
ATOM   1177 N NH1 . ARG B 1 50 ? 3.304   -14.272 6.220   1.00 23.59 ? 50  ARG B NH1 1 
ATOM   1178 N NH2 . ARG B 1 50 ? 2.473   -16.368 6.645   1.00 28.65 ? 50  ARG B NH2 1 
ATOM   1179 N N   . ASP B 1 51 ? 0.007   -15.226 10.864  1.00 15.13 ? 51  ASP B N   1 
ATOM   1180 C CA  . ASP B 1 51 ? -1.287  -15.771 10.439  1.00 15.86 ? 51  ASP B CA  1 
ATOM   1181 C C   . ASP B 1 51 ? -2.413  -15.297 11.348  1.00 14.42 ? 51  ASP B C   1 
ATOM   1182 O O   . ASP B 1 51 ? -3.543  -15.072 10.894  1.00 13.10 ? 51  ASP B O   1 
ATOM   1183 C CB  . ASP B 1 51 ? -1.248  -17.302 10.419  1.00 14.95 ? 51  ASP B CB  1 
ATOM   1184 C CG  . ASP B 1 51 ? -0.287  -17.860 9.388   1.00 25.29 ? 51  ASP B CG  1 
ATOM   1185 O OD1 . ASP B 1 51 ? 0.196   -17.094 8.515   1.00 21.58 ? 51  ASP B OD1 1 
ATOM   1186 O OD2 . ASP B 1 51 ? -0.024  -19.082 9.448   1.00 25.15 ? 51  ASP B OD2 1 
ATOM   1187 N N   . SER B 1 52 ? -2.132  -15.151 12.642  1.00 13.07 ? 52  SER B N   1 
ATOM   1188 C CA  . SER B 1 52 ? -3.186  -14.767 13.574  1.00 14.76 ? 52  SER B CA  1 
ATOM   1189 C C   . SER B 1 52 ? -3.578  -13.304 13.380  1.00 16.85 ? 52  SER B C   1 
ATOM   1190 O O   . SER B 1 52 ? -4.757  -12.937 13.487  1.00 11.06 ? 52  SER B O   1 
ATOM   1191 C CB  . SER B 1 52 ? -2.707  -15.030 15.002  1.00 19.39 ? 52  SER B CB  1 
ATOM   1192 O OG  . SER B 1 52 ? -2.853  -16.411 15.304  1.00 20.91 ? 52  SER B OG  1 
ATOM   1193 N N   . ILE B 1 53 ? -2.589  -12.456 13.104  1.00 14.51 ? 53  ILE B N   1 
ATOM   1194 C CA  . ILE B 1 53 ? -2.844  -11.063 12.751  1.00 15.80 ? 53  ILE B CA  1 
ATOM   1195 C C   . ILE B 1 53 ? -3.759  -10.983 11.537  1.00 14.47 ? 53  ILE B C   1 
ATOM   1196 O O   . ILE B 1 53 ? -4.739  -10.226 11.518  1.00 16.68 ? 53  ILE B O   1 
ATOM   1197 C CB  . ILE B 1 53 ? -1.505  -10.348 12.486  1.00 19.60 ? 53  ILE B CB  1 
ATOM   1198 C CG1 . ILE B 1 53 ? -0.838  -9.928  13.786  1.00 22.21 ? 53  ILE B CG1 1 
ATOM   1199 C CG2 . ILE B 1 53 ? -1.691  -9.156  11.554  1.00 21.36 ? 53  ILE B CG2 1 
ATOM   1200 C CD1 . ILE B 1 53 ? -1.506  -8.754  14.439  1.00 27.94 ? 53  ILE B CD1 1 
ATOM   1201 N N   . VAL B 1 54 ? -3.433  -11.745 10.492  1.00 14.65 ? 54  VAL B N   1 
ATOM   1202 C CA  . VAL B 1 54 ? -4.173  -11.651 9.237   1.00 13.04 ? 54  VAL B CA  1 
ATOM   1203 C C   . VAL B 1 54 ? -5.592  -12.169 9.412   1.00 15.35 ? 54  VAL B C   1 
ATOM   1204 O O   . VAL B 1 54 ? -6.541  -11.604 8.859   1.00 11.40 ? 54  VAL B O   1 
ATOM   1205 C CB  . VAL B 1 54 ? -3.423  -12.397 8.122   1.00 18.86 ? 54  VAL B CB  1 
ATOM   1206 C CG1 . VAL B 1 54 ? -4.232  -12.390 6.836   1.00 17.32 ? 54  VAL B CG1 1 
ATOM   1207 C CG2 . VAL B 1 54 ? -2.057  -11.752 7.895   1.00 18.82 ? 54  VAL B CG2 1 
ATOM   1208 N N   . LYS B 1 55 ? -5.757  -13.242 10.194  1.00 12.86 ? 55  LYS B N   1 
ATOM   1209 C CA  . LYS B 1 55 ? -7.089  -13.744 10.504  1.00 16.28 ? 55  LYS B CA  1 
ATOM   1210 C C   . LYS B 1 55 ? -7.924  -12.682 11.212  1.00 13.51 ? 55  LYS B C   1 
ATOM   1211 O O   . LYS B 1 55 ? -9.123  -12.538 10.945  1.00 14.16 ? 55  LYS B O   1 
ATOM   1212 C CB  . LYS B 1 55 ? -6.995  -14.990 11.385  1.00 15.82 ? 55  LYS B CB  1 
ATOM   1213 C CG  . LYS B 1 55 ? -6.622  -16.284 10.683  1.00 15.52 ? 55  LYS B CG  1 
ATOM   1214 C CD  . LYS B 1 55 ? -6.589  -17.404 11.724  1.00 21.30 ? 55  LYS B CD  1 
ATOM   1215 C CE  . LYS B 1 55 ? -5.523  -18.430 11.405  1.00 28.45 ? 55  LYS B CE  1 
ATOM   1216 N NZ  . LYS B 1 55 ? -5.545  -19.584 12.358  1.00 29.32 ? 55  LYS B NZ  1 
ATOM   1217 N N   . SER B 1 56 ? -7.319  -11.953 12.141  1.00 9.99  ? 56  SER B N   1 
ATOM   1218 C CA  . SER B 1 56 ? -8.054  -10.888 12.808  1.00 16.13 ? 56  SER B CA  1 
ATOM   1219 C C   . SER B 1 56 ? -8.414  -9.763  11.834  1.00 15.81 ? 56  SER B C   1 
ATOM   1220 O O   . SER B 1 56 ? -9.512  -9.197  11.930  1.00 13.22 ? 56  SER B O   1 
ATOM   1221 C CB  . SER B 1 56 ? -7.258  -10.351 14.006  1.00 16.52 ? 56  SER B CB  1 
ATOM   1222 O OG  . SER B 1 56 ? -7.981  -9.310  14.662  1.00 20.10 ? 56  SER B OG  1 
ATOM   1223 N N   . ILE B 1 57 ? -7.519  -9.434  10.884  1.00 11.75 ? 57  ILE B N   1 
ATOM   1224 C CA  . ILE B 1 57 ? -7.869  -8.433  9.873   1.00 14.20 ? 57  ILE B CA  1 
ATOM   1225 C C   . ILE B 1 57 ? -9.103  -8.889  9.106   1.00 13.41 ? 57  ILE B C   1 
ATOM   1226 O O   . ILE B 1 57 ? -10.041 -8.115  8.877   1.00 14.69 ? 57  ILE B O   1 
ATOM   1227 C CB  . ILE B 1 57 ? -6.706  -8.166  8.893   1.00 12.01 ? 57  ILE B CB  1 
ATOM   1228 C CG1 . ILE B 1 57 ? -5.455  -7.573  9.532   1.00 15.59 ? 57  ILE B CG1 1 
ATOM   1229 C CG2 . ILE B 1 57 ? -7.188  -7.232  7.763   1.00 16.03 ? 57  ILE B CG2 1 
ATOM   1230 C CD1 . ILE B 1 57 ? -5.683  -6.808  10.722  1.00 20.47 ? 57  ILE B CD1 1 
ATOM   1231 N N   . GLU B 1 58 ? -9.095  -10.151 8.663   1.00 13.48 ? 58  GLU B N   1 
ATOM   1232 C CA  . GLU B 1 58 ? -10.238 -10.710 7.946   1.00 18.74 ? 58  GLU B CA  1 
ATOM   1233 C C   . GLU B 1 58 ? -11.528 -10.557 8.745   1.00 17.73 ? 58  GLU B C   1 
ATOM   1234 O O   . GLU B 1 58 ? -12.555 -10.139 8.204   1.00 18.05 ? 58  GLU B O   1 
ATOM   1235 C CB  . GLU B 1 58 ? -9.984  -12.182 7.621   1.00 13.67 ? 58  GLU B CB  1 
ATOM   1236 C CG  . GLU B 1 58 ? -11.175 -12.908 6.972   1.00 26.44 ? 58  GLU B CG  1 
ATOM   1237 C CD  . GLU B 1 58 ? -11.489 -12.441 5.544   1.00 31.68 ? 58  GLU B CD  1 
ATOM   1238 O OE1 . GLU B 1 58 ? -10.542 -12.171 4.772   1.00 30.62 ? 58  GLU B OE1 1 
ATOM   1239 O OE2 . GLU B 1 58 ? -12.688 -12.378 5.178   1.00 31.83 ? 58  GLU B OE2 1 
ATOM   1240 N N   . LYS B 1 59 ? -11.495 -10.889 10.044  1.00 14.10 ? 59  LYS B N   1 
ATOM   1241 C CA  . LYS B 1 59 ? -12.712 -10.810 10.853  1.00 15.38 ? 59  LYS B CA  1 
ATOM   1242 C C   . LYS B 1 59 ? -13.155 -9.374  11.102  1.00 17.87 ? 59  LYS B C   1 
ATOM   1243 O O   . LYS B 1 59 ? -14.328 -9.144  11.400  1.00 21.06 ? 59  LYS B O   1 
ATOM   1244 C CB  . LYS B 1 59 ? -12.523 -11.518 12.201  1.00 16.98 ? 59  LYS B CB  1 
ATOM   1245 C CG  . LYS B 1 59 ? -12.581 -13.049 12.137  1.00 23.37 ? 59  LYS B CG  1 
ATOM   1246 C CD  . LYS B 1 59 ? -12.473 -13.682 13.523  1.00 29.79 ? 59  LYS B CD  1 
ATOM   1247 C CE  . LYS B 1 59 ? -13.833 -14.231 14.006  1.00 31.83 ? 59  LYS B CE  1 
ATOM   1248 N NZ  . LYS B 1 59 ? -13.732 -15.561 14.724  1.00 24.72 ? 59  LYS B NZ  1 
ATOM   1249 N N   . ASN B 1 60 ? -12.253 -8.404  10.984  1.00 12.01 ? 60  ASN B N   1 
ATOM   1250 C CA  . ASN B 1 60 ? -12.566 -7.015  11.284  1.00 15.69 ? 60  ASN B CA  1 
ATOM   1251 C C   . ASN B 1 60 ? -12.544 -6.124  10.045  1.00 13.90 ? 60  ASN B C   1 
ATOM   1252 O O   . ASN B 1 60 ? -12.462 -4.894  10.173  1.00 12.05 ? 60  ASN B O   1 
ATOM   1253 C CB  . ASN B 1 60 ? -11.587 -6.486  12.326  1.00 15.49 ? 60  ASN B CB  1 
ATOM   1254 C CG  . ASN B 1 60 ? -11.847 -7.054  13.698  1.00 21.21 ? 60  ASN B CG  1 
ATOM   1255 O OD1 . ASN B 1 60 ? -11.223 -8.042  14.105  1.00 18.34 ? 60  ASN B OD1 1 
ATOM   1256 N ND2 . ASN B 1 60 ? -12.770 -6.437  14.422  1.00 13.02 ? 60  ASN B ND2 1 
ATOM   1257 N N   . LYS B 1 61 ? -12.610 -6.712  8.855   1.00 14.70 ? 61  LYS B N   1 
ATOM   1258 C CA  . LYS B 1 61 ? -12.451 -5.944  7.623   1.00 12.94 ? 61  LYS B CA  1 
ATOM   1259 C C   . LYS B 1 61 ? -13.636 -5.000  7.422   1.00 14.68 ? 61  LYS B C   1 
ATOM   1260 O O   . LYS B 1 61 ? -14.727 -5.243  7.942   1.00 14.30 ? 61  LYS B O   1 
ATOM   1261 C CB  . LYS B 1 61 ? -12.324 -6.886  6.428   1.00 13.23 ? 61  LYS B CB  1 
ATOM   1262 C CG  . LYS B 1 61 ? -13.517 -7.824  6.240   1.00 14.78 ? 61  LYS B CG  1 
ATOM   1263 C CD  . LYS B 1 61 ? -13.221 -8.837  5.150   1.00 14.72 ? 61  LYS B CD  1 
ATOM   1264 C CE  . LYS B 1 61 ? -14.411 -9.727  4.837   1.00 15.61 ? 61  LYS B CE  1 
ATOM   1265 N NZ  . LYS B 1 61 ? -14.144 -10.418 3.556   1.00 17.23 ? 61  LYS B NZ  1 
ATOM   1266 N N   . PRO B 1 62 ? -13.439 -3.911  6.676   1.00 14.50 ? 62  PRO B N   1 
ATOM   1267 C CA  . PRO B 1 62 ? -14.531 -2.957  6.436   1.00 13.35 ? 62  PRO B CA  1 
ATOM   1268 C C   . PRO B 1 62 ? -15.536 -3.518  5.443   1.00 13.01 ? 62  PRO B C   1 
ATOM   1269 O O   . PRO B 1 62 ? -15.298 -4.578  4.851   1.00 10.93 ? 62  PRO B O   1 
ATOM   1270 C CB  . PRO B 1 62 ? -13.801 -1.733  5.860   1.00 13.66 ? 62  PRO B CB  1 
ATOM   1271 C CG  . PRO B 1 62 ? -12.597 -2.309  5.202   1.00 14.56 ? 62  PRO B CG  1 
ATOM   1272 C CD  . PRO B 1 62 ? -12.166 -3.444  6.093   1.00 12.15 ? 62  PRO B CD  1 
ATOM   1273 N N   . PRO B 1 63 ? -16.669 -2.831  5.230   1.00 12.18 ? 63  PRO B N   1 
ATOM   1274 C CA  . PRO B 1 63 ? -17.703 -3.374  4.327   1.00 13.84 ? 63  PRO B CA  1 
ATOM   1275 C C   . PRO B 1 63 ? -17.353 -3.274  2.859   1.00 16.31 ? 63  PRO B C   1 
ATOM   1276 O O   . PRO B 1 63 ? -17.969 -3.973  2.046   1.00 16.37 ? 63  PRO B O   1 
ATOM   1277 C CB  . PRO B 1 63 ? -18.946 -2.517  4.646   1.00 17.77 ? 63  PRO B CB  1 
ATOM   1278 C CG  . PRO B 1 63 ? -18.633 -1.774  5.878   1.00 15.77 ? 63  PRO B CG  1 
ATOM   1279 C CD  . PRO B 1 63 ? -17.151 -1.640  5.955   1.00 12.34 ? 63  PRO B CD  1 
ATOM   1280 N N   . GLU B 1 64 ? -16.405 -2.418  2.484   1.00 12.78 ? 64  GLU B N   1 
ATOM   1281 C CA  . GLU B 1 64 ? -16.053 -2.237  1.088   1.00 16.73 ? 64  GLU B CA  1 
ATOM   1282 C C   . GLU B 1 64 ? -14.595 -1.829  1.007   1.00 19.39 ? 64  GLU B C   1 
ATOM   1283 O O   . GLU B 1 64 ? -14.100 -1.074  1.850   1.00 15.15 ? 64  GLU B O   1 
ATOM   1284 C CB  . GLU B 1 64 ? -16.926 -1.171  0.420   1.00 26.42 ? 64  GLU B CB  1 
ATOM   1285 C CG  . GLU B 1 64 ? -17.085 -1.319  -1.076  1.00 33.96 ? 64  GLU B CG  1 
ATOM   1286 C CD  . GLU B 1 64 ? -17.989 -0.238  -1.657  1.00 42.60 ? 64  GLU B CD  1 
ATOM   1287 O OE1 . GLU B 1 64 ? -18.814 0.313   -0.893  1.00 40.91 ? 64  GLU B OE1 1 
ATOM   1288 O OE2 . GLU B 1 64 ? -17.881 0.055   -2.869  1.00 48.80 ? 64  GLU B OE2 1 
ATOM   1289 N N   . GLY B 1 65 ? -13.919 -2.324  -0.019  1.00 17.86 ? 65  GLY B N   1 
ATOM   1290 C CA  . GLY B 1 65 ? -12.548 -1.944  -0.291  1.00 16.60 ? 65  GLY B CA  1 
ATOM   1291 C C   . GLY B 1 65 ? -11.621 -3.140  -0.313  1.00 18.43 ? 65  GLY B C   1 
ATOM   1292 O O   . GLY B 1 65 ? -12.024 -4.292  -0.160  1.00 21.53 ? 65  GLY B O   1 
ATOM   1293 N N   . LEU B 1 66 ? -10.347 -2.834  -0.496  1.00 14.56 ? 66  LEU B N   1 
ATOM   1294 C CA  . LEU B 1 66 ? -9.328  -3.842  -0.692  1.00 15.02 ? 66  LEU B CA  1 
ATOM   1295 C C   . LEU B 1 66 ? -8.263  -3.666  0.376   1.00 14.29 ? 66  LEU B C   1 
ATOM   1296 O O   . LEU B 1 66 ? -7.757  -2.557  0.573   1.00 14.21 ? 66  LEU B O   1 
ATOM   1297 C CB  . LEU B 1 66 ? -8.729  -3.717  -2.097  1.00 20.89 ? 66  LEU B CB  1 
ATOM   1298 C CG  . LEU B 1 66 ? -7.711  -4.762  -2.510  1.00 22.99 ? 66  LEU B CG  1 
ATOM   1299 C CD1 . LEU B 1 66 ? -8.381  -6.114  -2.491  1.00 24.20 ? 66  LEU B CD1 1 
ATOM   1300 C CD2 . LEU B 1 66 ? -7.189  -4.425  -3.904  1.00 23.45 ? 66  LEU B CD2 1 
ATOM   1301 N N   . VAL B 1 67 ? -7.945  -4.749  1.076   1.00 15.35 ? 67  VAL B N   1 
ATOM   1302 C CA  . VAL B 1 67 ? -6.883  -4.771  2.072   1.00 12.10 ? 67  VAL B CA  1 
ATOM   1303 C C   . VAL B 1 67 ? -5.896  -5.852  1.669   1.00 15.85 ? 67  VAL B C   1 
ATOM   1304 O O   . VAL B 1 67 ? -6.289  -6.995  1.415   1.00 15.97 ? 67  VAL B O   1 
ATOM   1305 C CB  . VAL B 1 67 ? -7.433  -5.039  3.484   1.00 14.38 ? 67  VAL B CB  1 
ATOM   1306 C CG1 . VAL B 1 67 ? -6.281  -5.083  4.477   1.00 13.04 ? 67  VAL B CG1 1 
ATOM   1307 C CG2 . VAL B 1 67 ? -8.456  -3.971  3.860   1.00 11.82 ? 67  VAL B CG2 1 
ATOM   1308 N N   . GLU B 1 68 ? -4.623  -5.497  1.597   1.00 12.94 ? 68  GLU B N   1 
ATOM   1309 C CA  . GLU B 1 68 ? -3.606  -6.457  1.205   1.00 12.35 ? 68  GLU B CA  1 
ATOM   1310 C C   . GLU B 1 68 ? -2.538  -6.542  2.286   1.00 15.24 ? 68  GLU B C   1 
ATOM   1311 O O   . GLU B 1 68 ? -2.290  -5.578  3.027   1.00 13.19 ? 68  GLU B O   1 
ATOM   1312 C CB  . GLU B 1 68 ? -3.030  -6.094  -0.175  1.00 13.83 ? 68  GLU B CB  1 
ATOM   1313 C CG  . GLU B 1 68 ? -4.113  -6.267  -1.260  1.00 17.23 ? 68  GLU B CG  1 
ATOM   1314 C CD  . GLU B 1 68 ? -3.694  -5.856  -2.679  1.00 23.75 ? 68  GLU B CD  1 
ATOM   1315 O OE1 . GLU B 1 68 ? -3.072  -4.790  -2.863  1.00 23.95 ? 68  GLU B OE1 1 
ATOM   1316 O OE2 . GLU B 1 68 ? -4.024  -6.602  -3.626  1.00 29.96 ? 68  GLU B OE2 1 
ATOM   1317 N N   . VAL B 1 69 ? -1.942  -7.723  2.416   1.00 9.49  ? 69  VAL B N   1 
ATOM   1318 C CA  . VAL B 1 69 ? -0.999  -7.979  3.495   1.00 12.06 ? 69  VAL B CA  1 
ATOM   1319 C C   . VAL B 1 69 ? 0.266   -8.572  2.895   1.00 14.21 ? 69  VAL B C   1 
ATOM   1320 O O   . VAL B 1 69 ? 0.229   -9.643  2.270   1.00 15.43 ? 69  VAL B O   1 
ATOM   1321 C CB  . VAL B 1 69 ? -1.574  -8.906  4.579   1.00 15.53 ? 69  VAL B CB  1 
ATOM   1322 C CG1 . VAL B 1 69 ? -0.594  -8.994  5.747   1.00 14.80 ? 69  VAL B CG1 1 
ATOM   1323 C CG2 . VAL B 1 69 ? -2.915  -8.392  5.068   1.00 15.20 ? 69  VAL B CG2 1 
ATOM   1324 N N   . LEU B 1 70 ? 1.378   -7.883  3.100   1.00 10.44 ? 70  LEU B N   1 
ATOM   1325 C CA  . LEU B 1 70 ? 2.686   -8.278  2.615   1.00 13.08 ? 70  LEU B CA  1 
ATOM   1326 C C   . LEU B 1 70 ? 3.592   -8.567  3.810   1.00 13.86 ? 70  LEU B C   1 
ATOM   1327 O O   . LEU B 1 70 ? 3.548   -7.853  4.815   1.00 12.09 ? 70  LEU B O   1 
ATOM   1328 C CB  . LEU B 1 70 ? 3.258   -7.154  1.732   1.00 12.36 ? 70  LEU B CB  1 
ATOM   1329 C CG  . LEU B 1 70 ? 4.671   -7.261  1.178   1.00 14.33 ? 70  LEU B CG  1 
ATOM   1330 C CD1 . LEU B 1 70 ? 4.787   -8.473  0.257   1.00 19.29 ? 70  LEU B CD1 1 
ATOM   1331 C CD2 . LEU B 1 70 ? 5.077   -5.968  0.446   1.00 20.18 ? 70  LEU B CD2 1 
ATOM   1332 N N   . THR B 1 71 ? 4.398   -9.626  3.720   1.00 15.92 ? 71  THR B N   1 
ATOM   1333 C CA  . THR B 1 71 ? 5.314   -9.997  4.796   1.00 14.92 ? 71  THR B CA  1 
ATOM   1334 C C   . THR B 1 71 ? 6.742   -10.013 4.269   1.00 13.93 ? 71  THR B C   1 
ATOM   1335 O O   . THR B 1 71 ? 7.060   -10.784 3.358   1.00 13.65 ? 71  THR B O   1 
ATOM   1336 C CB  . THR B 1 71 ? 4.948   -11.359 5.387   1.00 16.36 ? 71  THR B CB  1 
ATOM   1337 O OG1 . THR B 1 71 ? 3.600   -11.313 5.876   1.00 18.06 ? 71  THR B OG1 1 
ATOM   1338 C CG2 . THR B 1 71 ? 5.908   -11.721 6.521   1.00 14.73 ? 71  THR B CG2 1 
ATOM   1339 N N   . VAL B 1 72 ? 7.608   -9.182  4.856   1.00 8.09  ? 72  VAL B N   1 
ATOM   1340 C CA  . VAL B 1 72 ? 8.981   -9.036  4.396   1.00 11.61 ? 72  VAL B CA  1 
ATOM   1341 C C   . VAL B 1 72 ? 9.920   -9.175  5.585   1.00 13.85 ? 72  VAL B C   1 
ATOM   1342 O O   . VAL B 1 72 ? 9.504   -9.162  6.745   1.00 15.14 ? 72  VAL B O   1 
ATOM   1343 C CB  . VAL B 1 72 ? 9.221   -7.688  3.680   1.00 11.84 ? 72  VAL B CB  1 
ATOM   1344 C CG1 . VAL B 1 72 ? 8.229   -7.511  2.553   1.00 15.68 ? 72  VAL B CG1 1 
ATOM   1345 C CG2 . VAL B 1 72 ? 9.124   -6.526  4.688   1.00 11.87 ? 72  VAL B CG2 1 
ATOM   1346 N N   . THR B 1 73 ? 11.208  -9.308  5.277   1.00 12.98 ? 73  THR B N   1 
ATOM   1347 C CA  . THR B 1 73 ? 12.204  -9.323  6.339   1.00 14.20 ? 73  THR B CA  1 
ATOM   1348 C C   . THR B 1 73 ? 12.483  -7.900  6.826   1.00 14.77 ? 73  THR B C   1 
ATOM   1349 O O   . THR B 1 73 ? 12.254  -6.913  6.123   1.00 11.47 ? 73  THR B O   1 
ATOM   1350 C CB  . THR B 1 73 ? 13.497  -9.996  5.872   1.00 15.83 ? 73  THR B CB  1 
ATOM   1351 O OG1 . THR B 1 73 ? 14.259  -9.103  5.058   1.00 13.91 ? 73  THR B OG1 1 
ATOM   1352 C CG2 . THR B 1 73 ? 13.193  -11.269 5.080   1.00 17.12 ? 73  THR B CG2 1 
ATOM   1353 N N   . GLU B 1 74 ? 12.974  -7.795  8.061   1.00 16.14 ? 74  GLU B N   1 
ATOM   1354 C CA  . GLU B 1 74 ? 13.308  -6.468  8.562   1.00 17.34 ? 74  GLU B CA  1 
ATOM   1355 C C   . GLU B 1 74 ? 14.403  -5.810  7.731   1.00 15.81 ? 74  GLU B C   1 
ATOM   1356 O O   . GLU B 1 74 ? 14.410  -4.585  7.588   1.00 13.73 ? 74  GLU B O   1 
ATOM   1357 C CB  . GLU B 1 74 ? 13.718  -6.529  10.025  1.00 24.23 ? 74  GLU B CB  1 
ATOM   1358 C CG  . GLU B 1 74 ? 13.936  -5.143  10.587  1.00 31.81 ? 74  GLU B CG  1 
ATOM   1359 C CD  . GLU B 1 74 ? 12.702  -4.252  10.467  1.00 32.37 ? 74  GLU B CD  1 
ATOM   1360 O OE1 . GLU B 1 74 ? 11.663  -4.590  11.087  1.00 21.93 ? 74  GLU B OE1 1 
ATOM   1361 O OE2 . GLU B 1 74 ? 12.796  -3.210  9.760   1.00 29.83 ? 74  GLU B OE2 1 
ATOM   1362 N N   . LYS B 1 75 ? 15.304  -6.605  7.138   1.00 15.73 ? 75  LYS B N   1 
ATOM   1363 C CA  . LYS B 1 75 ? 16.334  -6.056  6.258   1.00 16.86 ? 75  LYS B CA  1 
ATOM   1364 C C   . LYS B 1 75 ? 15.731  -5.436  4.998   1.00 18.51 ? 75  LYS B C   1 
ATOM   1365 O O   . LYS B 1 75 ? 16.098  -4.318  4.609   1.00 13.31 ? 75  LYS B O   1 
ATOM   1366 C CB  . LYS B 1 75 ? 17.332  -7.145  5.869   1.00 23.30 ? 75  LYS B CB  1 
ATOM   1367 C CG  . LYS B 1 75 ? 18.315  -7.532  6.961   1.00 28.92 ? 75  LYS B CG  1 
ATOM   1368 C CD  . LYS B 1 75 ? 19.274  -8.625  6.481   1.00 32.86 ? 75  LYS B CD  1 
ATOM   1369 C CE  . LYS B 1 75 ? 20.212  -8.104  5.398   1.00 37.54 ? 75  LYS B CE  1 
ATOM   1370 N NZ  . LYS B 1 75 ? 21.597  -8.652  5.567   1.00 46.29 ? 75  LYS B NZ  1 
ATOM   1371 N N   . GLN B 1 76 ? 14.841  -6.174  4.315   1.00 14.52 ? 76  GLN B N   1 
ATOM   1372 C CA  . GLN B 1 76 ? 14.163  -5.622  3.144   1.00 14.14 ? 76  GLN B CA  1 
ATOM   1373 C C   . GLN B 1 76 ? 13.458  -4.320  3.479   1.00 11.65 ? 76  GLN B C   1 
ATOM   1374 O O   . GLN B 1 76 ? 13.467  -3.376  2.685   1.00 14.53 ? 76  GLN B O   1 
ATOM   1375 C CB  . GLN B 1 76 ? 13.139  -6.618  2.599   1.00 13.55 ? 76  GLN B CB  1 
ATOM   1376 C CG  . GLN B 1 76 ? 13.721  -7.738  1.790   1.00 16.20 ? 76  GLN B CG  1 
ATOM   1377 C CD  . GLN B 1 76 ? 12.660  -8.701  1.334   1.00 20.39 ? 76  GLN B CD  1 
ATOM   1378 O OE1 . GLN B 1 76 ? 11.872  -9.203  2.138   1.00 19.20 ? 76  GLN B OE1 1 
ATOM   1379 N NE2 . GLN B 1 76 ? 12.610  -8.945  0.032   1.00 20.25 ? 76  GLN B NE2 1 
ATOM   1380 N N   . TYR B 1 77 ? 12.817  -4.267  4.649   1.00 12.72 ? 77  TYR B N   1 
ATOM   1381 C CA  . TYR B 1 77 ? 12.079  -3.078  5.050   1.00 11.45 ? 77  TYR B CA  1 
ATOM   1382 C C   . TYR B 1 77 ? 13.017  -1.907  5.306   1.00 15.52 ? 77  TYR B C   1 
ATOM   1383 O O   . TYR B 1 77 ? 12.714  -0.770  4.928   1.00 10.78 ? 77  TYR B O   1 
ATOM   1384 C CB  . TYR B 1 77 ? 11.249  -3.380  6.295   1.00 12.50 ? 77  TYR B CB  1 
ATOM   1385 C CG  . TYR B 1 77 ? 10.146  -2.368  6.558   1.00 14.92 ? 77  TYR B CG  1 
ATOM   1386 C CD1 . TYR B 1 77 ? 9.079   -2.241  5.682   1.00 12.12 ? 77  TYR B CD1 1 
ATOM   1387 C CD2 . TYR B 1 77 ? 10.159  -1.569  7.692   1.00 15.58 ? 77  TYR B CD2 1 
ATOM   1388 C CE1 . TYR B 1 77 ? 8.052   -1.341  5.918   1.00 15.85 ? 77  TYR B CE1 1 
ATOM   1389 C CE2 . TYR B 1 77 ? 9.128   -0.655  7.945   1.00 14.87 ? 77  TYR B CE2 1 
ATOM   1390 C CZ  . TYR B 1 77 ? 8.078   -0.543  7.041   1.00 20.86 ? 77  TYR B CZ  1 
ATOM   1391 O OH  . TYR B 1 77 ? 7.042   0.354   7.248   1.00 18.54 ? 77  TYR B OH  1 
ATOM   1392 N N   . ALA B 1 78 ? 14.160  -2.161  5.952   1.00 15.07 ? 78  ALA B N   1 
ATOM   1393 C CA  . ALA B 1 78 ? 15.083  -1.069  6.235   1.00 16.60 ? 78  ALA B CA  1 
ATOM   1394 C C   . ALA B 1 78 ? 15.739  -0.537  4.973   1.00 14.89 ? 78  ALA B C   1 
ATOM   1395 O O   . ALA B 1 78 ? 16.211  0.601   4.972   1.00 16.88 ? 78  ALA B O   1 
ATOM   1396 C CB  . ALA B 1 78 ? 16.159  -1.503  7.232   1.00 14.19 ? 78  ALA B CB  1 
ATOM   1397 N N   . LYS B 1 79 ? 15.762  -1.315  3.899   1.00 11.44 ? 79  LYS B N   1 
ATOM   1398 C CA  . LYS B 1 79 ? 16.320  -0.866  2.629   1.00 13.45 ? 79  LYS B CA  1 
ATOM   1399 C C   . LYS B 1 79 ? 15.309  -0.133  1.747   1.00 13.02 ? 79  LYS B C   1 
ATOM   1400 O O   . LYS B 1 79 ? 15.624  0.177   0.596   1.00 13.69 ? 79  LYS B O   1 
ATOM   1401 C CB  . LYS B 1 79 ? 16.895  -2.064  1.859   1.00 13.26 ? 79  LYS B CB  1 
ATOM   1402 C CG  . LYS B 1 79 ? 18.139  -2.681  2.482   1.00 16.44 ? 79  LYS B CG  1 
ATOM   1403 C CD  . LYS B 1 79 ? 18.484  -3.990  1.763   1.00 29.72 ? 79  LYS B CD  1 
ATOM   1404 C CE  . LYS B 1 79 ? 19.744  -4.663  2.308   1.00 38.87 ? 79  LYS B CE  1 
ATOM   1405 N NZ  . LYS B 1 79 ? 20.082  -5.901  1.520   1.00 35.74 ? 79  LYS B NZ  1 
ATOM   1406 N N   . MET B 1 80 ? 14.105  0.129   2.246   1.00 11.88 ? 80  MET B N   1 
ATOM   1407 C CA  . MET B 1 80 ? 13.117  0.877   1.478   1.00 14.81 ? 80  MET B CA  1 
ATOM   1408 C C   . MET B 1 80 ? 13.674  2.248   1.108   1.00 14.29 ? 80  MET B C   1 
ATOM   1409 O O   . MET B 1 80 ? 14.251  2.940   1.949   1.00 13.62 ? 80  MET B O   1 
ATOM   1410 C CB  . MET B 1 80 ? 11.832  1.024   2.301   1.00 15.02 ? 80  MET B CB  1 
ATOM   1411 C CG  . MET B 1 80 ? 10.543  1.326   1.522   1.00 20.21 ? 80  MET B CG  1 
ATOM   1412 S SD  . MET B 1 80 ? 9.089   0.751   2.440   1.00 15.30 ? 80  MET B SD  1 
ATOM   1413 C CE  . MET B 1 80 ? 9.618   1.087   4.129   1.00 21.73 ? 80  MET B CE  1 
ATOM   1414 N N   . GLU B 1 81 ? 13.518  2.634   -0.155  1.00 11.73 ? 81  GLU B N   1 
ATOM   1415 C CA  . GLU B 1 81 ? 13.924  3.967   -0.593  1.00 15.52 ? 81  GLU B CA  1 
ATOM   1416 C C   . GLU B 1 81 ? 12.848  4.976   -0.214  1.00 16.25 ? 81  GLU B C   1 
ATOM   1417 O O   . GLU B 1 81 ? 11.663  4.755   -0.472  1.00 16.09 ? 81  GLU B O   1 
ATOM   1418 C CB  . GLU B 1 81 ? 14.146  3.996   -2.109  1.00 16.93 ? 81  GLU B CB  1 
ATOM   1419 C CG  . GLU B 1 81 ? 15.270  3.100   -2.594  1.00 24.74 ? 81  GLU B CG  1 
ATOM   1420 C CD  . GLU B 1 81 ? 16.648  3.658   -2.261  1.00 27.91 ? 81  GLU B CD  1 
ATOM   1421 O OE1 . GLU B 1 81 ? 16.760  4.867   -1.974  1.00 32.38 ? 81  GLU B OE1 1 
ATOM   1422 O OE2 . GLU B 1 81 ? 17.623  2.879   -2.287  1.00 43.52 ? 81  GLU B OE2 1 
ATOM   1423 N N   . ILE B 1 82 ? 13.255  6.086   0.387   1.00 12.03 ? 82  ILE B N   1 
ATOM   1424 C CA  . ILE B 1 82 ? 12.328  7.102   0.874   1.00 12.79 ? 82  ILE B CA  1 
ATOM   1425 C C   . ILE B 1 82 ? 12.488  8.335   -0.002  1.00 13.88 ? 82  ILE B C   1 
ATOM   1426 O O   . ILE B 1 82 ? 13.574  8.917   -0.049  1.00 13.16 ? 82  ILE B O   1 
ATOM   1427 C CB  . ILE B 1 82 ? 12.599  7.470   2.343   1.00 11.86 ? 82  ILE B CB  1 
ATOM   1428 C CG1 . ILE B 1 82 ? 12.712  6.221   3.227   1.00 17.23 ? 82  ILE B CG1 1 
ATOM   1429 C CG2 . ILE B 1 82 ? 11.541  8.447   2.843   1.00 15.11 ? 82  ILE B CG2 1 
ATOM   1430 C CD1 . ILE B 1 82 ? 11.398  5.559   3.573   1.00 16.76 ? 82  ILE B CD1 1 
ATOM   1431 N N   . ILE B 1 83 ? 11.408  8.773   -0.640  1.00 12.35 ? 83  ILE B N   1 
ATOM   1432 C CA  . ILE B 1 83 ? 11.436  9.954   -1.506  1.00 12.97 ? 83  ILE B CA  1 
ATOM   1433 C C   . ILE B 1 83 ? 10.398  10.948  -1.000  1.00 14.80 ? 83  ILE B C   1 
ATOM   1434 O O   . ILE B 1 83 ? 9.202   10.638  -0.962  1.00 12.42 ? 83  ILE B O   1 
ATOM   1435 C CB  . ILE B 1 83 ? 11.168  9.596   -2.975  1.00 12.98 ? 83  ILE B CB  1 
ATOM   1436 C CG1 . ILE B 1 83 ? 12.214  8.614   -3.500  1.00 11.24 ? 83  ILE B CG1 1 
ATOM   1437 C CG2 . ILE B 1 83 ? 11.108  10.858  -3.823  1.00 13.46 ? 83  ILE B CG2 1 
ATOM   1438 C CD1 . ILE B 1 83 ? 11.833  8.003   -4.835  1.00 12.38 ? 83  ILE B CD1 1 
ATOM   1439 N N   . ILE B 1 84 ? 10.847  12.151  -0.643  1.00 14.14 ? 84  ILE B N   1 
ATOM   1440 C CA  . ILE B 1 84 ? 9.969   13.186  -0.108  1.00 15.05 ? 84  ILE B CA  1 
ATOM   1441 C C   . ILE B 1 84 ? 9.974   14.379  -1.052  1.00 14.19 ? 84  ILE B C   1 
ATOM   1442 O O   . ILE B 1 84 ? 11.043  14.834  -1.478  1.00 11.77 ? 84  ILE B O   1 
ATOM   1443 C CB  . ILE B 1 84 ? 10.393  13.603  1.310   1.00 17.57 ? 84  ILE B CB  1 
ATOM   1444 C CG1 . ILE B 1 84 ? 10.347  12.396  2.242   1.00 15.47 ? 84  ILE B CG1 1 
ATOM   1445 C CG2 . ILE B 1 84 ? 9.501   14.732  1.829   1.00 20.65 ? 84  ILE B CG2 1 
ATOM   1446 C CD1 . ILE B 1 84 ? 10.976  12.658  3.578   1.00 16.19 ? 84  ILE B CD1 1 
ATOM   1447 N N   . GLY B 1 85 ? 8.779   14.888  -1.366  1.00 16.03 ? 85  GLY B N   1 
ATOM   1448 C CA  . GLY B 1 85 ? 8.615   15.997  -2.293  1.00 17.08 ? 85  GLY B CA  1 
ATOM   1449 C C   . GLY B 1 85 ? 9.352   17.260  -1.894  1.00 14.90 ? 85  GLY B C   1 
ATOM   1450 O O   . GLY B 1 85 ? 10.222  17.736  -2.622  1.00 15.33 ? 85  GLY B O   1 
ATOM   1451 N N   . GLU B 1 86 ? 9.004   17.817  -0.740  1.00 19.97 ? 86  GLU B N   1 
ATOM   1452 C CA  . GLU B 1 86 ? 9.726   18.959  -0.182  1.00 25.05 ? 86  GLU B CA  1 
ATOM   1453 C C   . GLU B 1 86 ? 10.763  18.385  0.773   1.00 21.37 ? 86  GLU B C   1 
ATOM   1454 O O   . GLU B 1 86 ? 10.501  18.159  1.951   1.00 23.96 ? 86  GLU B O   1 
ATOM   1455 C CB  . GLU B 1 86 ? 8.770   19.926  0.502   1.00 25.97 ? 86  GLU B CB  1 
ATOM   1456 C CG  . GLU B 1 86 ? 7.647   20.419  -0.401  1.00 28.91 ? 86  GLU B CG  1 
ATOM   1457 C CD  . GLU B 1 86 ? 6.349   20.615  0.361   1.00 34.21 ? 86  GLU B CD  1 
ATOM   1458 O OE1 . GLU B 1 86 ? 6.207   20.032  1.460   1.00 42.36 ? 86  GLU B OE1 1 
ATOM   1459 O OE2 . GLU B 1 86 ? 5.456   21.333  -0.139  1.00 40.11 ? 86  GLU B OE2 1 
ATOM   1460 N N   . SER B 1 87 ? 11.957  18.133  0.243   1.00 23.91 ? 87  SER B N   1 
ATOM   1461 C CA  . SER B 1 87 ? 12.929  17.279  0.913   1.00 24.71 ? 87  SER B CA  1 
ATOM   1462 C C   . SER B 1 87 ? 13.745  17.992  1.994   1.00 30.48 ? 87  SER B C   1 
ATOM   1463 O O   . SER B 1 87 ? 14.183  17.335  2.948   1.00 29.30 ? 87  SER B O   1 
ATOM   1464 C CB  . SER B 1 87 ? 13.862  16.671  -0.133  1.00 20.11 ? 87  SER B CB  1 
ATOM   1465 O OG  . SER B 1 87 ? 14.807  15.816  0.478   1.00 26.65 ? 87  SER B OG  1 
ATOM   1466 N N   . LYS B 1 88 ? 13.966  19.304  1.890   1.00 26.13 ? 88  LYS B N   1 
ATOM   1467 C CA  . LYS B 1 88 ? 14.953  19.953  2.753   1.00 31.14 ? 88  LYS B CA  1 
ATOM   1468 C C   . LYS B 1 88 ? 14.516  20.028  4.212   1.00 31.25 ? 88  LYS B C   1 
ATOM   1469 O O   . LYS B 1 88 ? 13.344  20.255  4.515   1.00 34.06 ? 88  LYS B O   1 
ATOM   1470 C CB  . LYS B 1 88 ? 15.242  21.366  2.266   1.00 31.76 ? 88  LYS B CB  1 
ATOM   1471 C CG  . LYS B 1 88 ? 16.222  21.397  1.133   1.00 44.15 ? 88  LYS B CG  1 
ATOM   1472 C CD  . LYS B 1 88 ? 17.393  20.442  1.397   1.00 37.58 ? 88  LYS B CD  1 
ATOM   1473 C CE  . LYS B 1 88 ? 18.742  21.138  1.339   1.00 40.35 ? 88  LYS B CE  1 
ATOM   1474 N NZ  . LYS B 1 88 ? 19.807  20.171  1.692   1.00 43.55 ? 88  LYS B NZ  1 
ATOM   1475 N N   . THR B 1 89 ? 15.498  19.899  5.112   1.00 32.10 ? 89  THR B N   1 
ATOM   1476 C CA  . THR B 1 89 ? 15.307  20.000  6.559   1.00 33.46 ? 89  THR B CA  1 
ATOM   1477 C C   . THR B 1 89 ? 15.801  21.369  7.023   1.00 29.93 ? 89  THR B C   1 
ATOM   1478 O O   . THR B 1 89 ? 17.006  21.645  6.980   1.00 39.83 ? 89  THR B O   1 
ATOM   1479 C CB  . THR B 1 89 ? 16.073  18.886  7.279   1.00 32.01 ? 89  THR B CB  1 
ATOM   1480 O OG1 . THR B 1 89 ? 15.604  17.608  6.837   1.00 28.62 ? 89  THR B OG1 1 
ATOM   1481 C CG2 . THR B 1 89 ? 15.918  18.993  8.803   1.00 28.33 ? 89  THR B CG2 1 
ATOM   1482 N N   . GLU B 1 90 ? 14.877  22.231  7.463   1.00 27.04 ? 90  GLU B N   1 
ATOM   1483 C CA  . GLU B 1 90 ? 15.215  23.579  7.917   1.00 26.74 ? 90  GLU B CA  1 
ATOM   1484 C C   . GLU B 1 90 ? 14.301  23.996  9.059   1.00 22.00 ? 90  GLU B C   1 
ATOM   1485 O O   . GLU B 1 90 ? 13.077  23.933  8.925   1.00 19.00 ? 90  GLU B O   1 
ATOM   1486 C CB  . GLU B 1 90 ? 15.084  24.596  6.777   1.00 30.77 ? 90  GLU B CB  1 
ATOM   1487 C CG  . GLU B 1 90 ? 16.124  24.463  5.680   1.00 42.06 ? 90  GLU B CG  1 
ATOM   1488 C CD  . GLU B 1 90 ? 16.883  25.757  5.430   1.00 50.20 ? 90  GLU B CD  1 
ATOM   1489 O OE1 . GLU B 1 90 ? 17.744  25.775  4.523   1.00 53.57 ? 90  GLU B OE1 1 
ATOM   1490 O OE2 . GLU B 1 90 ? 16.621  26.751  6.145   1.00 52.98 ? 90  GLU B OE2 1 
ATOM   1491 N N   . TYR B 1 91 ? 14.884  24.459  10.160  1.00 19.42 ? 91  TYR B N   1 
ATOM   1492 C CA  . TYR B 1 91 ? 14.112  24.872  11.326  1.00 19.75 ? 91  TYR B CA  1 
ATOM   1493 C C   . TYR B 1 91 ? 13.859  26.374  11.309  1.00 21.71 ? 91  TYR B C   1 
ATOM   1494 O O   . TYR B 1 91 ? 14.635  27.145  10.744  1.00 19.47 ? 91  TYR B O   1 
ATOM   1495 C CB  . TYR B 1 91 ? 14.828  24.491  12.620  1.00 19.07 ? 91  TYR B CB  1 
ATOM   1496 C CG  . TYR B 1 91 ? 14.972  23.004  12.774  1.00 15.37 ? 91  TYR B CG  1 
ATOM   1497 C CD1 . TYR B 1 91 ? 13.895  22.226  13.175  1.00 13.86 ? 91  TYR B CD1 1 
ATOM   1498 C CD2 . TYR B 1 91 ? 16.170  22.372  12.475  1.00 15.54 ? 91  TYR B CD2 1 
ATOM   1499 C CE1 . TYR B 1 91 ? 14.015  20.868  13.304  1.00 14.64 ? 91  TYR B CE1 1 
ATOM   1500 C CE2 . TYR B 1 91 ? 16.298  21.005  12.598  1.00 15.48 ? 91  TYR B CE2 1 
ATOM   1501 C CZ  . TYR B 1 91 ? 15.220  20.264  13.016  1.00 13.67 ? 91  TYR B CZ  1 
ATOM   1502 O OH  . TYR B 1 91 ? 15.341  18.910  13.137  1.00 12.81 ? 91  TYR B OH  1 
ATOM   1503 N N   . LEU B 1 92 ? 12.773  26.786  11.956  1.00 18.37 ? 92  LEU B N   1 
ATOM   1504 C CA  . LEU B 1 92 ? 12.469  28.217  12.072  1.00 25.04 ? 92  LEU B CA  1 
ATOM   1505 C C   . LEU B 1 92 ? 13.194  28.868  13.253  1.00 27.01 ? 92  LEU B C   1 
ATOM   1506 O O   . LEU B 1 92 ? 13.172  28.340  14.363  1.00 31.62 ? 92  LEU B O   1 
ATOM   1507 C CB  . LEU B 1 92 ? 10.959  28.436  12.201  1.00 23.98 ? 92  LEU B CB  1 
ATOM   1508 C CG  . LEU B 1 92 ? 10.185  28.199  10.902  1.00 31.47 ? 92  LEU B CG  1 
ATOM   1509 C CD1 . LEU B 1 92 ? 8.690   28.376  11.108  1.00 29.57 ? 92  LEU B CD1 1 
ATOM   1510 C CD2 . LEU B 1 92 ? 10.704  29.096  9.780   1.00 30.39 ? 92  LEU B CD2 1 
ATOM   1511 N N   . GLY C 2 1  ? -27.087 -20.915 -8.438  1.00 20.65 ? 11  GLY Q N   1 
ATOM   1512 C CA  . GLY C 2 1  ? -27.497 -22.301 -8.608  1.00 26.05 ? 11  GLY Q CA  1 
ATOM   1513 C C   . GLY C 2 1  ? -26.795 -23.087 -9.717  1.00 29.43 ? 11  GLY Q C   1 
ATOM   1514 O O   . GLY C 2 1  ? -26.493 -24.277 -9.560  1.00 26.01 ? 11  GLY Q O   1 
ATOM   1515 N N   . GLY C 2 2  ? -26.534 -22.420 -10.841 1.00 19.71 ? 12  GLY Q N   1 
ATOM   1516 C CA  . GLY C 2 2  ? -26.014 -23.076 -12.026 1.00 18.99 ? 12  GLY Q CA  1 
ATOM   1517 C C   . GLY C 2 2  ? -24.661 -23.725 -11.814 1.00 23.33 ? 12  GLY Q C   1 
ATOM   1518 O O   . GLY C 2 2  ? -23.746 -23.105 -11.263 1.00 22.12 ? 12  GLY Q O   1 
ATOM   1519 N N   . GLY C 2 3  ? -24.531 -24.980 -12.234 1.00 15.06 ? 13  GLY Q N   1 
ATOM   1520 C CA  . GLY C 2 3  ? -23.262 -25.675 -12.154 1.00 19.46 ? 13  GLY Q CA  1 
ATOM   1521 C C   . GLY C 2 3  ? -22.434 -25.431 -13.399 1.00 20.60 ? 13  GLY Q C   1 
ATOM   1522 O O   . GLY C 2 3  ? -22.493 -26.216 -14.351 1.00 17.70 ? 13  GLY Q O   1 
ATOM   1523 N N   . GLY C 2 4  ? -21.657 -24.351 -13.393 1.00 20.61 ? 14  GLY Q N   1 
ATOM   1524 C CA  . GLY C 2 4  ? -21.002 -23.902 -14.611 1.00 21.43 ? 14  GLY Q CA  1 
ATOM   1525 C C   . GLY C 2 4  ? -19.840 -24.795 -15.012 1.00 20.39 ? 14  GLY Q C   1 
ATOM   1526 O O   . GLY C 2 4  ? -19.124 -25.343 -14.173 1.00 19.40 ? 14  GLY Q O   1 
ATOM   1527 N N   . GLY C 2 5  ? -19.655 -24.937 -16.322 1.00 14.58 ? 15  GLY Q N   1 
ATOM   1528 C CA  . GLY C 2 5  ? -18.616 -25.791 -16.862 1.00 12.56 ? 15  GLY Q CA  1 
ATOM   1529 C C   . GLY C 2 5  ? -17.835 -25.060 -17.930 1.00 25.67 ? 15  GLY Q C   1 
ATOM   1530 O O   . GLY C 2 5  ? -18.437 -24.454 -18.821 1.00 28.72 ? 15  GLY Q O   1 
HETATM 1531 O O   . HOH D 3 .  ? -26.419 -7.598  -0.004  1.00 36.28 ? 101 HOH A O   1 
HETATM 1532 O O   . HOH D 3 .  ? -2.982  10.710  -20.001 1.00 42.74 ? 102 HOH A O   1 
HETATM 1533 O O   . HOH D 3 .  ? 0.411   21.957  -1.354  1.00 33.35 ? 103 HOH A O   1 
HETATM 1534 O O   . HOH D 3 .  ? -21.800 -13.069 -7.158  1.00 34.29 ? 104 HOH A O   1 
HETATM 1535 O O   . HOH D 3 .  ? 0.178   -14.309 5.118   1.00 39.19 ? 105 HOH A O   1 
HETATM 1536 O O   . HOH D 3 .  ? 4.278   -6.125  -10.905 1.00 21.13 ? 106 HOH A O   1 
HETATM 1537 O O   . HOH D 3 .  ? 3.161   25.368  -6.369  1.00 43.26 ? 107 HOH A O   1 
HETATM 1538 O O   . HOH D 3 .  ? 15.722  1.258   -16.358 1.00 28.31 ? 108 HOH A O   1 
HETATM 1539 O O   . HOH D 3 .  ? -17.033 -6.042  11.956  1.00 33.67 ? 109 HOH A O   1 
HETATM 1540 O O   . HOH D 3 .  ? 6.444   3.948   -22.030 1.00 24.45 ? 110 HOH A O   1 
HETATM 1541 O O   . HOH D 3 .  ? -0.400  15.399  -5.400  1.00 15.99 ? 111 HOH A O   1 
HETATM 1542 O O   . HOH D 3 .  ? -21.047 -6.440  1.471   1.00 35.44 ? 112 HOH A O   1 
HETATM 1543 O O   . HOH D 3 .  ? 13.590  -0.927  -2.712  1.00 24.92 ? 113 HOH A O   1 
HETATM 1544 O O   . HOH D 3 .  ? 6.821   1.032   -20.261 1.00 23.07 ? 114 HOH A O   1 
HETATM 1545 O O   . HOH D 3 .  ? -1.356  23.333  -4.174  1.00 29.56 ? 115 HOH A O   1 
HETATM 1546 O O   . HOH D 3 .  ? -0.092  6.094   0.636   1.00 24.33 ? 116 HOH A O   1 
HETATM 1547 O O   . HOH D 3 .  ? 17.345  5.689   -14.203 1.00 21.71 ? 117 HOH A O   1 
HETATM 1548 O O   . HOH D 3 .  ? -3.789  2.185   -1.618  1.00 18.29 ? 118 HOH A O   1 
HETATM 1549 O O   . HOH D 3 .  ? -17.210 -9.112  7.007   1.00 24.23 ? 119 HOH A O   1 
HETATM 1550 O O   . HOH D 3 .  ? -1.506  -13.004 -3.887  1.00 33.85 ? 120 HOH A O   1 
HETATM 1551 O O   . HOH D 3 .  ? 4.128   -11.623 1.320   1.00 13.06 ? 121 HOH A O   1 
HETATM 1552 O O   . HOH D 3 .  ? -27.780 -6.743  8.462   1.00 27.44 ? 122 HOH A O   1 
HETATM 1553 O O   . HOH D 3 .  ? 9.593   14.599  -15.149 1.00 30.88 ? 123 HOH A O   1 
HETATM 1554 O O   . HOH D 3 .  ? 12.767  10.346  -16.669 1.00 35.03 ? 124 HOH A O   1 
HETATM 1555 O O   . HOH D 3 .  ? 10.978  -15.017 -0.602  1.00 20.56 ? 125 HOH A O   1 
HETATM 1556 O O   . HOH D 3 .  ? 12.422  7.355   -16.872 1.00 28.91 ? 126 HOH A O   1 
HETATM 1557 O O   . HOH D 3 .  ? -19.862 -5.292  8.695   1.00 23.76 ? 127 HOH A O   1 
HETATM 1558 O O   . HOH D 3 .  ? -25.132 -5.341  5.033   1.00 37.18 ? 128 HOH A O   1 
HETATM 1559 O O   . HOH D 3 .  ? 1.846   0.186   -17.169 1.00 13.23 ? 129 HOH A O   1 
HETATM 1560 O O   . HOH D 3 .  ? 10.227  15.518  -10.818 1.00 15.91 ? 130 HOH A O   1 
HETATM 1561 O O   . HOH D 3 .  ? 8.380   17.653  -8.535  1.00 20.61 ? 131 HOH A O   1 
HETATM 1562 O O   . HOH D 3 .  ? -1.447  12.649  3.404   1.00 39.42 ? 132 HOH A O   1 
HETATM 1563 O O   . HOH D 3 .  ? -0.260  -10.937 -5.464  1.00 21.59 ? 133 HOH A O   1 
HETATM 1564 O O   . HOH D 3 .  ? -2.088  -0.926  -14.183 1.00 21.76 ? 134 HOH A O   1 
HETATM 1565 O O   . HOH D 3 .  ? -3.217  9.729   -14.190 1.00 22.74 ? 135 HOH A O   1 
HETATM 1566 O O   . HOH D 3 .  ? 14.318  -5.026  0.063   1.00 29.72 ? 136 HOH A O   1 
HETATM 1567 O O   . HOH D 3 .  ? 13.585  18.511  -3.794  1.00 14.67 ? 137 HOH A O   1 
HETATM 1568 O O   . HOH D 3 .  ? 1.363   18.917  -5.621  1.00 18.79 ? 138 HOH A O   1 
HETATM 1569 O O   . HOH D 3 .  ? -1.554  9.243   -2.466  1.00 22.75 ? 139 HOH A O   1 
HETATM 1570 O O   . HOH D 3 .  ? -4.319  24.687  -7.127  1.00 30.00 ? 140 HOH A O   1 
HETATM 1571 O O   . HOH D 3 .  ? -4.715  15.227  0.887   1.00 28.24 ? 141 HOH A O   1 
HETATM 1572 O O   . HOH D 3 .  ? 21.048  2.786   -11.756 1.00 33.10 ? 142 HOH A O   1 
HETATM 1573 O O   . HOH D 3 .  ? 9.615   11.383  -17.651 1.00 32.10 ? 143 HOH A O   1 
HETATM 1574 O O   . HOH D 3 .  ? 0.231   3.610   -0.406  1.00 15.74 ? 144 HOH A O   1 
HETATM 1575 O O   . HOH D 3 .  ? 12.095  -12.518 -10.933 1.00 27.62 ? 145 HOH A O   1 
HETATM 1576 O O   . HOH D 3 .  ? -4.770  8.444   -2.800  1.00 35.64 ? 146 HOH A O   1 
HETATM 1577 O O   . HOH D 3 .  ? 19.483  3.797   -7.377  1.00 30.57 ? 147 HOH A O   1 
HETATM 1578 O O   . HOH D 3 .  ? -4.530  4.443   -12.849 1.00 41.84 ? 148 HOH A O   1 
HETATM 1579 O O   . HOH D 3 .  ? -15.094 -4.713  -1.349  1.00 23.01 ? 149 HOH A O   1 
HETATM 1580 O O   . HOH D 3 .  ? 6.427   16.762  0.777   1.00 11.00 ? 150 HOH A O   1 
HETATM 1581 O O   . HOH D 3 .  ? 9.264   -13.642 3.322   1.00 35.99 ? 151 HOH A O   1 
HETATM 1582 O O   . HOH D 3 .  ? 2.158   16.545  -5.331  1.00 12.66 ? 152 HOH A O   1 
HETATM 1583 O O   . HOH D 3 .  ? -11.555 -11.584 1.850   1.00 19.64 ? 153 HOH A O   1 
HETATM 1584 O O   . HOH D 3 .  ? 7.792   13.193  -3.799  1.00 18.80 ? 154 HOH A O   1 
HETATM 1585 O O   . HOH D 3 .  ? 2.030   -14.367 3.110   1.00 39.01 ? 155 HOH A O   1 
HETATM 1586 O O   . HOH D 3 .  ? 6.336   -17.859 1.814   1.00 49.79 ? 156 HOH A O   1 
HETATM 1587 O O   . HOH D 3 .  ? 18.613  -1.052  -17.647 1.00 36.22 ? 157 HOH A O   1 
HETATM 1588 O O   . HOH D 3 .  ? 19.029  6.145   -5.926  1.00 28.61 ? 158 HOH A O   1 
HETATM 1589 O O   . HOH D 3 .  ? 14.355  8.699   -15.871 1.00 48.05 ? 159 HOH A O   1 
HETATM 1590 O O   . HOH D 3 .  ? 14.365  -6.018  -15.524 1.00 7.26  ? 160 HOH A O   1 
HETATM 1591 O O   . HOH D 3 .  ? -21.645 -3.277  7.681   1.00 28.50 ? 161 HOH A O   1 
HETATM 1592 O O   . HOH D 3 .  ? 7.861   -1.717  -19.363 1.00 43.23 ? 162 HOH A O   1 
HETATM 1593 O O   . HOH D 3 .  ? -0.545  -0.791  -16.750 1.00 37.89 ? 163 HOH A O   1 
HETATM 1594 O O   . HOH D 3 .  ? 13.574  -13.574 -9.888  1.00 38.56 ? 164 HOH A O   1 
HETATM 1595 O O   . HOH D 3 .  ? 6.775   -14.498 -12.120 1.00 38.61 ? 165 HOH A O   1 
HETATM 1596 O O   . HOH D 3 .  ? 24.042  7.255   -11.752 1.00 26.71 ? 166 HOH A O   1 
HETATM 1597 O O   . HOH D 3 .  ? 3.724   26.149  -9.090  1.00 29.96 ? 167 HOH A O   1 
HETATM 1598 O O   . HOH D 3 .  ? 9.813   16.155  -13.295 1.00 27.34 ? 168 HOH A O   1 
HETATM 1599 O O   . HOH D 3 .  ? 5.633   14.531  2.918   1.00 29.79 ? 169 HOH A O   1 
HETATM 1600 O O   . HOH D 3 .  ? 8.793   19.282  -10.438 1.00 29.43 ? 170 HOH A O   1 
HETATM 1601 O O   . HOH D 3 .  ? -7.122  14.611  1.963   1.00 39.31 ? 171 HOH A O   1 
HETATM 1602 O O   . HOH D 3 .  ? 15.098  -15.533 -9.120  1.00 49.35 ? 172 HOH A O   1 
HETATM 1603 O O   . HOH E 3 .  ? 4.997   -10.804 17.692  1.00 23.77 ? 101 HOH B O   1 
HETATM 1604 O O   . HOH E 3 .  ? -4.348  -5.511  -5.820  1.00 19.44 ? 102 HOH B O   1 
HETATM 1605 O O   . HOH E 3 .  ? 8.143   2.491   7.952   1.00 27.33 ? 103 HOH B O   1 
HETATM 1606 O O   . HOH E 3 .  ? 1.997   -11.618 3.938   1.00 19.03 ? 104 HOH B O   1 
HETATM 1607 O O   . HOH E 3 .  ? 1.867   -19.871 7.931   1.00 30.21 ? 105 HOH B O   1 
HETATM 1608 O O   . HOH E 3 .  ? 7.250   6.453   6.506   1.00 27.04 ? 106 HOH B O   1 
HETATM 1609 O O   . HOH E 3 .  ? 9.662   -10.661 10.300  1.00 25.50 ? 107 HOH B O   1 
HETATM 1610 O O   . HOH E 3 .  ? 14.784  3.301   4.466   1.00 18.62 ? 108 HOH B O   1 
HETATM 1611 O O   . HOH E 3 .  ? -7.121  2.542   17.914  1.00 22.61 ? 109 HOH B O   1 
HETATM 1612 O O   . HOH E 3 .  ? 10.956  24.762  7.637   1.00 46.09 ? 110 HOH B O   1 
HETATM 1613 O O   . HOH E 3 .  ? -19.507 0.227   1.634   1.00 36.87 ? 111 HOH B O   1 
HETATM 1614 O O   . HOH E 3 .  ? -18.711 5.161   -2.243  1.00 28.74 ? 112 HOH B O   1 
HETATM 1615 O O   . HOH E 3 .  ? 4.103   -1.729  16.884  1.00 20.59 ? 113 HOH B O   1 
HETATM 1616 O O   . HOH E 3 .  ? -12.137 0.284   15.311  1.00 17.92 ? 114 HOH B O   1 
HETATM 1617 O O   . HOH E 3 .  ? 8.974   -17.573 17.301  1.00 31.52 ? 115 HOH B O   1 
HETATM 1618 O O   . HOH E 3 .  ? -2.118  -7.657  17.147  1.00 29.61 ? 116 HOH B O   1 
HETATM 1619 O O   . HOH E 3 .  ? 16.341  -9.991  3.618   1.00 22.27 ? 117 HOH B O   1 
HETATM 1620 O O   . HOH E 3 .  ? -19.378 2.941   -0.915  1.00 37.26 ? 118 HOH B O   1 
HETATM 1621 O O   . HOH E 3 .  ? -15.275 0.579   3.621   1.00 15.04 ? 119 HOH B O   1 
HETATM 1622 O O   . HOH E 3 .  ? -16.117 12.580  6.983   1.00 36.47 ? 120 HOH B O   1 
HETATM 1623 O O   . HOH E 3 .  ? -0.629  0.824   17.632  1.00 21.63 ? 121 HOH B O   1 
HETATM 1624 O O   . HOH E 3 .  ? -7.563  -1.276  -5.187  1.00 25.78 ? 122 HOH B O   1 
HETATM 1625 O O   . HOH E 3 .  ? 13.382  -2.888  0.015   1.00 17.41 ? 123 HOH B O   1 
HETATM 1626 O O   . HOH E 3 .  ? 5.115   -6.212  17.383  1.00 17.48 ? 124 HOH B O   1 
HETATM 1627 O O   . HOH E 3 .  ? -17.351 -5.108  7.194   1.00 15.15 ? 125 HOH B O   1 
HETATM 1628 O O   . HOH E 3 .  ? -13.191 6.964   -2.551  1.00 23.21 ? 126 HOH B O   1 
HETATM 1629 O O   . HOH E 3 .  ? -6.622  -14.260 15.007  1.00 20.20 ? 127 HOH B O   1 
HETATM 1630 O O   . HOH E 3 .  ? 14.956  -9.135  -1.437  1.00 27.76 ? 128 HOH B O   1 
HETATM 1631 O O   . HOH E 3 .  ? -9.413  8.431   9.447   1.00 24.30 ? 129 HOH B O   1 
HETATM 1632 O O   . HOH E 3 .  ? 7.592   21.308  3.520   1.00 32.06 ? 130 HOH B O   1 
HETATM 1633 O O   . HOH E 3 .  ? -1.037  -20.478 11.650  1.00 22.70 ? 131 HOH B O   1 
HETATM 1634 O O   . HOH E 3 .  ? -17.796 1.772   3.417   1.00 17.71 ? 132 HOH B O   1 
HETATM 1635 O O   . HOH E 3 .  ? -4.324  6.094   7.094   1.00 13.19 ? 133 HOH B O   1 
HETATM 1636 O O   . HOH E 3 .  ? -2.228  -18.631 13.674  1.00 20.52 ? 134 HOH B O   1 
HETATM 1637 O O   . HOH E 3 .  ? 17.686  24.826  10.287  1.00 20.87 ? 135 HOH B O   1 
HETATM 1638 O O   . HOH E 3 .  ? -15.195 -5.091  13.854  1.00 35.42 ? 136 HOH B O   1 
HETATM 1639 O O   . HOH E 3 .  ? 12.310  1.592   6.458   1.00 21.96 ? 137 HOH B O   1 
HETATM 1640 O O   . HOH E 3 .  ? -7.627  3.670   1.228   1.00 21.91 ? 138 HOH B O   1 
HETATM 1641 O O   . HOH E 3 .  ? 16.038  6.562   0.905   1.00 18.88 ? 139 HOH B O   1 
HETATM 1642 O O   . HOH E 3 .  ? -11.822 8.856   7.489   1.00 37.19 ? 140 HOH B O   1 
HETATM 1643 O O   . HOH E 3 .  ? -14.207 2.991   3.734   1.00 14.59 ? 141 HOH B O   1 
HETATM 1644 O O   . HOH E 3 .  ? -4.669  -7.746  13.368  1.00 20.05 ? 142 HOH B O   1 
HETATM 1645 O O   . HOH E 3 .  ? 13.914  13.113  -0.199  1.00 14.71 ? 143 HOH B O   1 
HETATM 1646 O O   . HOH E 3 .  ? 12.771  18.223  7.362   1.00 35.79 ? 144 HOH B O   1 
HETATM 1647 O O   . HOH E 3 .  ? -15.510 -10.486 8.434   1.00 32.35 ? 145 HOH B O   1 
HETATM 1648 O O   . HOH E 3 .  ? 12.825  -10.027 10.036  1.00 28.03 ? 146 HOH B O   1 
HETATM 1649 O O   . HOH E 3 .  ? -4.993  6.413   0.633   1.00 23.96 ? 147 HOH B O   1 
HETATM 1650 O O   . HOH E 3 .  ? -2.084  2.075   0.430   1.00 17.79 ? 148 HOH B O   1 
HETATM 1651 O O   . HOH E 3 .  ? -8.798  6.122   0.640   1.00 33.31 ? 149 HOH B O   1 
HETATM 1652 O O   . HOH E 3 .  ? -9.521  2.697   -6.544  1.00 38.60 ? 150 HOH B O   1 
HETATM 1653 O O   . HOH E 3 .  ? 0.450   5.342   13.948  1.00 24.65 ? 151 HOH B O   1 
HETATM 1654 O O   . HOH E 3 .  ? 1.308   -7.121  20.186  1.00 28.48 ? 152 HOH B O   1 
HETATM 1655 O O   . HOH E 3 .  ? -4.864  3.956   -0.837  1.00 27.48 ? 153 HOH B O   1 
HETATM 1656 O O   . HOH E 3 .  ? 6.503   -2.714  15.101  1.00 23.29 ? 154 HOH B O   1 
HETATM 1657 O O   . HOH E 3 .  ? 16.194  -9.235  8.669   1.00 24.16 ? 155 HOH B O   1 
HETATM 1658 O O   . HOH E 3 .  ? 12.047  21.307  0.011   1.00 35.49 ? 156 HOH B O   1 
HETATM 1659 O O   . HOH E 3 .  ? -11.937 -9.924  16.644  1.00 30.22 ? 157 HOH B O   1 
HETATM 1660 O O   . HOH E 3 .  ? -3.682  -11.650 16.315  1.00 27.37 ? 158 HOH B O   1 
HETATM 1661 O O   . HOH E 3 .  ? 16.344  -0.060  -3.085  1.00 26.52 ? 159 HOH B O   1 
HETATM 1662 O O   . HOH E 3 .  ? -12.996 -4.230  -3.416  1.00 29.51 ? 160 HOH B O   1 
HETATM 1663 O O   . HOH E 3 .  ? -16.438 -11.683 10.570  1.00 31.54 ? 161 HOH B O   1 
HETATM 1664 O O   . HOH E 3 .  ? -13.562 -3.182  13.494  1.00 26.40 ? 162 HOH B O   1 
HETATM 1665 O O   . HOH E 3 .  ? 10.915  21.908  2.574   1.00 39.43 ? 163 HOH B O   1 
HETATM 1666 O O   . HOH E 3 .  ? 5.573   -13.827 2.337   1.00 31.40 ? 164 HOH B O   1 
HETATM 1667 O O   . HOH E 3 .  ? -5.719  -12.827 17.116  1.00 40.12 ? 165 HOH B O   1 
HETATM 1668 O O   . HOH E 3 .  ? -21.527 2.317   2.164   1.00 37.33 ? 166 HOH B O   1 
HETATM 1669 O O   . HOH E 3 .  ? -4.322  -8.895  15.830  1.00 23.66 ? 167 HOH B O   1 
HETATM 1670 O O   . HOH E 3 .  ? 11.306  -11.287 11.309  1.00 40.06 ? 168 HOH B O   1 
HETATM 1671 O O   . HOH E 3 .  ? 12.126  -12.863 12.688  1.00 39.95 ? 169 HOH B O   1 
HETATM 1672 O O   . HOH E 3 .  ? -5.657  -20.269 8.351   1.00 27.91 ? 170 HOH B O   1 
HETATM 1673 O O   . HOH E 3 .  ? -0.301  3.451   18.170  1.00 22.05 ? 171 HOH B O   1 
HETATM 1674 O O   . HOH E 3 .  ? 17.936  -8.166  10.383  1.00 41.68 ? 172 HOH B O   1 
HETATM 1675 O O   . HOH E 3 .  ? 21.677  4.595   -1.538  1.00 41.08 ? 173 HOH B O   1 
HETATM 1676 O O   . HOH E 3 .  ? -17.219 4.311   -4.102  1.00 34.80 ? 174 HOH B O   1 
HETATM 1677 O O   . HOH E 3 .  ? -10.397 -0.770  -7.442  1.00 37.92 ? 175 HOH B O   1 
HETATM 1678 O O   . HOH E 3 .  ? -4.625  8.999   7.956   1.00 33.05 ? 176 HOH B O   1 
HETATM 1679 O O   . HOH E 3 .  ? 14.175  -13.609 11.513  1.00 48.50 ? 177 HOH B O   1 
HETATM 1680 O O   . HOH F 3 .  ? -26.851 -18.686 -9.604  1.00 34.17 ? 101 HOH Q O   1 
HETATM 1681 O O   . HOH F 3 .  ? -16.962 -27.095 -13.582 1.00 23.11 ? 102 HOH Q O   1 
HETATM 1682 O O   . HOH F 3 .  ? -19.918 -23.157 -10.570 1.00 37.10 ? 103 HOH Q O   1 
HETATM 1683 O O   . HOH F 3 .  ? -26.685 -18.508 -11.205 1.00 41.12 ? 104 HOH Q O   1 
# 
